data_4E71
# 
_entry.id   4E71 
# 
_audit_conform.dict_name       mmcif_pdbx.dic 
_audit_conform.dict_version    5.379 
_audit_conform.dict_location   http://mmcif.pdb.org/dictionaries/ascii/mmcif_pdbx.dic 
# 
loop_
_database_2.database_id 
_database_2.database_code 
_database_2.pdbx_database_accession 
_database_2.pdbx_DOI 
PDB   4E71         pdb_00004e71 10.2210/pdb4e71/pdb 
RCSB  RCSB071249   ?            ?                   
WWPDB D_1000071249 ?            ?                   
# 
_pdbx_database_status.entry_id                        4E71 
_pdbx_database_status.status_code                     REL 
_pdbx_database_status.deposit_site                    RCSB 
_pdbx_database_status.process_site                    RCSB 
_pdbx_database_status.recvd_initial_deposition_date   2012-03-16 
_pdbx_database_status.status_code_sf                  REL 
_pdbx_database_status.status_code_mr                  ? 
_pdbx_database_status.SG_entry                        Y 
_pdbx_database_status.status_code_cs                  ? 
_pdbx_database_status.methods_development_category    ? 
_pdbx_database_status.pdb_format_compatible           Y 
_pdbx_database_status.status_code_nmr_data            ? 
# 
loop_
_audit_author.name 
_audit_author.pdbx_ordinal 
'Guan, X.'                             1  
'Wang, H.'                             2  
'Tempel, W.'                           3  
'Tong, Y.'                             4  
'Arrowsmith, C.H.'                     5  
'Edwards, A.M.'                        6  
'Bountra, C.'                          7  
'Weigelt, J.'                          8  
'Park, H.'                             9  
'Structural Genomics Consortium (SGC)' 10 
# 
_citation.id                        primary 
_citation.title                     'Crystal structure of the RHO GTPASE binding domain of Plexin B2' 
_citation.journal_abbrev            'to be published' 
_citation.journal_volume            ? 
_citation.page_first                ? 
_citation.page_last                 ? 
_citation.year                      ? 
_citation.journal_id_ASTM           ? 
_citation.country                   ? 
_citation.journal_id_ISSN           ? 
_citation.journal_id_CSD            0353 
_citation.book_publisher            ? 
_citation.pdbx_database_id_PubMed   ? 
_citation.pdbx_database_id_DOI      ? 
# 
loop_
_citation_author.citation_id 
_citation_author.name 
_citation_author.ordinal 
_citation_author.identifier_ORCID 
primary 'Guan, X.'         1 ? 
primary 'Wang, H.'         2 ? 
primary 'Tempel, W.'       3 ? 
primary 'Tong, Y.'         4 ? 
primary 'Arrowsmith, C.H.' 5 ? 
primary 'Edwards, A.M.'    6 ? 
primary 'Bountra, C.'      7 ? 
primary 'Weigelt, J.'      8 ? 
primary 'Park, H.'         9 ? 
# 
_cell.entry_id           4E71 
_cell.length_a           48.380 
_cell.length_b           48.380 
_cell.length_c           157.360 
_cell.angle_alpha        90.000 
_cell.angle_beta         90.000 
_cell.angle_gamma        120.000 
_cell.pdbx_unique_axis   ? 
_cell.Z_PDB              12 
_cell.length_a_esd       ? 
_cell.length_b_esd       ? 
_cell.length_c_esd       ? 
_cell.angle_alpha_esd    ? 
_cell.angle_beta_esd     ? 
_cell.angle_gamma_esd    ? 
# 
_symmetry.entry_id                         4E71 
_symmetry.space_group_name_H-M             'P 65 2 2' 
_symmetry.Int_Tables_number                179 
_symmetry.pdbx_full_space_group_name_H-M   ? 
_symmetry.cell_setting                     ? 
_symmetry.space_group_name_Hall            ? 
# 
loop_
_entity.id 
_entity.type 
_entity.src_method 
_entity.pdbx_description 
_entity.formula_weight 
_entity.pdbx_number_of_molecules 
_entity.pdbx_ec 
_entity.pdbx_mutation 
_entity.pdbx_fragment 
_entity.details 
1 polymer     man Plexin-B2    12350.050 1 ? ? 'UNP residues 1452-1562' ? 
2 non-polymer syn 'SODIUM ION' 22.990    1 ? ? ?                        ? 
3 water       nat water        18.015    9 ? ? ?                        ? 
# 
_entity_name_com.entity_id   1 
_entity_name_com.name        MM1 
# 
_entity_poly.entity_id                      1 
_entity_poly.type                           'polypeptide(L)' 
_entity_poly.nstd_linkage                   no 
_entity_poly.nstd_monomer                   no 
_entity_poly.pdbx_seq_one_letter_code       
;GLLGDDVEYAPLTVSVIVQDEGVDAIPVKVLNCDTISQVKEKIIDQVYRGQPCSCWPRPDSVVLEWRPGSTAQILSDLDL
TSQREGRWKRVNTLMHYNVRDGATLILSKVG
;
_entity_poly.pdbx_seq_one_letter_code_can   
;GLLGDDVEYAPLTVSVIVQDEGVDAIPVKVLNCDTISQVKEKIIDQVYRGQPCSCWPRPDSVVLEWRPGSTAQILSDLDL
TSQREGRWKRVNTLMHYNVRDGATLILSKVG
;
_entity_poly.pdbx_strand_id                 A 
_entity_poly.pdbx_target_identifier         ? 
# 
loop_
_entity_poly_seq.entity_id 
_entity_poly_seq.num 
_entity_poly_seq.mon_id 
_entity_poly_seq.hetero 
1 1   GLY n 
1 2   LEU n 
1 3   LEU n 
1 4   GLY n 
1 5   ASP n 
1 6   ASP n 
1 7   VAL n 
1 8   GLU n 
1 9   TYR n 
1 10  ALA n 
1 11  PRO n 
1 12  LEU n 
1 13  THR n 
1 14  VAL n 
1 15  SER n 
1 16  VAL n 
1 17  ILE n 
1 18  VAL n 
1 19  GLN n 
1 20  ASP n 
1 21  GLU n 
1 22  GLY n 
1 23  VAL n 
1 24  ASP n 
1 25  ALA n 
1 26  ILE n 
1 27  PRO n 
1 28  VAL n 
1 29  LYS n 
1 30  VAL n 
1 31  LEU n 
1 32  ASN n 
1 33  CYS n 
1 34  ASP n 
1 35  THR n 
1 36  ILE n 
1 37  SER n 
1 38  GLN n 
1 39  VAL n 
1 40  LYS n 
1 41  GLU n 
1 42  LYS n 
1 43  ILE n 
1 44  ILE n 
1 45  ASP n 
1 46  GLN n 
1 47  VAL n 
1 48  TYR n 
1 49  ARG n 
1 50  GLY n 
1 51  GLN n 
1 52  PRO n 
1 53  CYS n 
1 54  SER n 
1 55  CYS n 
1 56  TRP n 
1 57  PRO n 
1 58  ARG n 
1 59  PRO n 
1 60  ASP n 
1 61  SER n 
1 62  VAL n 
1 63  VAL n 
1 64  LEU n 
1 65  GLU n 
1 66  TRP n 
1 67  ARG n 
1 68  PRO n 
1 69  GLY n 
1 70  SER n 
1 71  THR n 
1 72  ALA n 
1 73  GLN n 
1 74  ILE n 
1 75  LEU n 
1 76  SER n 
1 77  ASP n 
1 78  LEU n 
1 79  ASP n 
1 80  LEU n 
1 81  THR n 
1 82  SER n 
1 83  GLN n 
1 84  ARG n 
1 85  GLU n 
1 86  GLY n 
1 87  ARG n 
1 88  TRP n 
1 89  LYS n 
1 90  ARG n 
1 91  VAL n 
1 92  ASN n 
1 93  THR n 
1 94  LEU n 
1 95  MET n 
1 96  HIS n 
1 97  TYR n 
1 98  ASN n 
1 99  VAL n 
1 100 ARG n 
1 101 ASP n 
1 102 GLY n 
1 103 ALA n 
1 104 THR n 
1 105 LEU n 
1 106 ILE n 
1 107 LEU n 
1 108 SER n 
1 109 LYS n 
1 110 VAL n 
1 111 GLY n 
# 
_entity_src_gen.entity_id                          1 
_entity_src_gen.pdbx_src_id                        1 
_entity_src_gen.pdbx_alt_source_flag               sample 
_entity_src_gen.pdbx_seq_type                      ? 
_entity_src_gen.pdbx_beg_seq_num                   ? 
_entity_src_gen.pdbx_end_seq_num                   ? 
_entity_src_gen.gene_src_common_name               human 
_entity_src_gen.gene_src_genus                     ? 
_entity_src_gen.pdbx_gene_src_gene                 'PLXNB2, KIAA0315' 
_entity_src_gen.gene_src_species                   ? 
_entity_src_gen.gene_src_strain                    ? 
_entity_src_gen.gene_src_tissue                    ? 
_entity_src_gen.gene_src_tissue_fraction           ? 
_entity_src_gen.gene_src_details                   ? 
_entity_src_gen.pdbx_gene_src_fragment             ? 
_entity_src_gen.pdbx_gene_src_scientific_name      'Homo sapiens' 
_entity_src_gen.pdbx_gene_src_ncbi_taxonomy_id     9606 
_entity_src_gen.pdbx_gene_src_variant              ? 
_entity_src_gen.pdbx_gene_src_cell_line            ? 
_entity_src_gen.pdbx_gene_src_atcc                 ? 
_entity_src_gen.pdbx_gene_src_organ                ? 
_entity_src_gen.pdbx_gene_src_organelle            ? 
_entity_src_gen.pdbx_gene_src_cell                 ? 
_entity_src_gen.pdbx_gene_src_cellular_location    ? 
_entity_src_gen.host_org_common_name               ? 
_entity_src_gen.pdbx_host_org_scientific_name      'Escherichia coli' 
_entity_src_gen.pdbx_host_org_ncbi_taxonomy_id     511693 
_entity_src_gen.host_org_genus                     ? 
_entity_src_gen.pdbx_host_org_gene                 ? 
_entity_src_gen.pdbx_host_org_organ                ? 
_entity_src_gen.host_org_species                   ? 
_entity_src_gen.pdbx_host_org_tissue               ? 
_entity_src_gen.pdbx_host_org_tissue_fraction      ? 
_entity_src_gen.pdbx_host_org_strain               BL21-V2R-pRARE2 
_entity_src_gen.pdbx_host_org_variant              ? 
_entity_src_gen.pdbx_host_org_cell_line            ? 
_entity_src_gen.pdbx_host_org_atcc                 ? 
_entity_src_gen.pdbx_host_org_culture_collection   ? 
_entity_src_gen.pdbx_host_org_cell                 ? 
_entity_src_gen.pdbx_host_org_organelle            ? 
_entity_src_gen.pdbx_host_org_cellular_location    ? 
_entity_src_gen.pdbx_host_org_vector_type          ? 
_entity_src_gen.pdbx_host_org_vector               ? 
_entity_src_gen.host_org_details                   ? 
_entity_src_gen.expression_system_id               ? 
_entity_src_gen.plasmid_name                       pET28-MHL 
_entity_src_gen.plasmid_details                    ? 
_entity_src_gen.pdbx_description                   ? 
# 
_struct_ref.id                         1 
_struct_ref.db_name                    UNP 
_struct_ref.db_code                    PLXB2_HUMAN 
_struct_ref.pdbx_db_accession          O15031 
_struct_ref.entity_id                  1 
_struct_ref.pdbx_seq_one_letter_code   
;GLLGDDVEYAPLTVSVIVQDEGVDAIPVKVLNCDTISQVKEKIIDQVYRGQPCSCWPRPDSVVLEWRPGSTAQILSDLDL
TSQREGRWKRVNTLMHYNVRDGATLILSKVG
;
_struct_ref.pdbx_align_begin           1452 
_struct_ref.pdbx_db_isoform            ? 
# 
_struct_ref_seq.align_id                      1 
_struct_ref_seq.ref_id                        1 
_struct_ref_seq.pdbx_PDB_id_code              4E71 
_struct_ref_seq.pdbx_strand_id                A 
_struct_ref_seq.seq_align_beg                 1 
_struct_ref_seq.pdbx_seq_align_beg_ins_code   ? 
_struct_ref_seq.seq_align_end                 111 
_struct_ref_seq.pdbx_seq_align_end_ins_code   ? 
_struct_ref_seq.pdbx_db_accession             O15031 
_struct_ref_seq.db_align_beg                  1452 
_struct_ref_seq.pdbx_db_align_beg_ins_code    ? 
_struct_ref_seq.db_align_end                  1562 
_struct_ref_seq.pdbx_db_align_end_ins_code    ? 
_struct_ref_seq.pdbx_auth_seq_align_beg       1452 
_struct_ref_seq.pdbx_auth_seq_align_end       1562 
# 
loop_
_chem_comp.id 
_chem_comp.type 
_chem_comp.mon_nstd_flag 
_chem_comp.name 
_chem_comp.pdbx_synonyms 
_chem_comp.formula 
_chem_comp.formula_weight 
ALA 'L-peptide linking' y ALANINE         ? 'C3 H7 N O2'     89.093  
ARG 'L-peptide linking' y ARGININE        ? 'C6 H15 N4 O2 1' 175.209 
ASN 'L-peptide linking' y ASPARAGINE      ? 'C4 H8 N2 O3'    132.118 
ASP 'L-peptide linking' y 'ASPARTIC ACID' ? 'C4 H7 N O4'     133.103 
CYS 'L-peptide linking' y CYSTEINE        ? 'C3 H7 N O2 S'   121.158 
GLN 'L-peptide linking' y GLUTAMINE       ? 'C5 H10 N2 O3'   146.144 
GLU 'L-peptide linking' y 'GLUTAMIC ACID' ? 'C5 H9 N O4'     147.129 
GLY 'peptide linking'   y GLYCINE         ? 'C2 H5 N O2'     75.067  
HIS 'L-peptide linking' y HISTIDINE       ? 'C6 H10 N3 O2 1' 156.162 
HOH non-polymer         . WATER           ? 'H2 O'           18.015  
ILE 'L-peptide linking' y ISOLEUCINE      ? 'C6 H13 N O2'    131.173 
LEU 'L-peptide linking' y LEUCINE         ? 'C6 H13 N O2'    131.173 
LYS 'L-peptide linking' y LYSINE          ? 'C6 H15 N2 O2 1' 147.195 
MET 'L-peptide linking' y METHIONINE      ? 'C5 H11 N O2 S'  149.211 
NA  non-polymer         . 'SODIUM ION'    ? 'Na 1'           22.990  
PRO 'L-peptide linking' y PROLINE         ? 'C5 H9 N O2'     115.130 
SER 'L-peptide linking' y SERINE          ? 'C3 H7 N O3'     105.093 
THR 'L-peptide linking' y THREONINE       ? 'C4 H9 N O3'     119.119 
TRP 'L-peptide linking' y TRYPTOPHAN      ? 'C11 H12 N2 O2'  204.225 
TYR 'L-peptide linking' y TYROSINE        ? 'C9 H11 N O3'    181.189 
VAL 'L-peptide linking' y VALINE          ? 'C5 H11 N O2'    117.146 
# 
_exptl.crystals_number   1 
_exptl.entry_id          4E71 
_exptl.method            'X-RAY DIFFRACTION' 
# 
_exptl_crystal.id                    1 
_exptl_crystal.density_percent_sol   42.85 
_exptl_crystal.density_Matthews      2.15 
_exptl_crystal.density_meas          ? 
_exptl_crystal.description           ? 
_exptl_crystal.F_000                 ? 
_exptl_crystal.preparation           ? 
# 
_exptl_crystal_grow.crystal_id      1 
_exptl_crystal_grow.method          'VAPOR DIFFUSION, SITTING DROP' 
_exptl_crystal_grow.pH              9.6 
_exptl_crystal_grow.temp            291 
_exptl_crystal_grow.pdbx_details    '2.5M sodium formate, 0.1M glycine, pH 9.6, vapor diffusion, sitting drop, temperature 291K' 
_exptl_crystal_grow.temp_details    ? 
_exptl_crystal_grow.pdbx_pH_range   ? 
# 
_diffrn.id                     1 
_diffrn.ambient_temp           100 
_diffrn.ambient_temp_details   ? 
_diffrn.crystal_id             1 
# 
_diffrn_detector.diffrn_id              1 
_diffrn_detector.detector               CCD 
_diffrn_detector.type                   'MARMOSAIC 300 mm CCD' 
_diffrn_detector.pdbx_collection_date   2011-12-15 
_diffrn_detector.details                ? 
# 
_diffrn_radiation.diffrn_id                        1 
_diffrn_radiation.pdbx_diffrn_protocol             'SINGLE WAVELENGTH' 
_diffrn_radiation.monochromator                    ? 
_diffrn_radiation.wavelength_id                    1 
_diffrn_radiation.pdbx_monochromatic_or_laue_m_l   M 
_diffrn_radiation.pdbx_scattering_type             x-ray 
# 
_diffrn_radiation_wavelength.id           1 
_diffrn_radiation_wavelength.wavelength   0.97934 
_diffrn_radiation_wavelength.wt           1.0 
# 
_diffrn_source.diffrn_id                   1 
_diffrn_source.source                      SYNCHROTRON 
_diffrn_source.type                        'APS BEAMLINE 23-ID-B' 
_diffrn_source.pdbx_wavelength_list        0.97934 
_diffrn_source.pdbx_wavelength             ? 
_diffrn_source.pdbx_synchrotron_site       APS 
_diffrn_source.pdbx_synchrotron_beamline   23-ID-B 
# 
_reflns.entry_id                     4E71 
_reflns.d_resolution_high            2.260 
_reflns.d_resolution_low             50.000 
_reflns.number_obs                   5712 
_reflns.pdbx_Rmerge_I_obs            0.098 
_reflns.pdbx_netI_over_sigmaI        8.800 
_reflns.pdbx_chi_squared             1.915 
_reflns.pdbx_redundancy              19.600 
_reflns.percent_possible_obs         99.700 
_reflns.observed_criterion_sigma_F   ? 
_reflns.observed_criterion_sigma_I   ? 
_reflns.number_all                   ? 
_reflns.B_iso_Wilson_estimate        ? 
_reflns.R_free_details               ? 
_reflns.limit_h_max                  ? 
_reflns.limit_h_min                  ? 
_reflns.limit_k_max                  ? 
_reflns.limit_k_min                  ? 
_reflns.limit_l_max                  ? 
_reflns.limit_l_min                  ? 
_reflns.observed_criterion_F_max     ? 
_reflns.observed_criterion_F_min     ? 
_reflns.pdbx_scaling_rejects         ? 
_reflns.pdbx_Rsym_value              ? 
_reflns.pdbx_ordinal                 1 
_reflns.pdbx_diffrn_id               1 
# 
loop_
_reflns_shell.d_res_high 
_reflns_shell.d_res_low 
_reflns_shell.number_measured_obs 
_reflns_shell.number_measured_all 
_reflns_shell.number_unique_obs 
_reflns_shell.Rmerge_I_obs 
_reflns_shell.meanI_over_sigI_obs 
_reflns_shell.pdbx_Rsym_value 
_reflns_shell.pdbx_chi_squared 
_reflns_shell.pdbx_redundancy 
_reflns_shell.percent_possible_obs 
_reflns_shell.number_unique_all 
_reflns_shell.percent_possible_all 
_reflns_shell.pdbx_ordinal 
_reflns_shell.pdbx_diffrn_id 
2.260 2.300  ? ? ? 0.999 ? ? 0.960 21.000 ? 274 100.000 1  1 
2.300 2.340  ? ? ? 0.808 ? ? 1.011 20.600 ? 265 100.000 2  1 
2.340 2.390  ? ? ? 0.811 ? ? 1.013 21.000 ? 277 100.000 3  1 
2.390 2.430  ? ? ? 0.784 ? ? 0.988 20.400 ? 277 100.000 4  1 
2.430 2.490  ? ? ? 0.655 ? ? 1.041 20.900 ? 267 100.000 5  1 
2.490 2.550  ? ? ? 0.549 ? ? 1.082 20.900 ? 283 100.000 6  1 
2.550 2.610  ? ? ? 0.396 ? ? 1.114 20.600 ? 272 100.000 7  1 
2.610 2.680  ? ? ? 0.332 ? ? 1.153 20.400 ? 282 100.000 8  1 
2.680 2.760  ? ? ? 0.275 ? ? 1.176 20.500 ? 259 100.000 9  1 
2.760 2.850  ? ? ? 0.243 ? ? 1.224 20.600 ? 292 100.000 10 1 
2.850 2.950  ? ? ? 0.171 ? ? 1.384 20.600 ? 267 99.300  11 1 
2.950 3.070  ? ? ? 0.148 ? ? 1.554 20.000 ? 289 99.700  12 1 
3.070 3.210  ? ? ? 0.130 ? ? 1.757 20.400 ? 281 100.000 13 1 
3.210 3.380  ? ? ? 0.108 ? ? 2.288 20.000 ? 285 100.000 14 1 
3.380 3.590  ? ? ? 0.097 ? ? 2.788 19.400 ? 285 100.000 15 1 
3.590 3.860  ? ? ? 0.089 ? ? 2.969 19.300 ? 290 100.000 16 1 
3.860 4.250  ? ? ? 0.072 ? ? 3.538 18.600 ? 297 100.000 17 1 
4.250 4.870  ? ? ? 0.065 ? ? 3.813 17.700 ? 307 100.000 18 1 
4.870 6.130  ? ? ? 0.070 ? ? 3.833 17.000 ? 314 100.000 19 1 
6.130 50.000 ? ? ? 0.064 ? ? 4.294 14.200 ? 349 96.100  20 1 
# 
_refine.entry_id                                 4E71 
_refine.ls_d_res_high                            2.2600 
_refine.ls_d_res_low                             32.7400 
_refine.pdbx_ls_sigma_F                          0.000 
_refine.pdbx_data_cutoff_high_absF               ? 
_refine.pdbx_data_cutoff_low_absF                ? 
_refine.ls_percent_reflns_obs                    99.8800 
_refine.ls_number_reflns_obs                     5645 
_refine.ls_number_reflns_all                     ? 
_refine.pdbx_ls_cross_valid_method               THROUGHOUT 
_refine.pdbx_R_Free_selection_details            RANDOM 
_refine.details                                  
;ANISOTROPY IN RESOLUTION LIMITS OF DIFFRACTION WAS OBSERVED. APPEARANCE OF ELECTRON DENSITY MAPS IS POOR GIVEN THE HIGH RESOLUTION LIMIT OF DIFFRACTION DATA. AVERAGE ATOMIC B-FACTOR SIGNIFICANTLY EXCEEDS VALUE DERIVED FROM WILSON PLOT. DENSITY FOR SOME PROTEIN LOOPS IS NOT INTERPRETABLE IN TERMS OF GOOD PEPTIDE GEOMETRY. UNMERGED REFLECTION INTENSITIES ARE INCLUDED IN ADDITION TO STRUCTURE FACTORS FROM LAST REFINEMENT.
;
_refine.ls_R_factor_obs                          0.2459 
_refine.ls_R_factor_R_work                       0.2441 
_refine.ls_wR_factor_R_work                      ? 
_refine.ls_R_factor_R_free                       0.2853 
_refine.ls_wR_factor_R_free                      ? 
_refine.ls_percent_reflns_R_free                 4.5000 
_refine.ls_number_reflns_R_free                  254 
_refine.ls_R_factor_R_free_error                 ? 
_refine.B_iso_mean                               72.5111 
_refine.solvent_model_param_bsol                 ? 
_refine.solvent_model_param_ksol                 ? 
_refine.pdbx_isotropic_thermal_model             ? 
_refine.aniso_B[1][1]                            -5.0156 
_refine.aniso_B[2][2]                            -5.0156 
_refine.aniso_B[3][3]                            10.0312 
_refine.aniso_B[1][2]                            0.0000 
_refine.aniso_B[1][3]                            0.0000 
_refine.aniso_B[2][3]                            0.0000 
_refine.correlation_coeff_Fo_to_Fc               0.9285 
_refine.correlation_coeff_Fo_to_Fc_free          0.9208 
_refine.overall_SU_R_Cruickshank_DPI             0.2580 
_refine.overall_SU_R_free                        ? 
_refine.pdbx_overall_ESU_R                       ? 
_refine.pdbx_overall_ESU_R_Free                  ? 
_refine.overall_SU_ML                            ? 
_refine.overall_SU_B                             ? 
_refine.solvent_model_details                    ? 
_refine.pdbx_solvent_vdw_probe_radii             ? 
_refine.pdbx_solvent_ion_probe_radii             ? 
_refine.pdbx_solvent_shrinkage_radii             ? 
_refine.ls_number_parameters                     ? 
_refine.ls_number_restraints                     ? 
_refine.pdbx_starting_model                      'PDB entry 2R2O' 
_refine.pdbx_method_to_determine_struct          'MOLECULAR REPLACEMENT' 
_refine.pdbx_stereochemistry_target_values       ? 
_refine.pdbx_stereochem_target_val_spec_case     ? 
_refine.overall_FOM_work_R_set                   ? 
_refine.B_iso_max                                152.400 
_refine.B_iso_min                                38.400 
_refine.pdbx_overall_phase_error                 ? 
_refine.occupancy_max                            1.000 
_refine.occupancy_min                            0.500 
_refine.pdbx_ls_sigma_I                          ? 
_refine.ls_redundancy_reflns_obs                 ? 
_refine.ls_R_factor_R_free_error_details         ? 
_refine.pdbx_data_cutoff_high_rms_absF           ? 
_refine.overall_FOM_free_R_set                   ? 
_refine.ls_R_factor_all                          ? 
_refine.pdbx_diffrn_id                           1 
_refine.pdbx_refine_id                           'X-RAY DIFFRACTION' 
_refine.pdbx_TLS_residual_ADP_flag               ? 
_refine.pdbx_overall_SU_R_free_Cruickshank_DPI   ? 
_refine.pdbx_overall_SU_R_Blow_DPI               ? 
_refine.pdbx_overall_SU_R_free_Blow_DPI          ? 
# 
_refine_analyze.entry_id                        4E71 
_refine_analyze.Luzzati_coordinate_error_obs    0.497 
_refine_analyze.Luzzati_sigma_a_obs             ? 
_refine_analyze.Luzzati_d_res_low_obs           ? 
_refine_analyze.Luzzati_coordinate_error_free   ? 
_refine_analyze.Luzzati_sigma_a_free            ? 
_refine_analyze.Luzzati_d_res_low_free          ? 
_refine_analyze.number_disordered_residues      ? 
_refine_analyze.occupancy_sum_non_hydrogen      ? 
_refine_analyze.occupancy_sum_hydrogen          ? 
_refine_analyze.pdbx_Luzzati_d_res_high_obs     ? 
_refine_analyze.pdbx_refine_id                  'X-RAY DIFFRACTION' 
# 
_refine_hist.pdbx_refine_id                   'X-RAY DIFFRACTION' 
_refine_hist.cycle_id                         LAST 
_refine_hist.pdbx_number_atoms_protein        650 
_refine_hist.pdbx_number_atoms_nucleic_acid   0 
_refine_hist.pdbx_number_atoms_ligand         1 
_refine_hist.number_atoms_solvent             9 
_refine_hist.number_atoms_total               660 
_refine_hist.d_res_high                       2.2600 
_refine_hist.d_res_low                        32.7400 
# 
loop_
_refine_ls_restr.type 
_refine_ls_restr.number 
_refine_ls_restr.dev_ideal 
_refine_ls_restr.dev_ideal_target 
_refine_ls_restr.weight 
_refine_ls_restr.pdbx_restraint_function 
_refine_ls_restr.pdbx_refine_id 
t_dihedral_angle_d        210 ?      ? 2.000  SINUSOIDAL   'X-RAY DIFFRACTION' 
t_trig_c_planes           16  ?      ? 2.000  HARMONIC     'X-RAY DIFFRACTION' 
t_gen_planes              92  ?      ? 5.000  HARMONIC     'X-RAY DIFFRACTION' 
t_it                      655 ?      ? 20.000 HARMONIC     'X-RAY DIFFRACTION' 
t_nbd                     0   ?      ? 5.000  SEMIHARMONIC 'X-RAY DIFFRACTION' 
t_improper_torsion        ?   ?      ? ?      ?            'X-RAY DIFFRACTION' 
t_pseud_angle             ?   ?      ? ?      ?            'X-RAY DIFFRACTION' 
t_chiral_improper_torsion 99  ?      ? 5.000  SEMIHARMONIC 'X-RAY DIFFRACTION' 
t_sum_occupancies         ?   ?      ? ?      ?            'X-RAY DIFFRACTION' 
t_utility_distance        ?   ?      ? ?      ?            'X-RAY DIFFRACTION' 
t_utility_angle           ?   ?      ? ?      ?            'X-RAY DIFFRACTION' 
t_utility_torsion         ?   ?      ? ?      ?            'X-RAY DIFFRACTION' 
t_ideal_dist_contact      721 ?      ? 4.000  SEMIHARMONIC 'X-RAY DIFFRACTION' 
t_bond_d                  655 0.010  ? 2.000  HARMONIC     'X-RAY DIFFRACTION' 
t_angle_deg               896 1.120  ? 2.000  HARMONIC     'X-RAY DIFFRACTION' 
t_omega_torsion           ?   2.720  ? ?      ?            'X-RAY DIFFRACTION' 
t_other_torsion           ?   15.030 ? ?      ?            'X-RAY DIFFRACTION' 
# 
_refine_ls_shell.d_res_high                       2.2600 
_refine_ls_shell.d_res_low                        2.5300 
_refine_ls_shell.pdbx_total_number_of_bins_used   5 
_refine_ls_shell.percent_reflns_obs               99.8800 
_refine_ls_shell.number_reflns_R_work             1464 
_refine_ls_shell.R_factor_all                     0.2098 
_refine_ls_shell.R_factor_R_work                  0.2081 
_refine_ls_shell.R_factor_R_free                  0.2416 
_refine_ls_shell.percent_reflns_R_free            5.0600 
_refine_ls_shell.number_reflns_R_free             78 
_refine_ls_shell.R_factor_R_free_error            ? 
_refine_ls_shell.number_reflns_all                1542 
_refine_ls_shell.number_reflns_obs                ? 
_refine_ls_shell.redundancy_reflns_obs            ? 
_refine_ls_shell.pdbx_refine_id                   'X-RAY DIFFRACTION' 
# 
_struct.entry_id                  4E71 
_struct.title                     'Crystal structure of the RHO GTPASE binding domain of Plexin B2' 
_struct.pdbx_model_details        ? 
_struct.pdbx_CASP_flag            ? 
_struct.pdbx_model_type_details   ? 
# 
_struct_keywords.entry_id        4E71 
_struct_keywords.text            'plexin, transmembrane, signaling, rbd, Structural Genomics Consortium, SGC, SIGNALING PROTEIN' 
_struct_keywords.pdbx_keywords   'SIGNALING PROTEIN' 
# 
loop_
_struct_asym.id 
_struct_asym.pdbx_blank_PDB_chainid_flag 
_struct_asym.pdbx_modified 
_struct_asym.entity_id 
_struct_asym.details 
A N N 1 ? 
B N N 2 ? 
C N N 3 ? 
# 
_struct_biol.id        1 
_struct_biol.details   'BIOLOGICAL ASSEMBLY IS UNKNOWN AS PER AUTHORS' 
# 
loop_
_struct_conf.conf_type_id 
_struct_conf.id 
_struct_conf.pdbx_PDB_helix_id 
_struct_conf.beg_label_comp_id 
_struct_conf.beg_label_asym_id 
_struct_conf.beg_label_seq_id 
_struct_conf.pdbx_beg_PDB_ins_code 
_struct_conf.end_label_comp_id 
_struct_conf.end_label_asym_id 
_struct_conf.end_label_seq_id 
_struct_conf.pdbx_end_PDB_ins_code 
_struct_conf.beg_auth_comp_id 
_struct_conf.beg_auth_asym_id 
_struct_conf.beg_auth_seq_id 
_struct_conf.end_auth_comp_id 
_struct_conf.end_auth_asym_id 
_struct_conf.end_auth_seq_id 
_struct_conf.pdbx_PDB_helix_class 
_struct_conf.details 
_struct_conf.pdbx_PDB_helix_length 
HELX_P HELX_P1 1 THR A 35 ? TYR A 48 ? THR A 1486 TYR A 1499 1 ? 14 
HELX_P HELX_P2 2 THR A 93 ? ASN A 98 ? THR A 1544 ASN A 1549 1 ? 6  
# 
_struct_conf_type.id          HELX_P 
_struct_conf_type.criteria    ? 
_struct_conf_type.reference   ? 
# 
loop_
_struct_conn.id 
_struct_conn.conn_type_id 
_struct_conn.pdbx_leaving_atom_flag 
_struct_conn.pdbx_PDB_id 
_struct_conn.ptnr1_label_asym_id 
_struct_conn.ptnr1_label_comp_id 
_struct_conn.ptnr1_label_seq_id 
_struct_conn.ptnr1_label_atom_id 
_struct_conn.pdbx_ptnr1_label_alt_id 
_struct_conn.pdbx_ptnr1_PDB_ins_code 
_struct_conn.pdbx_ptnr1_standard_comp_id 
_struct_conn.ptnr1_symmetry 
_struct_conn.ptnr2_label_asym_id 
_struct_conn.ptnr2_label_comp_id 
_struct_conn.ptnr2_label_seq_id 
_struct_conn.ptnr2_label_atom_id 
_struct_conn.pdbx_ptnr2_label_alt_id 
_struct_conn.pdbx_ptnr2_PDB_ins_code 
_struct_conn.ptnr1_auth_asym_id 
_struct_conn.ptnr1_auth_comp_id 
_struct_conn.ptnr1_auth_seq_id 
_struct_conn.ptnr2_auth_asym_id 
_struct_conn.ptnr2_auth_comp_id 
_struct_conn.ptnr2_auth_seq_id 
_struct_conn.ptnr2_symmetry 
_struct_conn.pdbx_ptnr3_label_atom_id 
_struct_conn.pdbx_ptnr3_label_seq_id 
_struct_conn.pdbx_ptnr3_label_comp_id 
_struct_conn.pdbx_ptnr3_label_asym_id 
_struct_conn.pdbx_ptnr3_label_alt_id 
_struct_conn.pdbx_ptnr3_PDB_ins_code 
_struct_conn.details 
_struct_conn.pdbx_dist_value 
_struct_conn.pdbx_value_order 
_struct_conn.pdbx_role 
metalc1 metalc ? ? A CYS 33 O   ? ? ? 1_555 B NA  . NA ? ? A CYS 1484 A NA  1601 1_555 ? ? ? ? ? ? ? 2.549 ? ? 
metalc2 metalc ? ? A GLN 38 OE1 ? ? ? 1_555 B NA  . NA ? ? A GLN 1489 A NA  1601 1_555 ? ? ? ? ? ? ? 2.545 ? ? 
metalc3 metalc ? ? B NA  .  NA  ? ? ? 1_555 C HOH . O  ? ? A NA  1601 A HOH 1701 1_555 ? ? ? ? ? ? ? 2.409 ? ? 
# 
_struct_conn_type.id          metalc 
_struct_conn_type.criteria    ? 
_struct_conn_type.reference   ? 
# 
_struct_sheet.id               A 
_struct_sheet.type             ? 
_struct_sheet.number_strands   5 
_struct_sheet.details          ? 
# 
loop_
_struct_sheet_order.sheet_id 
_struct_sheet_order.range_id_1 
_struct_sheet_order.range_id_2 
_struct_sheet_order.offset 
_struct_sheet_order.sense 
A 1 2 ? anti-parallel 
A 2 3 ? parallel      
A 3 4 ? anti-parallel 
A 4 5 ? anti-parallel 
# 
loop_
_struct_sheet_range.sheet_id 
_struct_sheet_range.id 
_struct_sheet_range.beg_label_comp_id 
_struct_sheet_range.beg_label_asym_id 
_struct_sheet_range.beg_label_seq_id 
_struct_sheet_range.pdbx_beg_PDB_ins_code 
_struct_sheet_range.end_label_comp_id 
_struct_sheet_range.end_label_asym_id 
_struct_sheet_range.end_label_seq_id 
_struct_sheet_range.pdbx_end_PDB_ins_code 
_struct_sheet_range.beg_auth_comp_id 
_struct_sheet_range.beg_auth_asym_id 
_struct_sheet_range.beg_auth_seq_id 
_struct_sheet_range.end_auth_comp_id 
_struct_sheet_range.end_auth_asym_id 
_struct_sheet_range.end_auth_seq_id 
A 1 ILE A 26  ? LEU A 31  ? ILE A 1477 LEU A 1482 
A 2 PRO A 11  ? VAL A 18  ? PRO A 1462 VAL A 1469 
A 3 THR A 104 ? LYS A 109 ? THR A 1555 LYS A 1560 
A 4 VAL A 62  ? TRP A 66  ? VAL A 1513 TRP A 1517 
A 5 GLN A 73  ? ILE A 74  ? GLN A 1524 ILE A 1525 
# 
loop_
_pdbx_struct_sheet_hbond.sheet_id 
_pdbx_struct_sheet_hbond.range_id_1 
_pdbx_struct_sheet_hbond.range_id_2 
_pdbx_struct_sheet_hbond.range_1_label_atom_id 
_pdbx_struct_sheet_hbond.range_1_label_comp_id 
_pdbx_struct_sheet_hbond.range_1_label_asym_id 
_pdbx_struct_sheet_hbond.range_1_label_seq_id 
_pdbx_struct_sheet_hbond.range_1_PDB_ins_code 
_pdbx_struct_sheet_hbond.range_1_auth_atom_id 
_pdbx_struct_sheet_hbond.range_1_auth_comp_id 
_pdbx_struct_sheet_hbond.range_1_auth_asym_id 
_pdbx_struct_sheet_hbond.range_1_auth_seq_id 
_pdbx_struct_sheet_hbond.range_2_label_atom_id 
_pdbx_struct_sheet_hbond.range_2_label_comp_id 
_pdbx_struct_sheet_hbond.range_2_label_asym_id 
_pdbx_struct_sheet_hbond.range_2_label_seq_id 
_pdbx_struct_sheet_hbond.range_2_PDB_ins_code 
_pdbx_struct_sheet_hbond.range_2_auth_atom_id 
_pdbx_struct_sheet_hbond.range_2_auth_comp_id 
_pdbx_struct_sheet_hbond.range_2_auth_asym_id 
_pdbx_struct_sheet_hbond.range_2_auth_seq_id 
A 1 2 O ILE A 26  ? O ILE A 1477 N VAL A 16  ? N VAL A 1467 
A 2 3 N ILE A 17  ? N ILE A 1468 O LEU A 107 ? O LEU A 1558 
A 3 4 O SER A 108 ? O SER A 1559 N VAL A 63  ? N VAL A 1514 
A 4 5 N TRP A 66  ? N TRP A 1517 O GLN A 73  ? O GLN A 1524 
# 
_struct_site.id                   AC1 
_struct_site.pdbx_evidence_code   Software 
_struct_site.pdbx_auth_asym_id    A 
_struct_site.pdbx_auth_comp_id    NA 
_struct_site.pdbx_auth_seq_id     1601 
_struct_site.pdbx_auth_ins_code   ? 
_struct_site.pdbx_num_residues    6 
_struct_site.details              'BINDING SITE FOR RESIDUE NA A 1601' 
# 
loop_
_struct_site_gen.id 
_struct_site_gen.site_id 
_struct_site_gen.pdbx_num_res 
_struct_site_gen.label_comp_id 
_struct_site_gen.label_asym_id 
_struct_site_gen.label_seq_id 
_struct_site_gen.pdbx_auth_ins_code 
_struct_site_gen.auth_comp_id 
_struct_site_gen.auth_asym_id 
_struct_site_gen.auth_seq_id 
_struct_site_gen.label_atom_id 
_struct_site_gen.label_alt_id 
_struct_site_gen.symmetry 
_struct_site_gen.details 
1 AC1 6 CYS A 33 ? CYS A 1484 . ? 1_555  ? 
2 AC1 6 CYS A 33 ? CYS A 1484 . ? 10_555 ? 
3 AC1 6 GLN A 38 ? GLN A 1489 . ? 1_555  ? 
4 AC1 6 GLN A 38 ? GLN A 1489 . ? 10_555 ? 
5 AC1 6 HOH C .  ? HOH A 1701 . ? 1_555  ? 
6 AC1 6 HOH C .  ? HOH A 1701 . ? 10_555 ? 
# 
_atom_sites.entry_id                    4E71 
_atom_sites.fract_transf_matrix[1][1]   0.00038819 
_atom_sites.fract_transf_matrix[1][2]   0.00590007 
_atom_sites.fract_transf_matrix[1][3]   -0.02312375 
_atom_sites.fract_transf_matrix[2][1]   -0.02034853 
_atom_sites.fract_transf_matrix[2][2]   0.00522323 
_atom_sites.fract_transf_matrix[2][3]   -0.01132647 
_atom_sites.fract_transf_matrix[3][1]   0.00069502 
_atom_sites.fract_transf_matrix[3][2]   0.00611798 
_atom_sites.fract_transf_matrix[3][3]   0.00157268 
_atom_sites.fract_transf_vector[1]      -0.156096 
_atom_sites.fract_transf_vector[2]      0.364222 
_atom_sites.fract_transf_vector[3]      0.011544 
# 
loop_
_atom_type.symbol 
C  
N  
NA 
O  
S  
# 
loop_
_atom_site.group_PDB 
_atom_site.id 
_atom_site.type_symbol 
_atom_site.label_atom_id 
_atom_site.label_alt_id 
_atom_site.label_comp_id 
_atom_site.label_asym_id 
_atom_site.label_entity_id 
_atom_site.label_seq_id 
_atom_site.pdbx_PDB_ins_code 
_atom_site.Cartn_x 
_atom_site.Cartn_y 
_atom_site.Cartn_z 
_atom_site.occupancy 
_atom_site.B_iso_or_equiv 
_atom_site.pdbx_formal_charge 
_atom_site.auth_seq_id 
_atom_site.auth_comp_id 
_atom_site.auth_asym_id 
_atom_site.auth_atom_id 
_atom_site.pdbx_PDB_model_num 
ATOM   1   N  N   . GLU A 1 8   ? 18.090  3.745   6.069   1.00 117.21 ? 1459 GLU A N   1 
ATOM   2   C  CA  . GLU A 1 8   ? 18.104  4.457   4.795   1.00 116.00 ? 1459 GLU A CA  1 
ATOM   3   C  C   . GLU A 1 8   ? 16.735  4.466   4.123   1.00 112.89 ? 1459 GLU A C   1 
ATOM   4   O  O   . GLU A 1 8   ? 16.006  3.469   4.174   1.00 110.63 ? 1459 GLU A O   1 
ATOM   5   C  CB  . GLU A 1 8   ? 19.140  3.843   3.844   1.00 124.09 ? 1459 GLU A CB  1 
ATOM   6   N  N   . TYR A 1 9   ? 16.391  5.605   3.495   1.00 105.67 ? 1460 TYR A N   1 
ATOM   7   C  CA  . TYR A 1 9   ? 15.144  5.793   2.747   1.00 98.79  ? 1460 TYR A CA  1 
ATOM   8   C  C   . TYR A 1 9   ? 15.479  5.591   1.264   1.00 100.27 ? 1460 TYR A C   1 
ATOM   9   O  O   . TYR A 1 9   ? 16.574  5.984   0.833   1.00 104.26 ? 1460 TYR A O   1 
ATOM   10  C  CB  . TYR A 1 9   ? 14.556  7.192   2.995   1.00 96.88  ? 1460 TYR A CB  1 
ATOM   11  N  N   . ALA A 1 10  ? 14.563  4.947   0.500   1.00 89.55  ? 1461 ALA A N   1 
ATOM   12  C  CA  . ALA A 1 10  ? 14.761  4.643   -0.920  1.00 90.02  ? 1461 ALA A CA  1 
ATOM   13  C  C   . ALA A 1 10  ? 13.438  4.463   -1.680  1.00 86.91  ? 1461 ALA A C   1 
ATOM   14  O  O   . ALA A 1 10  ? 12.462  3.985   -1.092  1.00 80.56  ? 1461 ALA A O   1 
ATOM   15  C  CB  . ALA A 1 10  ? 15.605  3.381   -1.067  1.00 95.72  ? 1461 ALA A CB  1 
ATOM   16  N  N   . PRO A 1 11  ? 13.397  4.783   -3.002  1.00 84.63  ? 1462 PRO A N   1 
ATOM   17  C  CA  . PRO A 1 11  ? 12.164  4.537   -3.769  1.00 80.41  ? 1462 PRO A CA  1 
ATOM   18  C  C   . PRO A 1 11  ? 11.966  3.059   -4.107  1.00 83.72  ? 1462 PRO A C   1 
ATOM   19  O  O   . PRO A 1 11  ? 12.901  2.257   -4.047  1.00 87.69  ? 1462 PRO A O   1 
ATOM   20  C  CB  . PRO A 1 11  ? 12.350  5.365   -5.052  1.00 84.17  ? 1462 PRO A CB  1 
ATOM   21  C  CG  . PRO A 1 11  ? 13.710  5.993   -4.961  1.00 93.64  ? 1462 PRO A CG  1 
ATOM   22  C  CD  . PRO A 1 11  ? 14.465  5.318   -3.871  1.00 91.18  ? 1462 PRO A CD  1 
ATOM   23  N  N   . LEU A 1 12  ? 10.732  2.711   -4.446  1.00 76.02  ? 1463 LEU A N   1 
ATOM   24  C  CA  . LEU A 1 12  ? 10.314  1.384   -4.898  1.00 76.00  ? 1463 LEU A CA  1 
ATOM   25  C  C   . LEU A 1 12  ? 9.017   1.537   -5.687  1.00 74.19  ? 1463 LEU A C   1 
ATOM   26  O  O   . LEU A 1 12  ? 8.297   2.527   -5.527  1.00 70.15  ? 1463 LEU A O   1 
ATOM   27  C  CB  . LEU A 1 12  ? 10.153  0.367   -3.728  1.00 76.06  ? 1463 LEU A CB  1 
ATOM   28  C  CG  . LEU A 1 12  ? 8.930   0.516   -2.790  1.00 75.91  ? 1463 LEU A CG  1 
ATOM   29  C  CD1 . LEU A 1 12  ? 8.486   -0.817  -2.245  1.00 76.77  ? 1463 LEU A CD1 1 
ATOM   30  C  CD2 . LEU A 1 12  ? 9.221   1.447   -1.649  1.00 75.97  ? 1463 LEU A CD2 1 
ATOM   31  N  N   . THR A 1 13  ? 8.728   0.568   -6.538  1.00 71.64  ? 1464 THR A N   1 
ATOM   32  C  CA  . THR A 1 13  ? 7.507   0.556   -7.322  1.00 68.86  ? 1464 THR A CA  1 
ATOM   33  C  C   . THR A 1 13  ? 6.674   -0.624  -6.851  1.00 69.99  ? 1464 THR A C   1 
ATOM   34  O  O   . THR A 1 13  ? 7.181   -1.743  -6.685  1.00 72.80  ? 1464 THR A O   1 
ATOM   35  C  CB  . THR A 1 13  ? 7.806   0.473   -8.855  1.00 81.13  ? 1464 THR A CB  1 
ATOM   36  O  OG1 . THR A 1 13  ? 8.700   1.516   -9.225  1.00 83.79  ? 1464 THR A OG1 1 
ATOM   37  C  CG2 . THR A 1 13  ? 6.544   0.604   -9.715  1.00 78.45  ? 1464 THR A CG2 1 
ATOM   38  N  N   . VAL A 1 14  ? 5.396   -0.373  -6.660  1.00 61.43  ? 1465 VAL A N   1 
ATOM   39  C  CA  . VAL A 1 14  ? 4.424   -1.414  -6.337  1.00 59.53  ? 1465 VAL A CA  1 
ATOM   40  C  C   . VAL A 1 14  ? 3.511   -1.584  -7.552  1.00 61.37  ? 1465 VAL A C   1 
ATOM   41  O  O   . VAL A 1 14  ? 3.394   -0.663  -8.359  1.00 60.81  ? 1465 VAL A O   1 
ATOM   42  C  CB  . VAL A 1 14  ? 3.656   -1.172  -5.000  1.00 59.34  ? 1465 VAL A CB  1 
ATOM   43  C  CG1 . VAL A 1 14  ? 4.600   -1.343  -3.814  1.00 59.93  ? 1465 VAL A CG1 1 
ATOM   44  C  CG2 . VAL A 1 14  ? 2.965   0.199   -4.961  1.00 55.59  ? 1465 VAL A CG2 1 
ATOM   45  N  N   . SER A 1 15  ? 2.906   -2.745  -7.709  1.00 58.52  ? 1466 SER A N   1 
ATOM   46  C  CA  . SER A 1 15  ? 2.003   -3.005  -8.816  1.00 59.29  ? 1466 SER A CA  1 
ATOM   47  C  C   . SER A 1 15  ? 0.577   -3.084  -8.231  1.00 62.34  ? 1466 SER A C   1 
ATOM   48  O  O   . SER A 1 15  ? 0.287   -3.974  -7.425  1.00 63.11  ? 1466 SER A O   1 
ATOM   49  C  CB  . SER A 1 15  ? 2.429   -4.282  -9.534  1.00 66.91  ? 1466 SER A CB  1 
ATOM   50  O  OG  . SER A 1 15  ? 1.482   -4.714  -10.496 1.00 79.10  ? 1466 SER A OG  1 
ATOM   51  N  N   . VAL A 1 16  ? -0.298  -2.132  -8.614  1.00 56.20  ? 1467 VAL A N   1 
ATOM   52  C  CA  . VAL A 1 16  ? -1.638  -2.007  -8.042  1.00 54.05  ? 1467 VAL A CA  1 
ATOM   53  C  C   . VAL A 1 16  ? -2.734  -2.627  -8.907  1.00 61.70  ? 1467 VAL A C   1 
ATOM   54  O  O   . VAL A 1 16  ? -2.952  -2.206  -10.048 1.00 62.42  ? 1467 VAL A O   1 
ATOM   55  C  CB  . VAL A 1 16  ? -1.988  -0.535  -7.698  1.00 55.22  ? 1467 VAL A CB  1 
ATOM   56  C  CG1 . VAL A 1 16  ? -3.410  -0.409  -7.134  1.00 54.45  ? 1467 VAL A CG1 1 
ATOM   57  C  CG2 . VAL A 1 16  ? -0.960  0.084   -6.738  1.00 53.46  ? 1467 VAL A CG2 1 
ATOM   58  N  N   . ILE A 1 17  ? -3.489  -3.562  -8.300  1.00 59.63  ? 1468 ILE A N   1 
ATOM   59  C  CA  . ILE A 1 17  ? -4.632  -4.210  -8.902  1.00 62.61  ? 1468 ILE A CA  1 
ATOM   60  C  C   . ILE A 1 17  ? -5.890  -3.543  -8.314  1.00 68.83  ? 1468 ILE A C   1 
ATOM   61  O  O   . ILE A 1 17  ? -6.064  -3.474  -7.086  1.00 67.31  ? 1468 ILE A O   1 
ATOM   62  C  CB  . ILE A 1 17  ? -4.594  -5.756  -8.672  1.00 69.10  ? 1468 ILE A CB  1 
ATOM   63  C  CG1 . ILE A 1 17  ? -3.370  -6.394  -9.385  1.00 72.04  ? 1468 ILE A CG1 1 
ATOM   64  C  CG2 . ILE A 1 17  ? -5.906  -6.424  -9.120  1.00 71.36  ? 1468 ILE A CG2 1 
ATOM   65  C  CD1 . ILE A 1 17  ? -3.149  -7.904  -9.096  1.00 81.95  ? 1468 ILE A CD1 1 
ATOM   66  N  N   . VAL A 1 18  ? -6.733  -3.003  -9.196  1.00 67.75  ? 1469 VAL A N   1 
ATOM   67  C  CA  . VAL A 1 18  ? -8.000  -2.398  -8.795  1.00 69.19  ? 1469 VAL A CA  1 
ATOM   68  C  C   . VAL A 1 18  ? -9.012  -3.554  -8.755  1.00 76.23  ? 1469 VAL A C   1 
ATOM   69  O  O   . VAL A 1 18  ? -9.352  -4.126  -9.790  1.00 76.60  ? 1469 VAL A O   1 
ATOM   70  C  CB  . VAL A 1 18  ? -8.400  -1.224  -9.722  1.00 73.78  ? 1469 VAL A CB  1 
ATOM   71  C  CG1 . VAL A 1 18  ? -9.758  -0.656  -9.332  1.00 75.79  ? 1469 VAL A CG1 1 
ATOM   72  C  CG2 . VAL A 1 18  ? -7.332  -0.129  -9.687  1.00 70.29  ? 1469 VAL A CG2 1 
ATOM   73  N  N   . GLN A 1 19  ? -9.404  -3.952  -7.533  1.00 74.61  ? 1470 GLN A N   1 
ATOM   74  C  CA  . GLN A 1 19  ? -10.263 -5.105  -7.271  1.00 78.54  ? 1470 GLN A CA  1 
ATOM   75  C  C   . GLN A 1 19  ? -11.589 -5.107  -8.035  1.00 87.79  ? 1470 GLN A C   1 
ATOM   76  O  O   . GLN A 1 19  ? -12.289 -4.092  -8.095  1.00 87.79  ? 1470 GLN A O   1 
ATOM   77  C  CB  . GLN A 1 19  ? -10.526 -5.268  -5.780  1.00 79.71  ? 1470 GLN A CB  1 
ATOM   78  C  CG  . GLN A 1 19  ? -10.838 -6.711  -5.387  1.00 84.92  ? 1470 GLN A CG  1 
ATOM   79  C  CD  . GLN A 1 19  ? -11.454 -6.760  -4.026  1.00 104.71 ? 1470 GLN A CD  1 
ATOM   80  O  OE1 . GLN A 1 19  ? -12.512 -6.166  -3.778  1.00 102.24 ? 1470 GLN A OE1 1 
ATOM   81  N  NE2 . GLN A 1 19  ? -10.779 -7.430  -3.104  1.00 99.45  ? 1470 GLN A NE2 1 
ATOM   82  N  N   . ASP A 1 20  ? -11.892 -6.275  -8.642  1.00 88.17  ? 1471 ASP A N   1 
ATOM   83  C  CA  . ASP A 1 20  ? -13.098 -6.616  -9.401  1.00 93.35  ? 1471 ASP A CA  1 
ATOM   84  C  C   . ASP A 1 20  ? -13.378 -5.705  -10.628 1.00 97.86  ? 1471 ASP A C   1 
ATOM   85  O  O   . ASP A 1 20  ? -14.449 -5.826  -11.231 1.00 103.94 ? 1471 ASP A O   1 
ATOM   86  C  CB  . ASP A 1 20  ? -14.331 -6.691  -8.466  1.00 99.08  ? 1471 ASP A CB  1 
ATOM   87  C  CG  . ASP A 1 20  ? -14.153 -7.610  -7.265  1.00 112.05 ? 1471 ASP A CG  1 
ATOM   88  O  OD1 . ASP A 1 20  ? -13.557 -8.702  -7.431  1.00 113.07 ? 1471 ASP A OD1 1 
ATOM   89  O  OD2 . ASP A 1 20  ? -14.612 -7.240  -6.157  1.00 119.57 ? 1471 ASP A OD2 1 
ATOM   90  N  N   . GLU A 1 21  ? -12.410 -4.855  -11.036 1.00 88.69  ? 1472 GLU A N   1 
ATOM   91  C  CA  . GLU A 1 21  ? -12.589 -3.981  -12.202 1.00 87.89  ? 1472 GLU A CA  1 
ATOM   92  C  C   . GLU A 1 21  ? -12.110 -4.630  -13.509 1.00 89.58  ? 1472 GLU A C   1 
ATOM   93  O  O   . GLU A 1 21  ? -12.422 -4.114  -14.584 1.00 91.32  ? 1472 GLU A O   1 
ATOM   94  C  CB  . GLU A 1 21  ? -11.927 -2.608  -11.993 1.00 85.48  ? 1472 GLU A CB  1 
ATOM   95  C  CG  . GLU A 1 21  ? -12.711 -1.693  -11.061 1.00 99.81  ? 1472 GLU A CG  1 
ATOM   96  C  CD  . GLU A 1 21  ? -14.005 -1.111  -11.602 1.00 134.26 ? 1472 GLU A CD  1 
ATOM   97  O  OE1 . GLU A 1 21  ? -15.074 -1.717  -11.362 1.00 140.41 ? 1472 GLU A OE1 1 
ATOM   98  O  OE2 . GLU A 1 21  ? -13.954 -0.029  -12.228 1.00 132.10 ? 1472 GLU A OE2 1 
ATOM   99  N  N   . GLY A 1 22  ? -11.410 -5.762  -13.410 1.00 83.54  ? 1473 GLY A N   1 
ATOM   100 C  CA  . GLY A 1 22  ? -10.882 -6.494  -14.562 1.00 84.66  ? 1473 GLY A CA  1 
ATOM   101 C  C   . GLY A 1 22  ? -9.942  -5.664  -15.430 1.00 86.92  ? 1473 GLY A C   1 
ATOM   102 O  O   . GLY A 1 22  ? -10.018 -5.718  -16.656 1.00 91.64  ? 1473 GLY A O   1 
ATOM   103 N  N   . VAL A 1 23  ? -9.086  -4.861  -14.810 1.00 76.39  ? 1474 VAL A N   1 
ATOM   104 C  CA  . VAL A 1 23  ? -8.148  -4.001  -15.532 1.00 74.85  ? 1474 VAL A CA  1 
ATOM   105 C  C   . VAL A 1 23  ? -6.694  -4.406  -15.217 1.00 73.65  ? 1474 VAL A C   1 
ATOM   106 O  O   . VAL A 1 23  ? -6.444  -5.172  -14.280 1.00 72.01  ? 1474 VAL A O   1 
ATOM   107 C  CB  . VAL A 1 23  ? -8.409  -2.466  -15.313 1.00 76.34  ? 1474 VAL A CB  1 
ATOM   108 C  CG1 . VAL A 1 23  ? -9.846  -2.089  -15.697 1.00 79.45  ? 1474 VAL A CG1 1 
ATOM   109 C  CG2 . VAL A 1 23  ? -8.085  -2.022  -13.888 1.00 71.61  ? 1474 VAL A CG2 1 
ATOM   110 N  N   . ASP A 1 24  ? -5.751  -3.932  -16.031 1.00 66.96  ? 1475 ASP A N   1 
ATOM   111 C  CA  . ASP A 1 24  ? -4.344  -4.254  -15.820 1.00 65.18  ? 1475 ASP A CA  1 
ATOM   112 C  C   . ASP A 1 24  ? -3.795  -3.603  -14.574 1.00 66.36  ? 1475 ASP A C   1 
ATOM   113 O  O   . ASP A 1 24  ? -4.172  -2.460  -14.248 1.00 63.21  ? 1475 ASP A O   1 
ATOM   114 C  CB  . ASP A 1 24  ? -3.497  -3.816  -17.028 1.00 67.69  ? 1475 ASP A CB  1 
ATOM   115 C  CG  . ASP A 1 24  ? -3.860  -4.534  -18.306 1.00 77.78  ? 1475 ASP A CG  1 
ATOM   116 O  OD1 . ASP A 1 24  ? -3.629  -3.963  -19.387 1.00 82.47  ? 1475 ASP A OD1 1 
ATOM   117 O  OD2 . ASP A 1 24  ? -4.370  -5.677  -18.225 1.00 82.07  ? 1475 ASP A OD2 1 
ATOM   118 N  N   . ALA A 1 25  ? -2.828  -4.295  -13.930 1.00 63.52  ? 1476 ALA A N   1 
ATOM   119 C  CA  . ALA A 1 25  ? -2.091  -3.768  -12.773 1.00 60.44  ? 1476 ALA A CA  1 
ATOM   120 C  C   . ALA A 1 25  ? -1.410  -2.454  -13.175 1.00 65.42  ? 1476 ALA A C   1 
ATOM   121 O  O   . ALA A 1 25  ? -0.908  -2.327  -14.296 1.00 68.11  ? 1476 ALA A O   1 
ATOM   122 C  CB  . ALA A 1 25  ? -1.055  -4.779  -12.310 1.00 62.04  ? 1476 ALA A CB  1 
ATOM   123 N  N   . ILE A 1 26  ? -1.451  -1.463  -12.272 1.00 61.16  ? 1477 ILE A N   1 
ATOM   124 C  CA  . ILE A 1 26  ? -0.917  -0.112  -12.445 1.00 59.30  ? 1477 ILE A CA  1 
ATOM   125 C  C   . ILE A 1 26  ? 0.359   0.047   -11.592 1.00 62.16  ? 1477 ILE A C   1 
ATOM   126 O  O   . ILE A 1 26  ? 0.303   -0.172  -10.388 1.00 59.08  ? 1477 ILE A O   1 
ATOM   127 C  CB  . ILE A 1 26  ? -2.003  0.945   -12.056 1.00 61.23  ? 1477 ILE A CB  1 
ATOM   128 C  CG1 . ILE A 1 26  ? -3.359  0.701   -12.785 1.00 63.62  ? 1477 ILE A CG1 1 
ATOM   129 C  CG2 . ILE A 1 26  ? -1.520  2.387   -12.260 1.00 61.55  ? 1477 ILE A CG2 1 
ATOM   130 N  N   . PRO A 1 27  ? 1.514   0.410   -12.206 1.00 60.93  ? 1478 PRO A N   1 
ATOM   131 C  CA  . PRO A 1 27  ? 2.747   0.645   -11.414 1.00 60.31  ? 1478 PRO A CA  1 
ATOM   132 C  C   . PRO A 1 27  ? 2.671   1.981   -10.682 1.00 62.63  ? 1478 PRO A C   1 
ATOM   133 O  O   . PRO A 1 27  ? 2.246   2.975   -11.276 1.00 65.12  ? 1478 PRO A O   1 
ATOM   134 C  CB  . PRO A 1 27  ? 3.866   0.728   -12.474 1.00 65.21  ? 1478 PRO A CB  1 
ATOM   135 C  CG  . PRO A 1 27  ? 3.211   0.387   -13.773 1.00 71.22  ? 1478 PRO A CG  1 
ATOM   136 C  CD  . PRO A 1 27  ? 1.748   0.676   -13.637 1.00 64.18  ? 1478 PRO A CD  1 
ATOM   137 N  N   . VAL A 1 28  ? 3.065   2.013   -9.397  1.00 53.73  ? 1479 VAL A N   1 
ATOM   138 C  CA  . VAL A 1 28  ? 3.039   3.247   -8.617  1.00 51.00  ? 1479 VAL A CA  1 
ATOM   139 C  C   . VAL A 1 28  ? 4.375   3.426   -7.910  1.00 56.83  ? 1479 VAL A C   1 
ATOM   140 O  O   . VAL A 1 28  ? 4.808   2.529   -7.174  1.00 58.01  ? 1479 VAL A O   1 
ATOM   141 C  CB  . VAL A 1 28  ? 1.844   3.355   -7.628  1.00 50.28  ? 1479 VAL A CB  1 
ATOM   142 C  CG1 . VAL A 1 28  ? 1.815   4.741   -6.934  1.00 48.75  ? 1479 VAL A CG1 1 
ATOM   143 C  CG2 . VAL A 1 28  ? 0.518   3.079   -8.338  1.00 49.61  ? 1479 VAL A CG2 1 
ATOM   144 N  N   . LYS A 1 29  ? 5.023   4.573   -8.138  1.00 53.81  ? 1480 LYS A N   1 
ATOM   145 C  CA  . LYS A 1 29  ? 6.289   4.878   -7.492  1.00 56.88  ? 1480 LYS A CA  1 
ATOM   146 C  C   . LYS A 1 29  ? 6.014   5.431   -6.095  1.00 57.62  ? 1480 LYS A C   1 
ATOM   147 O  O   . LYS A 1 29  ? 5.318   6.449   -5.945  1.00 54.92  ? 1480 LYS A O   1 
ATOM   148 C  CB  . LYS A 1 29  ? 7.138   5.862   -8.322  1.00 64.87  ? 1480 LYS A CB  1 
ATOM   149 N  N   . VAL A 1 30  ? 6.538   4.725   -5.081  1.00 54.29  ? 1481 VAL A N   1 
ATOM   150 C  CA  . VAL A 1 30  ? 6.389   5.069   -3.656  1.00 53.01  ? 1481 VAL A CA  1 
ATOM   151 C  C   . VAL A 1 30  ? 7.766   5.075   -2.957  1.00 59.13  ? 1481 VAL A C   1 
ATOM   152 O  O   . VAL A 1 30  ? 8.784   4.797   -3.592  1.00 62.35  ? 1481 VAL A O   1 
ATOM   153 C  CB  . VAL A 1 30  ? 5.359   4.127   -2.951  1.00 54.93  ? 1481 VAL A CB  1 
ATOM   154 C  CG1 . VAL A 1 30  ? 3.942   4.389   -3.450  1.00 52.94  ? 1481 VAL A CG1 1 
ATOM   155 C  CG2 . VAL A 1 30  ? 5.720   2.650   -3.148  1.00 56.56  ? 1481 VAL A CG2 1 
ATOM   156 N  N   . LEU A 1 31  ? 7.805   5.439   -1.662  1.00 54.60  ? 1482 LEU A N   1 
ATOM   157 C  CA  . LEU A 1 31  ? 9.046   5.449   -0.881  1.00 55.87  ? 1482 LEU A CA  1 
ATOM   158 C  C   . LEU A 1 31  ? 8.874   4.467   0.251   1.00 56.64  ? 1482 LEU A C   1 
ATOM   159 O  O   . LEU A 1 31  ? 7.756   4.263   0.706   1.00 53.89  ? 1482 LEU A O   1 
ATOM   160 C  CB  . LEU A 1 31  ? 9.343   6.856   -0.324  1.00 56.73  ? 1482 LEU A CB  1 
ATOM   161 C  CG  . LEU A 1 31  ? 9.635   7.967   -1.337  1.00 63.68  ? 1482 LEU A CG  1 
ATOM   162 C  CD1 . LEU A 1 31  ? 9.582   9.323   -0.674  1.00 65.47  ? 1482 LEU A CD1 1 
ATOM   163 C  CD2 . LEU A 1 31  ? 10.958  7.761   -2.024  1.00 66.45  ? 1482 LEU A CD2 1 
ATOM   164 N  N   . ASN A 1 32  ? 9.954   3.864   0.715   1.00 57.27  ? 1483 ASN A N   1 
ATOM   165 C  CA  . ASN A 1 32  ? 9.904   2.905   1.829   1.00 58.69  ? 1483 ASN A CA  1 
ATOM   166 C  C   . ASN A 1 32  ? 9.511   3.601   3.162   1.00 60.69  ? 1483 ASN A C   1 
ATOM   167 O  O   . ASN A 1 32  ? 8.908   2.964   4.030   1.00 61.17  ? 1483 ASN A O   1 
ATOM   168 C  CB  . ASN A 1 32  ? 11.242  2.154   1.957   1.00 66.12  ? 1483 ASN A CB  1 
ATOM   169 C  CG  . ASN A 1 32  ? 12.427  3.059   2.186   1.00 69.91  ? 1483 ASN A CG  1 
ATOM   170 N  N   . CYS A 1 33  ? 9.778   4.908   3.281   1.00 54.57  ? 1484 CYS A N   1 
ATOM   171 C  CA  . CYS A 1 33  ? 9.424   5.703   4.465   1.00 54.57  ? 1484 CYS A CA  1 
ATOM   172 C  C   . CYS A 1 33  ? 8.016   6.371   4.321   1.00 55.23  ? 1484 CYS A C   1 
ATOM   173 O  O   . CYS A 1 33  ? 7.609   7.139   5.187   1.00 53.06  ? 1484 CYS A O   1 
ATOM   174 C  CB  . CYS A 1 33  ? 10.509  6.729   4.767   1.00 58.04  ? 1484 CYS A CB  1 
ATOM   175 S  SG  . CYS A 1 33  ? 10.846  7.847   3.384   1.00 64.08  ? 1484 CYS A SG  1 
ATOM   176 N  N   . ASP A 1 34  ? 7.274   6.065   3.236   1.00 51.64  ? 1485 ASP A N   1 
ATOM   177 C  CA  . ASP A 1 34  ? 5.910   6.573   3.076   1.00 48.32  ? 1485 ASP A CA  1 
ATOM   178 C  C   . ASP A 1 34  ? 5.043   5.813   4.042   1.00 50.21  ? 1485 ASP A C   1 
ATOM   179 O  O   . ASP A 1 34  ? 5.087   4.576   4.077   1.00 49.92  ? 1485 ASP A O   1 
ATOM   180 C  CB  . ASP A 1 34  ? 5.356   6.316   1.658   1.00 48.70  ? 1485 ASP A CB  1 
ATOM   181 C  CG  . ASP A 1 34  ? 5.783   7.323   0.596   1.00 58.55  ? 1485 ASP A CG  1 
ATOM   182 O  OD1 . ASP A 1 34  ? 6.092   8.477   0.964   1.00 56.96  ? 1485 ASP A OD1 1 
ATOM   183 O  OD2 . ASP A 1 34  ? 5.746   6.968   -0.615  1.00 58.49  ? 1485 ASP A OD2 1 
ATOM   184 N  N   . THR A 1 35  ? 4.220   6.533   4.800   1.00 43.33  ? 1486 THR A N   1 
ATOM   185 C  CA  . THR A 1 35  ? 3.243   5.858   5.650   1.00 41.58  ? 1486 THR A CA  1 
ATOM   186 C  C   . THR A 1 35  ? 2.205   5.276   4.710   1.00 45.78  ? 1486 THR A C   1 
ATOM   187 O  O   . THR A 1 35  ? 2.162   5.650   3.524   1.00 44.02  ? 1486 THR A O   1 
ATOM   188 C  CB  . THR A 1 35  ? 2.567   6.851   6.613   1.00 43.07  ? 1486 THR A CB  1 
ATOM   189 O  OG1 . THR A 1 35  ? 1.813   7.783   5.842   1.00 41.46  ? 1486 THR A OG1 1 
ATOM   190 C  CG2 . THR A 1 35  ? 3.580   7.599   7.479   1.00 38.40  ? 1486 THR A CG2 1 
ATOM   191 N  N   . ILE A 1 36  ? 1.315   4.423   5.233   1.00 43.07  ? 1487 ILE A N   1 
ATOM   192 C  CA  . ILE A 1 36  ? 0.304   3.841   4.384   1.00 41.33  ? 1487 ILE A CA  1 
ATOM   193 C  C   . ILE A 1 36  ? -0.575  4.917   3.770   1.00 45.43  ? 1487 ILE A C   1 
ATOM   194 O  O   . ILE A 1 36  ? -0.860  4.810   2.581   1.00 45.67  ? 1487 ILE A O   1 
ATOM   195 C  CB  . ILE A 1 36  ? -0.514  2.699   5.052   1.00 44.06  ? 1487 ILE A CB  1 
ATOM   196 C  CG1 . ILE A 1 36  ? 0.432   1.597   5.627   1.00 45.66  ? 1487 ILE A CG1 1 
ATOM   197 C  CG2 . ILE A 1 36  ? -1.523  2.093   4.023   1.00 38.97  ? 1487 ILE A CG2 1 
ATOM   198 C  CD1 . ILE A 1 36  ? 1.548   1.007   4.627   1.00 49.41  ? 1487 ILE A CD1 1 
ATOM   199 N  N   . SER A 1 37  ? -0.961  5.956   4.535   1.00 42.00  ? 1488 SER A N   1 
ATOM   200 C  CA  . SER A 1 37  ? -1.780  7.049   3.979   1.00 42.46  ? 1488 SER A CA  1 
ATOM   201 C  C   . SER A 1 37  ? -1.067  7.754   2.832   1.00 47.91  ? 1488 SER A C   1 
ATOM   202 O  O   . SER A 1 37  ? -1.718  8.103   1.864   1.00 49.68  ? 1488 SER A O   1 
ATOM   203 C  CB  . SER A 1 37  ? -2.153  8.061   5.051   1.00 43.61  ? 1488 SER A CB  1 
ATOM   204 O  OG  . SER A 1 37  ? -2.926  7.395   6.032   1.00 52.47  ? 1488 SER A OG  1 
ATOM   205 N  N   . GLN A 1 38  ? 0.271   7.916   2.914   1.00 43.36  ? 1489 GLN A N   1 
ATOM   206 C  CA  . GLN A 1 38  ? 1.049   8.534   1.834   1.00 42.92  ? 1489 GLN A CA  1 
ATOM   207 C  C   . GLN A 1 38  ? 1.061   7.618   0.630   1.00 47.15  ? 1489 GLN A C   1 
ATOM   208 O  O   . GLN A 1 38  ? 1.033   8.093   -0.498  1.00 48.19  ? 1489 GLN A O   1 
ATOM   209 C  CB  . GLN A 1 38  ? 2.479   8.836   2.277   1.00 42.47  ? 1489 GLN A CB  1 
ATOM   210 C  CG  . GLN A 1 38  ? 2.560   10.022  3.228   1.00 38.47  ? 1489 GLN A CG  1 
ATOM   211 C  CD  . GLN A 1 38  ? 3.976   10.289  3.672   1.00 47.81  ? 1489 GLN A CD  1 
ATOM   212 O  OE1 . GLN A 1 38  ? 4.608   9.480   4.332   1.00 46.87  ? 1489 GLN A OE1 1 
ATOM   213 N  NE2 . GLN A 1 38  ? 4.475   11.451  3.408   1.00 42.43  ? 1489 GLN A NE2 1 
ATOM   214 N  N   . VAL A 1 39  ? 1.157   6.296   0.869   1.00 44.48  ? 1490 VAL A N   1 
ATOM   215 C  CA  . VAL A 1 39  ? 1.165   5.312   -0.205  1.00 44.96  ? 1490 VAL A CA  1 
ATOM   216 C  C   . VAL A 1 39  ? -0.209  5.425   -0.915  1.00 48.75  ? 1490 VAL A C   1 
ATOM   217 O  O   . VAL A 1 39  ? -0.241  5.664   -2.123  1.00 49.19  ? 1490 VAL A O   1 
ATOM   218 C  CB  . VAL A 1 39  ? 1.447   3.875   0.306   1.00 48.04  ? 1490 VAL A CB  1 
ATOM   219 C  CG1 . VAL A 1 39  ? 1.186   2.833   -0.785  1.00 48.00  ? 1490 VAL A CG1 1 
ATOM   220 C  CG2 . VAL A 1 39  ? 2.863   3.758   0.848   1.00 47.55  ? 1490 VAL A CG2 1 
ATOM   221 N  N   . LYS A 1 40  ? -1.311  5.370   -0.151  1.00 44.76  ? 1491 LYS A N   1 
ATOM   222 C  CA  . LYS A 1 40  ? -2.677  5.459   -0.708  1.00 47.53  ? 1491 LYS A CA  1 
ATOM   223 C  C   . LYS A 1 40  ? -2.896  6.712   -1.559  1.00 54.22  ? 1491 LYS A C   1 
ATOM   224 O  O   . LYS A 1 40  ? -3.497  6.598   -2.627  1.00 56.57  ? 1491 LYS A O   1 
ATOM   225 C  CB  . LYS A 1 40  ? -3.745  5.372   0.376   1.00 49.39  ? 1491 LYS A CB  1 
ATOM   226 C  CG  . LYS A 1 40  ? -3.827  4.000   1.010   1.00 52.11  ? 1491 LYS A CG  1 
ATOM   227 C  CD  . LYS A 1 40  ? -4.801  4.038   2.167   1.00 54.84  ? 1491 LYS A CD  1 
ATOM   228 C  CE  . LYS A 1 40  ? -5.084  2.664   2.687   1.00 56.21  ? 1491 LYS A CE  1 
ATOM   229 N  NZ  . LYS A 1 40  ? -6.183  2.683   3.688   1.00 64.95  ? 1491 LYS A NZ  1 
ATOM   230 N  N   . GLU A 1 41  ? -2.389  7.883   -1.114  1.00 48.30  ? 1492 GLU A N   1 
ATOM   231 C  CA  . GLU A 1 41  ? -2.509  9.132   -1.884  1.00 49.39  ? 1492 GLU A CA  1 
ATOM   232 C  C   . GLU A 1 41  ? -1.807  9.027   -3.240  1.00 50.62  ? 1492 GLU A C   1 
ATOM   233 O  O   . GLU A 1 41  ? -2.318  9.535   -4.236  1.00 51.30  ? 1492 GLU A O   1 
ATOM   234 C  CB  . GLU A 1 41  ? -1.948  10.331  -1.111  1.00 50.86  ? 1492 GLU A CB  1 
ATOM   235 C  CG  . GLU A 1 41  ? -2.788  10.698  0.104   1.00 56.79  ? 1492 GLU A CG  1 
ATOM   236 C  CD  . GLU A 1 41  ? -2.103  11.520  1.174   1.00 68.45  ? 1492 GLU A CD  1 
ATOM   237 O  OE1 . GLU A 1 41  ? -0.959  11.968  0.940   1.00 52.23  ? 1492 GLU A OE1 1 
ATOM   238 O  OE2 . GLU A 1 41  ? -2.729  11.754  2.234   1.00 67.44  ? 1492 GLU A OE2 1 
ATOM   239 N  N   . LYS A 1 42  ? -0.617  8.415   -3.263  1.00 45.95  ? 1493 LYS A N   1 
ATOM   240 C  CA  . LYS A 1 42  ? 0.163   8.241   -4.497  1.00 46.03  ? 1493 LYS A CA  1 
ATOM   241 C  C   . LYS A 1 42  ? -0.513  7.260   -5.426  1.00 53.10  ? 1493 LYS A C   1 
ATOM   242 O  O   . LYS A 1 42  ? -0.469  7.458   -6.637  1.00 56.24  ? 1493 LYS A O   1 
ATOM   243 C  CB  . LYS A 1 42  ? 1.593   7.804   -4.195  1.00 46.23  ? 1493 LYS A CB  1 
ATOM   244 C  CG  . LYS A 1 42  ? 2.404   8.956   -3.572  1.00 54.74  ? 1493 LYS A CG  1 
ATOM   245 C  CD  . LYS A 1 42  ? 3.754   8.473   -3.080  1.00 54.99  ? 1493 LYS A CD  1 
ATOM   246 C  CE  . LYS A 1 42  ? 4.578   9.584   -2.497  1.00 52.68  ? 1493 LYS A CE  1 
ATOM   247 N  NZ  . LYS A 1 42  ? 5.980   9.141   -2.291  1.00 52.10  ? 1493 LYS A NZ  1 
ATOM   248 N  N   . ILE A 1 43  ? -1.169  6.225   -4.854  1.00 47.56  ? 1494 ILE A N   1 
ATOM   249 C  CA  . ILE A 1 43  ? -1.903  5.237   -5.610  1.00 48.31  ? 1494 ILE A CA  1 
ATOM   250 C  C   . ILE A 1 43  ? -3.105  5.902   -6.259  1.00 54.52  ? 1494 ILE A C   1 
ATOM   251 O  O   . ILE A 1 43  ? -3.267  5.771   -7.479  1.00 54.77  ? 1494 ILE A O   1 
ATOM   252 C  CB  . ILE A 1 43  ? -2.290  3.978   -4.773  1.00 49.15  ? 1494 ILE A CB  1 
ATOM   253 C  CG1 . ILE A 1 43  ? -1.001  3.187   -4.363  1.00 47.81  ? 1494 ILE A CG1 1 
ATOM   254 C  CG2 . ILE A 1 43  ? -3.291  3.088   -5.575  1.00 48.56  ? 1494 ILE A CG2 1 
ATOM   255 C  CD1 . ILE A 1 43  ? -1.253  1.963   -3.514  1.00 50.40  ? 1494 ILE A CD1 1 
ATOM   256 N  N   . ILE A 1 44  ? -3.902  6.666   -5.464  1.00 51.25  ? 1495 ILE A N   1 
ATOM   257 C  CA  . ILE A 1 44  ? -5.115  7.335   -5.952  1.00 54.58  ? 1495 ILE A CA  1 
ATOM   258 C  C   . ILE A 1 44  ? -4.762  8.323   -7.084  1.00 60.75  ? 1495 ILE A C   1 
ATOM   259 O  O   . ILE A 1 44  ? -5.414  8.295   -8.113  1.00 62.34  ? 1495 ILE A O   1 
ATOM   260 C  CB  . ILE A 1 44  ? -5.929  7.971   -4.773  1.00 58.76  ? 1495 ILE A CB  1 
ATOM   261 C  CG1 . ILE A 1 44  ? -6.625  6.850   -3.946  1.00 58.44  ? 1495 ILE A CG1 1 
ATOM   262 C  CG2 . ILE A 1 44  ? -6.973  9.003   -5.263  1.00 62.08  ? 1495 ILE A CG2 1 
ATOM   263 C  CD1 . ILE A 1 44  ? -7.213  7.297   -2.571  1.00 68.60  ? 1495 ILE A CD1 1 
ATOM   264 N  N   . ASP A 1 45  ? -3.708  9.136   -6.919  1.00 58.81  ? 1496 ASP A N   1 
ATOM   265 C  CA  . ASP A 1 45  ? -3.256  10.099  -7.935  1.00 62.51  ? 1496 ASP A CA  1 
ATOM   266 C  C   . ASP A 1 45  ? -2.920  9.426   -9.239  1.00 68.16  ? 1496 ASP A C   1 
ATOM   267 O  O   . ASP A 1 45  ? -3.184  9.990   -10.300 1.00 70.82  ? 1496 ASP A O   1 
ATOM   268 C  CB  . ASP A 1 45  ? -1.990  10.856  -7.476  1.00 63.29  ? 1496 ASP A CB  1 
ATOM   269 C  CG  . ASP A 1 45  ? -2.174  11.811  -6.326  1.00 71.95  ? 1496 ASP A CG  1 
ATOM   270 O  OD1 . ASP A 1 45  ? -3.343  12.130  -5.997  1.00 73.97  ? 1496 ASP A OD1 1 
ATOM   271 O  OD2 . ASP A 1 45  ? -1.143  12.228  -5.730  1.00 74.56  ? 1496 ASP A OD2 1 
ATOM   272 N  N   . GLN A 1 46  ? -2.257  8.261   -9.147  1.00 63.61  ? 1497 GLN A N   1 
ATOM   273 C  CA  . GLN A 1 46  ? -1.784  7.475   -10.279 1.00 65.38  ? 1497 GLN A CA  1 
ATOM   274 C  C   . GLN A 1 46  ? -2.961  6.778   -10.972 1.00 70.50  ? 1497 GLN A C   1 
ATOM   275 O  O   . GLN A 1 46  ? -3.192  7.015   -12.152 1.00 75.06  ? 1497 GLN A O   1 
ATOM   276 C  CB  . GLN A 1 46  ? -0.740  6.451   -9.780  1.00 64.34  ? 1497 GLN A CB  1 
ATOM   277 C  CG  . GLN A 1 46  ? 0.056   5.768   -10.881 1.00 77.51  ? 1497 GLN A CG  1 
ATOM   278 C  CD  . GLN A 1 46  ? 1.029   6.701   -11.552 1.00 95.71  ? 1497 GLN A CD  1 
ATOM   279 O  OE1 . GLN A 1 46  ? 1.111   6.733   -12.770 1.00 96.23  ? 1497 GLN A OE1 1 
ATOM   280 N  NE2 . GLN A 1 46  ? 1.770   7.494   -10.778 1.00 89.32  ? 1497 GLN A NE2 1 
ATOM   281 N  N   . VAL A 1 47  ? -3.718  5.962   -10.227 1.00 65.60  ? 1498 VAL A N   1 
ATOM   282 C  CA  . VAL A 1 47  ? -4.860  5.181   -10.726 1.00 67.68  ? 1498 VAL A CA  1 
ATOM   283 C  C   . VAL A 1 47  ? -5.979  6.081   -11.298 1.00 77.70  ? 1498 VAL A C   1 
ATOM   284 O  O   . VAL A 1 47  ? -6.508  5.760   -12.360 1.00 80.43  ? 1498 VAL A O   1 
ATOM   285 C  CB  . VAL A 1 47  ? -5.410  4.199   -9.644  1.00 69.06  ? 1498 VAL A CB  1 
ATOM   286 C  CG1 . VAL A 1 47  ? -6.685  3.495   -10.114 1.00 70.85  ? 1498 VAL A CG1 1 
ATOM   287 C  CG2 . VAL A 1 47  ? -4.362  3.163   -9.250  1.00 66.37  ? 1498 VAL A CG2 1 
ATOM   288 N  N   . TYR A 1 48  ? -6.328  7.195   -10.624 1.00 75.60  ? 1499 TYR A N   1 
ATOM   289 C  CA  . TYR A 1 48  ? -7.441  8.029   -11.084 1.00 80.07  ? 1499 TYR A CA  1 
ATOM   290 C  C   . TYR A 1 48  ? -7.038  9.350   -11.761 1.00 88.32  ? 1499 TYR A C   1 
ATOM   291 O  O   . TYR A 1 48  ? -7.874  10.252  -11.825 1.00 92.84  ? 1499 TYR A O   1 
ATOM   292 C  CB  . TYR A 1 48  ? -8.425  8.279   -9.928  1.00 81.90  ? 1499 TYR A CB  1 
ATOM   293 C  CG  . TYR A 1 48  ? -8.985  6.995   -9.352  1.00 81.83  ? 1499 TYR A CG  1 
ATOM   294 C  CD1 . TYR A 1 48  ? -8.395  6.390   -8.247  1.00 79.52  ? 1499 TYR A CD1 1 
ATOM   295 C  CD2 . TYR A 1 48  ? -10.069 6.351   -9.950  1.00 85.10  ? 1499 TYR A CD2 1 
ATOM   296 C  CE1 . TYR A 1 48  ? -8.881  5.189   -7.733  1.00 79.88  ? 1499 TYR A CE1 1 
ATOM   297 C  CE2 . TYR A 1 48  ? -10.572 5.156   -9.439  1.00 84.75  ? 1499 TYR A CE2 1 
ATOM   298 C  CZ  . TYR A 1 48  ? -9.971  4.575   -8.333  1.00 90.91  ? 1499 TYR A CZ  1 
ATOM   299 O  OH  . TYR A 1 48  ? -10.458 3.397   -7.818  1.00 95.07  ? 1499 TYR A OH  1 
ATOM   300 N  N   . ARG A 1 49  ? -5.807  9.436   -12.334 1.00 84.26  ? 1500 ARG A N   1 
ATOM   301 C  CA  . ARG A 1 49  ? -5.263  10.601  -13.069 1.00 111.80 ? 1500 ARG A CA  1 
ATOM   302 C  C   . ARG A 1 49  ? -6.331  11.339  -13.893 1.00 152.40 ? 1500 ARG A C   1 
ATOM   303 O  O   . ARG A 1 49  ? -6.350  12.568  -13.937 1.00 121.75 ? 1500 ARG A O   1 
ATOM   304 C  CB  . ARG A 1 49  ? -4.146  10.154  -14.029 1.00 111.00 ? 1500 ARG A CB  1 
ATOM   305 C  CG  . ARG A 1 49  ? -2.729  10.229  -13.478 1.00 113.52 ? 1500 ARG A CG  1 
ATOM   306 C  CD  . ARG A 1 49  ? -1.728  10.155  -14.616 1.00 116.01 ? 1500 ARG A CD  1 
ATOM   307 N  NE  . ARG A 1 49  ? -0.495  9.442   -14.267 1.00 111.94 ? 1500 ARG A NE  1 
ATOM   308 C  CZ  . ARG A 1 49  ? 0.468   9.154   -15.138 1.00 122.21 ? 1500 ARG A CZ  1 
ATOM   309 N  NH1 . ARG A 1 49  ? 0.349   9.508   -16.410 1.00 114.57 ? 1500 ARG A NH1 1 
ATOM   310 N  NH2 . ARG A 1 49  ? 1.556   8.506   -14.745 1.00 104.37 ? 1500 ARG A NH2 1 
ATOM   311 N  N   . PRO A 1 59  ? -8.704  8.085   0.564   1.00 96.98  ? 1510 PRO A N   1 
ATOM   312 C  CA  . PRO A 1 59  ? -7.901  7.230   1.452   1.00 93.19  ? 1510 PRO A CA  1 
ATOM   313 C  C   . PRO A 1 59  ? -8.725  6.541   2.551   1.00 96.98  ? 1510 PRO A C   1 
ATOM   314 O  O   . PRO A 1 59  ? -8.400  5.410   2.923   1.00 95.55  ? 1510 PRO A O   1 
ATOM   315 C  CB  . PRO A 1 59  ? -6.850  8.191   2.015   1.00 93.69  ? 1510 PRO A CB  1 
ATOM   316 C  CG  . PRO A 1 59  ? -6.725  9.256   0.971   1.00 99.55  ? 1510 PRO A CG  1 
ATOM   317 C  CD  . PRO A 1 59  ? -8.112  9.429   0.419   1.00 99.13  ? 1510 PRO A CD  1 
ATOM   318 N  N   . ASP A 1 60  ? -9.781  7.216   3.065   1.00 94.89  ? 1511 ASP A N   1 
ATOM   319 C  CA  . ASP A 1 60  ? -10.695 6.678   4.088   1.00 96.08  ? 1511 ASP A CA  1 
ATOM   320 C  C   . ASP A 1 60  ? -11.716 5.751   3.426   1.00 99.36  ? 1511 ASP A C   1 
ATOM   321 O  O   . ASP A 1 60  ? -12.193 4.802   4.053   1.00 101.35 ? 1511 ASP A O   1 
ATOM   322 C  CB  . ASP A 1 60  ? -11.437 7.821   4.809   1.00 101.96 ? 1511 ASP A CB  1 
ATOM   323 C  CG  . ASP A 1 60  ? -10.566 8.822   5.550   1.00 110.37 ? 1511 ASP A CG  1 
ATOM   324 O  OD1 . ASP A 1 60  ? -9.349  8.897   5.249   1.00 105.60 ? 1511 ASP A OD1 1 
ATOM   325 O  OD2 . ASP A 1 60  ? -11.111 9.565   6.397   1.00 122.02 ? 1511 ASP A OD2 1 
ATOM   326 N  N   . SER A 1 61  ? -12.075 6.067   2.173   1.00 93.00  ? 1512 SER A N   1 
ATOM   327 C  CA  . SER A 1 61  ? -13.002 5.302   1.351   1.00 93.97  ? 1512 SER A CA  1 
ATOM   328 C  C   . SER A 1 61  ? -12.300 4.136   0.638   1.00 91.50  ? 1512 SER A C   1 
ATOM   329 O  O   . SER A 1 61  ? -13.000 3.288   0.084   1.00 94.89  ? 1512 SER A O   1 
ATOM   330 C  CB  . SER A 1 61  ? -13.658 6.211   0.312   1.00 100.10 ? 1512 SER A CB  1 
ATOM   331 N  N   . VAL A 1 62  ? -10.936 4.100   0.610   1.00 78.88  ? 1513 VAL A N   1 
ATOM   332 C  CA  . VAL A 1 62  ? -10.210 3.039   -0.100  1.00 74.53  ? 1513 VAL A CA  1 
ATOM   333 C  C   . VAL A 1 62  ? -9.481  2.093   0.857   1.00 72.96  ? 1513 VAL A C   1 
ATOM   334 O  O   . VAL A 1 62  ? -9.021  2.498   1.921   1.00 71.08  ? 1513 VAL A O   1 
ATOM   335 C  CB  . VAL A 1 62  ? -9.270  3.517   -1.259  1.00 74.99  ? 1513 VAL A CB  1 
ATOM   336 C  CG1 . VAL A 1 62  ? -10.007 4.405   -2.256  1.00 76.89  ? 1513 VAL A CG1 1 
ATOM   337 C  CG2 . VAL A 1 62  ? -7.997  4.190   -0.742  1.00 71.44  ? 1513 VAL A CG2 1 
ATOM   338 N  N   . VAL A 1 63  ? -9.353  0.837   0.436   1.00 67.67  ? 1514 VAL A N   1 
ATOM   339 C  CA  . VAL A 1 63  ? -8.686  -0.214  1.198   1.00 66.67  ? 1514 VAL A CA  1 
ATOM   340 C  C   . VAL A 1 63  ? -7.486  -0.660  0.378   1.00 66.23  ? 1514 VAL A C   1 
ATOM   341 O  O   . VAL A 1 63  ? -7.580  -0.764  -0.840  1.00 65.50  ? 1514 VAL A O   1 
ATOM   342 C  CB  . VAL A 1 63  ? -9.635  -1.413  1.493   1.00 74.27  ? 1514 VAL A CB  1 
ATOM   343 C  CG1 . VAL A 1 63  ? -8.972  -2.440  2.411   1.00 74.45  ? 1514 VAL A CG1 1 
ATOM   344 C  CG2 . VAL A 1 63  ? -10.960 -0.943  2.076   1.00 77.16  ? 1514 VAL A CG2 1 
ATOM   345 N  N   . LEU A 1 64  ? -6.366  -0.928  1.052   1.00 59.71  ? 1515 LEU A N   1 
ATOM   346 C  CA  . LEU A 1 64  ? -5.152  -1.397  0.416   1.00 57.58  ? 1515 LEU A CA  1 
ATOM   347 C  C   . LEU A 1 64  ? -4.763  -2.720  1.056   1.00 62.11  ? 1515 LEU A C   1 
ATOM   348 O  O   . LEU A 1 64  ? -4.634  -2.798  2.271   1.00 60.82  ? 1515 LEU A O   1 
ATOM   349 C  CB  . LEU A 1 64  ? -4.061  -0.332  0.611   1.00 54.48  ? 1515 LEU A CB  1 
ATOM   350 C  CG  . LEU A 1 64  ? -2.836  -0.415  -0.240  1.00 58.00  ? 1515 LEU A CG  1 
ATOM   351 C  CD1 . LEU A 1 64  ? -3.213  -0.504  -1.766  1.00 58.48  ? 1515 LEU A CD1 1 
ATOM   352 C  CD2 . LEU A 1 64  ? -1.831  0.757   0.128   1.00 51.18  ? 1515 LEU A CD2 1 
ATOM   353 N  N   . GLU A 1 65  ? -4.594  -3.751  0.232   1.00 61.90  ? 1516 GLU A N   1 
ATOM   354 C  CA  . GLU A 1 65  ? -4.240  -5.114  0.636   1.00 65.72  ? 1516 GLU A CA  1 
ATOM   355 C  C   . GLU A 1 65  ? -3.002  -5.626  -0.093  1.00 72.45  ? 1516 GLU A C   1 
ATOM   356 O  O   . GLU A 1 65  ? -2.715  -5.219  -1.216  1.00 71.13  ? 1516 GLU A O   1 
ATOM   357 C  CB  . GLU A 1 65  ? -5.393  -6.059  0.339   1.00 70.42  ? 1516 GLU A CB  1 
ATOM   358 C  CG  . GLU A 1 65  ? -6.285  -6.344  1.520   1.00 82.01  ? 1516 GLU A CG  1 
ATOM   359 C  CD  . GLU A 1 65  ? -7.314  -7.395  1.169   1.00 103.23 ? 1516 GLU A CD  1 
ATOM   360 O  OE1 . GLU A 1 65  ? -8.075  -7.173  0.200   1.00 92.21  ? 1516 GLU A OE1 1 
ATOM   361 O  OE2 . GLU A 1 65  ? -7.321  -8.462  1.823   1.00 99.85  ? 1516 GLU A OE2 1 
ATOM   362 N  N   . TRP A 1 66  ? -2.309  -6.565  0.534   1.00 72.86  ? 1517 TRP A N   1 
ATOM   363 C  CA  . TRP A 1 66  ? -1.079  -7.177  0.043   1.00 74.50  ? 1517 TRP A CA  1 
ATOM   364 C  C   . TRP A 1 66  ? -1.158  -8.674  0.361   1.00 84.35  ? 1517 TRP A C   1 
ATOM   365 O  O   . TRP A 1 66  ? -1.765  -9.037  1.372   1.00 85.16  ? 1517 TRP A O   1 
ATOM   366 C  CB  . TRP A 1 66  ? 0.076   -6.509  0.812   1.00 71.55  ? 1517 TRP A CB  1 
ATOM   367 C  CG  . TRP A 1 66  ? 1.452   -7.067  0.610   1.00 75.47  ? 1517 TRP A CG  1 
ATOM   368 C  CD1 . TRP A 1 66  ? 2.075   -7.325  -0.578  1.00 79.71  ? 1517 TRP A CD1 1 
ATOM   369 C  CD2 . TRP A 1 66  ? 2.433   -7.270  1.632   1.00 77.43  ? 1517 TRP A CD2 1 
ATOM   370 N  NE1 . TRP A 1 66  ? 3.372   -7.731  -0.354  1.00 82.64  ? 1517 TRP A NE1 1 
ATOM   371 C  CE2 . TRP A 1 66  ? 3.621   -7.702  0.994   1.00 84.82  ? 1517 TRP A CE2 1 
ATOM   372 C  CE3 . TRP A 1 66  ? 2.410   -7.175  3.031   1.00 79.41  ? 1517 TRP A CE3 1 
ATOM   373 C  CZ2 . TRP A 1 66  ? 4.772   -8.045  1.710   1.00 88.33  ? 1517 TRP A CZ2 1 
ATOM   374 C  CZ3 . TRP A 1 66  ? 3.563   -7.473  3.737   1.00 85.13  ? 1517 TRP A CZ3 1 
ATOM   375 C  CH2 . TRP A 1 66  ? 4.720   -7.925  3.080   1.00 89.51  ? 1517 TRP A CH2 1 
ATOM   376 N  N   . ARG A 1 67  ? -0.573  -9.546  -0.490  1.00 85.95  ? 1518 ARG A N   1 
ATOM   377 C  CA  . ARG A 1 67  ? -0.608  -10.986 -0.218  1.00 92.48  ? 1518 ARG A CA  1 
ATOM   378 C  C   . ARG A 1 67  ? 0.822   -11.584 -0.173  1.00 100.86 ? 1518 ARG A C   1 
ATOM   379 O  O   . ARG A 1 67  ? 1.248   -12.241 -1.132  1.00 104.75 ? 1518 ARG A O   1 
ATOM   380 C  CB  . ARG A 1 67  ? -1.539  -11.740 -1.194  1.00 95.41  ? 1518 ARG A CB  1 
ATOM   381 N  N   . PRO A 1 68  ? 1.576   -11.387 0.942   1.00 96.83  ? 1519 PRO A N   1 
ATOM   382 C  CA  . PRO A 1 68  ? 2.925   -11.980 1.022   1.00 104.21 ? 1519 PRO A CA  1 
ATOM   383 C  C   . PRO A 1 68  ? 2.896   -13.509 1.150   1.00 135.97 ? 1519 PRO A C   1 
ATOM   384 C  CB  . PRO A 1 68  ? 3.531   -11.330 2.265   1.00 104.10 ? 1519 PRO A CB  1 
ATOM   385 C  CG  . PRO A 1 68  ? 2.370   -10.960 3.115   1.00 104.46 ? 1519 PRO A CG  1 
ATOM   386 C  CD  . PRO A 1 68  ? 1.228   -10.660 2.184   1.00 95.73  ? 1519 PRO A CD  1 
ATOM   387 N  N   . SER A 1 70  ? 0.650   -16.118 1.420   1.00 122.18 ? 1521 SER A N   1 
ATOM   388 C  CA  . SER A 1 70  ? -0.524  -16.985 1.416   1.00 126.70 ? 1521 SER A CA  1 
ATOM   389 C  C   . SER A 1 70  ? -1.758  -16.305 2.017   1.00 125.52 ? 1521 SER A C   1 
ATOM   390 O  O   . SER A 1 70  ? -2.866  -16.501 1.508   1.00 125.90 ? 1521 SER A O   1 
ATOM   391 C  CB  . SER A 1 70  ? -0.237  -18.300 2.140   1.00 140.42 ? 1521 SER A CB  1 
ATOM   392 N  N   . THR A 1 71  ? -1.570  -15.512 3.092   1.00 117.66 ? 1522 THR A N   1 
ATOM   393 C  CA  . THR A 1 71  ? -2.656  -14.788 3.756   1.00 112.83 ? 1522 THR A CA  1 
ATOM   394 C  C   . THR A 1 71  ? -2.633  -13.312 3.367   1.00 105.77 ? 1522 THR A C   1 
ATOM   395 O  O   . THR A 1 71  ? -1.586  -12.663 3.478   1.00 102.27 ? 1522 THR A O   1 
ATOM   396 C  CB  . THR A 1 71  ? -2.587  -14.989 5.274   1.00 124.40 ? 1522 THR A CB  1 
ATOM   397 N  N   . ALA A 1 72  ? -3.787  -12.787 2.895   1.00 96.98  ? 1523 ALA A N   1 
ATOM   398 C  CA  . ALA A 1 72  ? -3.933  -11.381 2.503   1.00 88.02  ? 1523 ALA A CA  1 
ATOM   399 C  C   . ALA A 1 72  ? -3.953  -10.503 3.732   1.00 87.71  ? 1523 ALA A C   1 
ATOM   400 O  O   . ALA A 1 72  ? -4.607  -10.831 4.722   1.00 90.21  ? 1523 ALA A O   1 
ATOM   401 C  CB  . ALA A 1 72  ? -5.205  -11.172 1.703   1.00 87.66  ? 1523 ALA A CB  1 
ATOM   402 N  N   . GLN A 1 73  ? -3.226  -9.389  3.679   1.00 78.33  ? 1524 GLN A N   1 
ATOM   403 C  CA  . GLN A 1 73  ? -3.139  -8.469  4.804   1.00 74.70  ? 1524 GLN A CA  1 
ATOM   404 C  C   . GLN A 1 73  ? -3.525  -7.054  4.391   1.00 71.15  ? 1524 GLN A C   1 
ATOM   405 O  O   . GLN A 1 73  ? -2.991  -6.549  3.410   1.00 67.43  ? 1524 GLN A O   1 
ATOM   406 C  CB  . GLN A 1 73  ? -1.712  -8.510  5.386   1.00 76.30  ? 1524 GLN A CB  1 
ATOM   407 C  CG  . GLN A 1 73  ? -1.469  -7.521  6.524   1.00 82.51  ? 1524 GLN A CG  1 
ATOM   408 C  CD  . GLN A 1 73  ? -0.172  -7.748  7.247   1.00 97.25  ? 1524 GLN A CD  1 
ATOM   409 O  OE1 . GLN A 1 73  ? 0.895   -7.952  6.644   1.00 93.56  ? 1524 GLN A OE1 1 
ATOM   410 N  NE2 . GLN A 1 73  ? -0.233  -7.666  8.566   1.00 86.04  ? 1524 GLN A NE2 1 
ATOM   411 N  N   . ILE A 1 74  ? -4.431  -6.416  5.151   1.00 67.49  ? 1525 ILE A N   1 
ATOM   412 C  CA  . ILE A 1 74  ? -4.825  -5.004  4.982   1.00 62.52  ? 1525 ILE A CA  1 
ATOM   413 C  C   . ILE A 1 74  ? -3.671  -4.156  5.493   1.00 62.48  ? 1525 ILE A C   1 
ATOM   414 O  O   . ILE A 1 74  ? -3.193  -4.376  6.616   1.00 63.69  ? 1525 ILE A O   1 
ATOM   415 C  CB  . ILE A 1 74  ? -6.141  -4.649  5.763   1.00 66.83  ? 1525 ILE A CB  1 
ATOM   416 C  CG1 . ILE A 1 74  ? -7.379  -5.283  5.056   1.00 70.52  ? 1525 ILE A CG1 1 
ATOM   417 C  CG2 . ILE A 1 74  ? -6.308  -3.114  5.921   1.00 61.10  ? 1525 ILE A CG2 1 
ATOM   418 C  CD1 . ILE A 1 74  ? -8.732  -5.063  5.759   1.00 85.18  ? 1525 ILE A CD1 1 
ATOM   419 N  N   . LEU A 1 75  ? -3.244  -3.176  4.684   1.00 55.21  ? 1526 LEU A N   1 
ATOM   420 C  CA  . LEU A 1 75  ? -2.194  -2.230  5.074   1.00 52.99  ? 1526 LEU A CA  1 
ATOM   421 C  C   . LEU A 1 75  ? -2.845  -0.973  5.609   1.00 54.19  ? 1526 LEU A C   1 
ATOM   422 O  O   . LEU A 1 75  ? -3.755  -0.422  4.982   1.00 53.05  ? 1526 LEU A O   1 
ATOM   423 C  CB  . LEU A 1 75  ? -1.259  -1.886  3.901   1.00 51.01  ? 1526 LEU A CB  1 
ATOM   424 C  CG  . LEU A 1 75  ? -0.645  -3.056  3.114   1.00 58.87  ? 1526 LEU A CG  1 
ATOM   425 C  CD1 . LEU A 1 75  ? 0.169   -2.535  1.963   1.00 58.26  ? 1526 LEU A CD1 1 
ATOM   426 C  CD2 . LEU A 1 75  ? 0.234   -3.942  3.995   1.00 63.40  ? 1526 LEU A CD2 1 
ATOM   427 N  N   . SER A 1 76  ? -2.405  -0.542  6.790   1.00 50.50  ? 1527 SER A N   1 
ATOM   428 C  CA  . SER A 1 76  ? -2.927  0.662   7.421   1.00 49.14  ? 1527 SER A CA  1 
ATOM   429 C  C   . SER A 1 76  ? -1.884  1.370   8.244   1.00 51.63  ? 1527 SER A C   1 
ATOM   430 O  O   . SER A 1 76  ? -0.921  0.737   8.683   1.00 51.99  ? 1527 SER A O   1 
ATOM   431 C  CB  . SER A 1 76  ? -4.143  0.341   8.272   1.00 54.72  ? 1527 SER A CB  1 
ATOM   432 O  OG  . SER A 1 76  ? -4.910  1.528   8.351   1.00 67.82  ? 1527 SER A OG  1 
ATOM   433 N  N   . ASP A 1 77  ? -2.047  2.698   8.426   1.00 46.32  ? 1528 ASP A N   1 
ATOM   434 C  CA  . ASP A 1 77  ? -1.119  3.502   9.224   1.00 45.63  ? 1528 ASP A CA  1 
ATOM   435 C  C   . ASP A 1 77  ? -0.973  2.900   10.609  1.00 51.26  ? 1528 ASP A C   1 
ATOM   436 O  O   . ASP A 1 77  ? 0.147   2.652   11.050  1.00 51.69  ? 1528 ASP A O   1 
ATOM   437 C  CB  . ASP A 1 77  ? -1.618  4.946   9.366   1.00 46.39  ? 1528 ASP A CB  1 
ATOM   438 C  CG  . ASP A 1 77  ? -1.301  5.828   8.184   1.00 47.41  ? 1528 ASP A CG  1 
ATOM   439 O  OD1 . ASP A 1 77  ? -1.757  6.974   8.172   1.00 50.58  ? 1528 ASP A OD1 1 
ATOM   440 O  OD2 . ASP A 1 77  ? -0.619  5.359   7.258   1.00 51.32  ? 1528 ASP A OD2 1 
ATOM   441 N  N   . LEU A 1 78  ? -2.104  2.654   11.281  1.00 47.94  ? 1529 LEU A N   1 
ATOM   442 C  CA  . LEU A 1 78  ? -2.103  2.092   12.621  1.00 50.62  ? 1529 LEU A CA  1 
ATOM   443 C  C   . LEU A 1 78  ? -3.000  0.899   12.639  1.00 59.38  ? 1529 LEU A C   1 
ATOM   444 O  O   . LEU A 1 78  ? -4.162  0.999   12.239  1.00 60.95  ? 1529 LEU A O   1 
ATOM   445 C  CB  . LEU A 1 78  ? -2.554  3.123   13.687  1.00 51.65  ? 1529 LEU A CB  1 
ATOM   446 C  CG  . LEU A 1 78  ? -1.695  4.406   13.871  1.00 54.52  ? 1529 LEU A CG  1 
ATOM   447 C  CD1 . LEU A 1 78  ? -2.445  5.450   14.687  1.00 54.07  ? 1529 LEU A CD1 1 
ATOM   448 C  CD2 . LEU A 1 78  ? -0.337  4.092   14.486  1.00 57.50  ? 1529 LEU A CD2 1 
ATOM   449 N  N   . ASP A 1 79  ? -2.442  -0.250  13.042  1.00 57.47  ? 1530 ASP A N   1 
ATOM   450 C  CA  . ASP A 1 79  ? -3.163  -1.505  13.178  1.00 60.38  ? 1530 ASP A CA  1 
ATOM   451 C  C   . ASP A 1 79  ? -2.567  -2.296  14.345  1.00 69.36  ? 1530 ASP A C   1 
ATOM   452 O  O   . ASP A 1 79  ? -1.719  -1.767  15.086  1.00 70.43  ? 1530 ASP A O   1 
ATOM   453 C  CB  . ASP A 1 79  ? -3.219  -2.302  11.843  1.00 61.14  ? 1530 ASP A CB  1 
ATOM   454 C  CG  . ASP A 1 79  ? -1.910  -2.860  11.309  1.00 70.97  ? 1530 ASP A CG  1 
ATOM   455 O  OD1 . ASP A 1 79  ? -0.878  -2.760  12.019  1.00 73.94  ? 1530 ASP A OD1 1 
ATOM   456 O  OD2 . ASP A 1 79  ? -1.907  -3.373  10.168  1.00 67.53  ? 1530 ASP A OD2 1 
ATOM   457 N  N   . LEU A 1 80  ? -3.021  -3.540  14.531  1.00 68.81  ? 1531 LEU A N   1 
ATOM   458 C  CA  . LEU A 1 80  ? -2.586  -4.418  15.615  1.00 73.34  ? 1531 LEU A CA  1 
ATOM   459 C  C   . LEU A 1 80  ? -1.135  -4.902  15.446  1.00 79.45  ? 1531 LEU A C   1 
ATOM   460 O  O   . LEU A 1 80  ? -0.534  -5.368  16.416  1.00 82.86  ? 1531 LEU A O   1 
ATOM   461 C  CB  . LEU A 1 80  ? -3.556  -5.599  15.748  1.00 78.12  ? 1531 LEU A CB  1 
ATOM   462 C  CG  . LEU A 1 80  ? -4.975  -5.232  16.218  1.00 83.29  ? 1531 LEU A CG  1 
ATOM   463 C  CD1 . LEU A 1 80  ? -5.941  -6.408  16.061  1.00 88.48  ? 1531 LEU A CD1 1 
ATOM   464 C  CD2 . LEU A 1 80  ? -4.977  -4.720  17.651  1.00 84.52  ? 1531 LEU A CD2 1 
ATOM   465 N  N   . THR A 1 81  ? -0.571  -4.766  14.226  1.00 74.14  ? 1532 THR A N   1 
ATOM   466 C  CA  . THR A 1 81  ? 0.812   -5.153  13.936  1.00 75.34  ? 1532 THR A CA  1 
ATOM   467 C  C   . THR A 1 81  ? 1.782   -4.021  14.220  1.00 79.32  ? 1532 THR A C   1 
ATOM   468 O  O   . THR A 1 81  ? 2.979   -4.284  14.262  1.00 82.84  ? 1532 THR A O   1 
ATOM   469 C  CB  . THR A 1 81  ? 1.003   -5.601  12.476  1.00 77.97  ? 1532 THR A CB  1 
ATOM   470 O  OG1 . THR A 1 81  ? 1.262   -4.448  11.664  1.00 70.09  ? 1532 THR A OG1 1 
ATOM   471 C  CG2 . THR A 1 81  ? -0.166  -6.427  11.928  1.00 71.60  ? 1532 THR A CG2 1 
ATOM   472 N  N   . SER A 1 82  ? 1.284   -2.764  14.369  1.00 72.78  ? 1533 SER A N   1 
ATOM   473 C  CA  . SER A 1 82  ? 2.100   -1.553  14.576  1.00 70.57  ? 1533 SER A CA  1 
ATOM   474 C  C   . SER A 1 82  ? 3.134   -1.699  15.694  1.00 80.90  ? 1533 SER A C   1 
ATOM   475 O  O   . SER A 1 82  ? 2.868   -2.358  16.700  1.00 84.30  ? 1533 SER A O   1 
ATOM   476 C  CB  . SER A 1 82  ? 1.226   -0.329  14.829  1.00 69.25  ? 1533 SER A CB  1 
ATOM   477 O  OG  . SER A 1 82  ? 0.511   0.046   13.663  1.00 72.30  ? 1533 SER A OG  1 
ATOM   478 N  N   . GLN A 1 83  ? 4.324   -1.098  15.489  1.00 78.02  ? 1534 GLN A N   1 
ATOM   479 C  CA  . GLN A 1 83  ? 5.436   -1.130  16.436  1.00 81.75  ? 1534 GLN A CA  1 
ATOM   480 C  C   . GLN A 1 83  ? 5.001   -0.538  17.771  1.00 87.73  ? 1534 GLN A C   1 
ATOM   481 O  O   . GLN A 1 83  ? 4.487   0.579   17.817  1.00 83.62  ? 1534 GLN A O   1 
ATOM   482 C  CB  . GLN A 1 83  ? 6.667   -0.415  15.866  1.00 81.68  ? 1534 GLN A CB  1 
ATOM   483 N  N   . ARG A 1 84  ? 5.130   -1.345  18.836  1.00 90.45  ? 1535 ARG A N   1 
ATOM   484 C  CA  . ARG A 1 84  ? 4.722   -1.013  20.197  1.00 125.37 ? 1535 ARG A CA  1 
ATOM   485 C  C   . ARG A 1 84  ? 5.914   -1.023  21.149  1.00 150.39 ? 1535 ARG A C   1 
ATOM   486 O  O   . ARG A 1 84  ? 7.002   -0.580  20.784  1.00 106.44 ? 1535 ARG A O   1 
ATOM   487 C  CB  . ARG A 1 84  ? 3.646   -2.002  20.673  1.00 128.76 ? 1535 ARG A CB  1 
ATOM   488 N  N   . TRP A 1 88  ? 1.730   3.119   23.398  1.00 100.08 ? 1539 TRP A N   1 
ATOM   489 C  CA  . TRP A 1 88  ? 2.113   3.906   22.221  1.00 93.80  ? 1539 TRP A CA  1 
ATOM   490 C  C   . TRP A 1 88  ? 2.390   3.004   21.010  1.00 91.94  ? 1539 TRP A C   1 
ATOM   491 O  O   . TRP A 1 88  ? 3.143   2.028   21.118  1.00 93.96  ? 1539 TRP A O   1 
ATOM   492 C  CB  . TRP A 1 88  ? 3.328   4.804   22.536  1.00 92.49  ? 1539 TRP A CB  1 
ATOM   493 N  N   . LYS A 1 89  ? 1.772   3.345   19.859  1.00 81.86  ? 1540 LYS A N   1 
ATOM   494 C  CA  . LYS A 1 89  ? 1.894   2.621   18.586  1.00 77.81  ? 1540 LYS A CA  1 
ATOM   495 C  C   . LYS A 1 89  ? 2.442   3.534   17.490  1.00 74.83  ? 1540 LYS A C   1 
ATOM   496 O  O   . LYS A 1 89  ? 1.882   4.610   17.241  1.00 73.59  ? 1540 LYS A O   1 
ATOM   497 C  CB  . LYS A 1 89  ? 0.544   2.008   18.169  1.00 79.10  ? 1540 LYS A CB  1 
ATOM   498 N  N   . ARG A 1 90  ? 3.545   3.102   16.849  1.00 66.44  ? 1541 ARG A N   1 
ATOM   499 C  CA  . ARG A 1 90  ? 4.230   3.818   15.770  1.00 60.92  ? 1541 ARG A CA  1 
ATOM   500 C  C   . ARG A 1 90  ? 3.558   3.584   14.410  1.00 60.41  ? 1541 ARG A C   1 
ATOM   501 O  O   . ARG A 1 90  ? 3.119   2.461   14.103  1.00 59.39  ? 1541 ARG A O   1 
ATOM   502 C  CB  . ARG A 1 90  ? 5.696   3.409   15.698  1.00 61.61  ? 1541 ARG A CB  1 
ATOM   503 C  CG  . ARG A 1 90  ? 6.424   3.574   17.031  1.00 72.28  ? 1541 ARG A CG  1 
ATOM   504 C  CD  . ARG A 1 90  ? 7.810   3.011   16.943  1.00 79.05  ? 1541 ARG A CD  1 
ATOM   505 N  NE  . ARG A 1 90  ? 8.717   3.982   16.343  1.00 85.79  ? 1541 ARG A NE  1 
ATOM   506 C  CZ  . ARG A 1 90  ? 9.552   4.742   17.037  1.00 91.84  ? 1541 ARG A CZ  1 
ATOM   507 N  NH1 . ARG A 1 90  ? 9.618   4.636   18.359  1.00 82.17  ? 1541 ARG A NH1 1 
ATOM   508 N  NH2 . ARG A 1 90  ? 10.338  5.608   16.415  1.00 72.78  ? 1541 ARG A NH2 1 
ATOM   509 N  N   . VAL A 1 91  ? 3.494   4.656   13.595  1.00 53.82  ? 1542 VAL A N   1 
ATOM   510 C  CA  . VAL A 1 91  ? 2.860   4.647   12.278  1.00 51.48  ? 1542 VAL A CA  1 
ATOM   511 C  C   . VAL A 1 91  ? 3.597   3.683   11.323  1.00 52.74  ? 1542 VAL A C   1 
ATOM   512 O  O   . VAL A 1 91  ? 4.835   3.635   11.269  1.00 52.82  ? 1542 VAL A O   1 
ATOM   513 C  CB  . VAL A 1 91  ? 2.680   6.086   11.702  1.00 53.83  ? 1542 VAL A CB  1 
ATOM   514 C  CG1 . VAL A 1 91  ? 4.016   6.751   11.407  1.00 53.53  ? 1542 VAL A CG1 1 
ATOM   515 C  CG2 . VAL A 1 91  ? 1.785   6.091   10.462  1.00 51.44  ? 1542 VAL A CG2 1 
ATOM   516 N  N   . ASN A 1 92  ? 2.808   2.885   10.618  1.00 47.26  ? 1543 ASN A N   1 
ATOM   517 C  CA  . ASN A 1 92  ? 3.281   1.894   9.659   1.00 47.03  ? 1543 ASN A CA  1 
ATOM   518 C  C   . ASN A 1 92  ? 3.705   2.521   8.347   1.00 49.66  ? 1543 ASN A C   1 
ATOM   519 O  O   . ASN A 1 92  ? 3.007   3.372   7.794   1.00 47.70  ? 1543 ASN A O   1 
ATOM   520 C  CB  . ASN A 1 92  ? 2.195   0.817   9.380   1.00 43.95  ? 1543 ASN A CB  1 
ATOM   521 C  CG  . ASN A 1 92  ? 1.797   -0.026  10.575  1.00 61.34  ? 1543 ASN A CG  1 
ATOM   522 O  OD1 . ASN A 1 92  ? 2.455   -0.025  11.612  1.00 55.34  ? 1543 ASN A OD1 1 
ATOM   523 N  ND2 . ASN A 1 92  ? 0.689   -0.747  10.475  1.00 51.96  ? 1543 ASN A ND2 1 
ATOM   524 N  N   . THR A 1 93  ? 4.817   2.040   7.816   1.00 48.92  ? 1544 THR A N   1 
ATOM   525 C  CA  . THR A 1 93  ? 5.315   2.418   6.493   1.00 49.27  ? 1544 THR A CA  1 
ATOM   526 C  C   . THR A 1 93  ? 5.387   1.111   5.691   1.00 56.67  ? 1544 THR A C   1 
ATOM   527 O  O   . THR A 1 93  ? 5.175   0.042   6.276   1.00 59.69  ? 1544 THR A O   1 
ATOM   528 C  CB  . THR A 1 93  ? 6.698   3.113   6.616   1.00 56.14  ? 1544 THR A CB  1 
ATOM   529 O  OG1 . THR A 1 93  ? 7.621   2.140   7.061   1.00 61.67  ? 1544 THR A OG1 1 
ATOM   530 C  CG2 . THR A 1 93  ? 6.696   4.326   7.591   1.00 51.74  ? 1544 THR A CG2 1 
ATOM   531 N  N   . LEU A 1 94  ? 5.722   1.158   4.384   1.00 54.05  ? 1545 LEU A N   1 
ATOM   532 C  CA  . LEU A 1 94  ? 5.898   -0.093  3.624   1.00 56.91  ? 1545 LEU A CA  1 
ATOM   533 C  C   . LEU A 1 94  ? 7.066   -0.917  4.191   1.00 65.20  ? 1545 LEU A C   1 
ATOM   534 O  O   . LEU A 1 94  ? 6.997   -2.142  4.219   1.00 68.57  ? 1545 LEU A O   1 
ATOM   535 C  CB  . LEU A 1 94  ? 6.117   0.170   2.133   1.00 57.37  ? 1545 LEU A CB  1 
ATOM   536 C  CG  . LEU A 1 94  ? 4.933   0.746   1.351   1.00 59.02  ? 1545 LEU A CG  1 
ATOM   537 C  CD1 . LEU A 1 94  ? 5.384   1.165   -0.031  1.00 59.20  ? 1545 LEU A CD1 1 
ATOM   538 C  CD2 . LEU A 1 94  ? 3.782   -0.249  1.254   1.00 59.41  ? 1545 LEU A CD2 1 
ATOM   539 N  N   . MET A 1 95  ? 8.097   -0.222  4.700   1.00 62.80  ? 1546 MET A N   1 
ATOM   540 C  CA  . MET A 1 95  ? 9.277   -0.763  5.366   1.00 68.41  ? 1546 MET A CA  1 
ATOM   541 C  C   . MET A 1 95  ? 8.839   -1.600  6.590   1.00 69.36  ? 1546 MET A C   1 
ATOM   542 O  O   . MET A 1 95  ? 9.392   -2.687  6.800   1.00 73.27  ? 1546 MET A O   1 
ATOM   543 C  CB  . MET A 1 95  ? 10.170  0.428   5.764   1.00 72.53  ? 1546 MET A CB  1 
ATOM   544 C  CG  . MET A 1 95  ? 11.552  0.114   6.249   1.00 84.26  ? 1546 MET A CG  1 
ATOM   545 S  SD  . MET A 1 95  ? 12.464  1.682   6.561   1.00 91.56  ? 1546 MET A SD  1 
ATOM   546 C  CE  . MET A 1 95  ? 11.164  2.708   7.406   1.00 82.77  ? 1546 MET A CE  1 
ATOM   547 N  N   . HIS A 1 96  ? 7.817   -1.116  7.368   1.00 59.63  ? 1547 HIS A N   1 
ATOM   548 C  CA  . HIS A 1 96  ? 7.280   -1.840  8.530   1.00 60.11  ? 1547 HIS A CA  1 
ATOM   549 C  C   . HIS A 1 96  ? 6.753   -3.246  8.142   1.00 66.33  ? 1547 HIS A C   1 
ATOM   550 O  O   . HIS A 1 96  ? 7.084   -4.229  8.799   1.00 69.85  ? 1547 HIS A O   1 
ATOM   551 C  CB  . HIS A 1 96  ? 6.170   -1.032  9.232   1.00 56.24  ? 1547 HIS A CB  1 
ATOM   552 C  CG  . HIS A 1 96  ? 5.339   -1.869  10.156  1.00 60.71  ? 1547 HIS A CG  1 
ATOM   553 N  ND1 . HIS A 1 96  ? 5.783   -2.199  11.421  1.00 65.67  ? 1547 HIS A ND1 1 
ATOM   554 C  CD2 . HIS A 1 96  ? 4.143   -2.466  9.942   1.00 61.18  ? 1547 HIS A CD2 1 
ATOM   555 C  CE1 . HIS A 1 96  ? 4.838   -2.961  11.947  1.00 66.49  ? 1547 HIS A CE1 1 
ATOM   556 N  NE2 . HIS A 1 96  ? 3.827   -3.139  11.096  1.00 64.56  ? 1547 HIS A NE2 1 
ATOM   557 N  N   . TYR A 1 97  ? 5.918   -3.319  7.096   1.00 62.14  ? 1548 TYR A N   1 
ATOM   558 C  CA  . TYR A 1 97  ? 5.320   -4.562  6.594   1.00 64.86  ? 1548 TYR A CA  1 
ATOM   559 C  C   . TYR A 1 97  ? 6.318   -5.443  5.839   1.00 75.60  ? 1548 TYR A C   1 
ATOM   560 O  O   . TYR A 1 97  ? 6.066   -6.639  5.658   1.00 81.05  ? 1548 TYR A O   1 
ATOM   561 C  CB  . TYR A 1 97  ? 4.123   -4.231  5.690   1.00 61.56  ? 1548 TYR A CB  1 
ATOM   562 C  CG  . TYR A 1 97  ? 2.923   -3.694  6.437   1.00 60.20  ? 1548 TYR A CG  1 
ATOM   563 C  CD1 . TYR A 1 97  ? 2.114   -4.536  7.200   1.00 64.61  ? 1548 TYR A CD1 1 
ATOM   564 C  CD2 . TYR A 1 97  ? 2.561   -2.355  6.345   1.00 56.43  ? 1548 TYR A CD2 1 
ATOM   565 C  CE1 . TYR A 1 97  ? 0.997   -4.050  7.877   1.00 62.77  ? 1548 TYR A CE1 1 
ATOM   566 C  CE2 . TYR A 1 97  ? 1.421   -1.864  6.987   1.00 55.05  ? 1548 TYR A CE2 1 
ATOM   567 C  CZ  . TYR A 1 97  ? 0.653   -2.711  7.764   1.00 60.95  ? 1548 TYR A CZ  1 
ATOM   568 O  OH  . TYR A 1 97  ? -0.470  -2.230  8.388   1.00 56.38  ? 1548 TYR A OH  1 
ATOM   569 N  N   . ASN A 1 98  ? 7.449   -4.853  5.411   1.00 72.74  ? 1549 ASN A N   1 
ATOM   570 C  CA  . ASN A 1 98  ? 8.522   -5.463  4.621   1.00 77.76  ? 1549 ASN A CA  1 
ATOM   571 C  C   . ASN A 1 98  ? 8.044   -5.673  3.170   1.00 81.89  ? 1549 ASN A C   1 
ATOM   572 O  O   . ASN A 1 98  ? 8.319   -6.704  2.558   1.00 86.40  ? 1549 ASN A O   1 
ATOM   573 C  CB  . ASN A 1 98  ? 9.097   -6.748  5.262   1.00 86.06  ? 1549 ASN A CB  1 
ATOM   574 C  CG  . ASN A 1 98  ? 10.509  -7.059  4.834   1.00 111.10 ? 1549 ASN A CG  1 
ATOM   575 N  N   . VAL A 1 99  ? 7.339   -4.659  2.621   1.00 72.72  ? 1550 VAL A N   1 
ATOM   576 C  CA  . VAL A 1 99  ? 6.867   -4.626  1.238   1.00 71.18  ? 1550 VAL A CA  1 
ATOM   577 C  C   . VAL A 1 99  ? 8.095   -4.214  0.413   1.00 80.31  ? 1550 VAL A C   1 
ATOM   578 O  O   . VAL A 1 99  ? 8.655   -3.137  0.647   1.00 80.44  ? 1550 VAL A O   1 
ATOM   579 C  CB  . VAL A 1 99  ? 5.680   -3.632  1.083   1.00 69.01  ? 1550 VAL A CB  1 
ATOM   580 C  CG1 . VAL A 1 99  ? 5.408   -3.302  -0.383  1.00 67.12  ? 1550 VAL A CG1 1 
ATOM   581 C  CG2 . VAL A 1 99  ? 4.414   -4.170  1.756   1.00 68.02  ? 1550 VAL A CG2 1 
ATOM   582 N  N   . ARG A 1 100 ? 8.558   -5.089  -0.485  1.00 81.79  ? 1551 ARG A N   1 
ATOM   583 C  CA  . ARG A 1 100 ? 9.752   -4.823  -1.297  1.00 84.75  ? 1551 ARG A CA  1 
ATOM   584 C  C   . ARG A 1 100 ? 9.392   -4.364  -2.709  1.00 85.35  ? 1551 ARG A C   1 
ATOM   585 O  O   . ARG A 1 100 ? 8.242   -4.459  -3.102  1.00 80.38  ? 1551 ARG A O   1 
ATOM   586 C  CB  . ARG A 1 100 ? 10.672  -6.060  -1.337  1.00 92.27  ? 1551 ARG A CB  1 
ATOM   587 N  N   . ASP A 1 101 ? 10.381  -3.859  -3.459  1.00 86.29  ? 1552 ASP A N   1 
ATOM   588 C  CA  . ASP A 1 101 ? 10.252  -3.409  -4.848  1.00 86.04  ? 1552 ASP A CA  1 
ATOM   589 C  C   . ASP A 1 101 ? 9.607   -4.520  -5.701  1.00 91.79  ? 1552 ASP A C   1 
ATOM   590 O  O   . ASP A 1 101 ? 10.043  -5.676  -5.643  1.00 95.83  ? 1552 ASP A O   1 
ATOM   591 C  CB  . ASP A 1 101 ? 11.652  -3.083  -5.414  1.00 92.84  ? 1552 ASP A CB  1 
ATOM   592 C  CG  . ASP A 1 101 ? 11.704  -1.933  -6.402  1.00 105.10 ? 1552 ASP A CG  1 
ATOM   593 O  OD1 . ASP A 1 101 ? 10.791  -1.831  -7.247  1.00 103.31 ? 1552 ASP A OD1 1 
ATOM   594 O  OD2 . ASP A 1 101 ? 12.683  -1.164  -6.361  1.00 118.26 ? 1552 ASP A OD2 1 
ATOM   595 N  N   . GLY A 1 102 ? 8.555   -4.163  -6.436  1.00 84.26  ? 1553 GLY A N   1 
ATOM   596 C  CA  . GLY A 1 102 ? 7.843   -5.092  -7.306  1.00 84.75  ? 1553 GLY A CA  1 
ATOM   597 C  C   . GLY A 1 102 ? 6.600   -5.720  -6.716  1.00 86.09  ? 1553 GLY A C   1 
ATOM   598 O  O   . GLY A 1 102 ? 5.805   -6.290  -7.459  1.00 86.67  ? 1553 GLY A O   1 
ATOM   599 N  N   . ALA A 1 103 ? 6.406   -5.608  -5.387  1.00 80.51  ? 1554 ALA A N   1 
ATOM   600 C  CA  . ALA A 1 103 ? 5.261   -6.186  -4.669  1.00 78.43  ? 1554 ALA A CA  1 
ATOM   601 C  C   . ALA A 1 103 ? 3.906   -5.813  -5.276  1.00 78.11  ? 1554 ALA A C   1 
ATOM   602 O  O   . ALA A 1 103 ? 3.721   -4.689  -5.734  1.00 74.67  ? 1554 ALA A O   1 
ATOM   603 C  CB  . ALA A 1 103 ? 5.296   -5.783  -3.201  1.00 76.81  ? 1554 ALA A CB  1 
ATOM   604 N  N   . THR A 1 104 ? 2.969   -6.762  -5.270  1.00 75.39  ? 1555 THR A N   1 
ATOM   605 C  CA  . THR A 1 104 ? 1.623   -6.565  -5.792  1.00 72.61  ? 1555 THR A CA  1 
ATOM   606 C  C   . THR A 1 104 ? 0.672   -6.109  -4.666  1.00 73.75  ? 1555 THR A C   1 
ATOM   607 O  O   . THR A 1 104 ? 0.581   -6.771  -3.630  1.00 76.52  ? 1555 THR A O   1 
ATOM   608 C  CB  . THR A 1 104 ? 1.161   -7.846  -6.494  1.00 79.52  ? 1555 THR A CB  1 
ATOM   609 O  OG1 . THR A 1 104 ? 1.971   -8.043  -7.653  1.00 82.54  ? 1555 THR A OG1 1 
ATOM   610 C  CG2 . THR A 1 104 ? -0.298  -7.805  -6.892  1.00 75.68  ? 1555 THR A CG2 1 
ATOM   611 N  N   . LEU A 1 105 ? -0.038  -4.985  -4.878  1.00 64.58  ? 1556 LEU A N   1 
ATOM   612 C  CA  . LEU A 1 105 ? -1.011  -4.471  -3.909  1.00 61.38  ? 1556 LEU A CA  1 
ATOM   613 C  C   . LEU A 1 105 ? -2.389  -4.468  -4.518  1.00 64.07  ? 1556 LEU A C   1 
ATOM   614 O  O   . LEU A 1 105 ? -2.520  -4.393  -5.738  1.00 64.82  ? 1556 LEU A O   1 
ATOM   615 C  CB  . LEU A 1 105 ? -0.645  -3.060  -3.383  1.00 57.87  ? 1556 LEU A CB  1 
ATOM   616 C  CG  . LEU A 1 105 ? 0.739   -2.821  -2.750  1.00 61.22  ? 1556 LEU A CG  1 
ATOM   617 C  CD1 . LEU A 1 105 ? 0.819   -1.411  -2.181  1.00 57.26  ? 1556 LEU A CD1 1 
ATOM   618 C  CD2 . LEU A 1 105 ? 1.052   -3.812  -1.647  1.00 64.74  ? 1556 LEU A CD2 1 
ATOM   619 N  N   . ILE A 1 106 ? -3.421  -4.597  -3.688  1.00 60.67  ? 1557 ILE A N   1 
ATOM   620 C  CA  . ILE A 1 106 ? -4.815  -4.655  -4.149  1.00 61.07  ? 1557 ILE A CA  1 
ATOM   621 C  C   . ILE A 1 106 ? -5.577  -3.468  -3.564  1.00 63.35  ? 1557 ILE A C   1 
ATOM   622 O  O   . ILE A 1 106 ? -5.548  -3.261  -2.361  1.00 62.18  ? 1557 ILE A O   1 
ATOM   623 C  CB  . ILE A 1 106 ? -5.473  -6.020  -3.830  1.00 67.54  ? 1557 ILE A CB  1 
ATOM   624 C  CG1 . ILE A 1 106 ? -4.650  -7.187  -4.435  1.00 71.12  ? 1557 ILE A CG1 1 
ATOM   625 C  CG2 . ILE A 1 106 ? -6.949  -6.076  -4.323  1.00 69.59  ? 1557 ILE A CG2 1 
ATOM   626 C  CD1 . ILE A 1 106 ? -4.830  -8.528  -3.750  1.00 79.92  ? 1557 ILE A CD1 1 
ATOM   627 N  N   . LEU A 1 107 ? -6.198  -2.661  -4.431  1.00 59.57  ? 1558 LEU A N   1 
ATOM   628 C  CA  . LEU A 1 107 ? -6.966  -1.476  -4.070  1.00 58.13  ? 1558 LEU A CA  1 
ATOM   629 C  C   . LEU A 1 107 ? -8.438  -1.746  -4.305  1.00 66.90  ? 1558 LEU A C   1 
ATOM   630 O  O   . LEU A 1 107 ? -8.825  -2.232  -5.367  1.00 67.70  ? 1558 LEU A O   1 
ATOM   631 C  CB  . LEU A 1 107 ? -6.503  -0.278  -4.906  1.00 56.65  ? 1558 LEU A CB  1 
ATOM   632 C  CG  . LEU A 1 107 ? -7.167  1.073   -4.637  1.00 62.41  ? 1558 LEU A CG  1 
ATOM   633 C  CD1 . LEU A 1 107 ? -6.652  1.698   -3.351  1.00 60.17  ? 1558 LEU A CD1 1 
ATOM   634 C  CD2 . LEU A 1 107 ? -6.912  2.028   -5.792  1.00 65.82  ? 1558 LEU A CD2 1 
ATOM   635 N  N   . SER A 1 108 ? -9.257  -1.474  -3.281  1.00 67.21  ? 1559 SER A N   1 
ATOM   636 C  CA  . SER A 1 108 ? -10.713 -1.637  -3.328  1.00 70.52  ? 1559 SER A CA  1 
ATOM   637 C  C   . SER A 1 108 ? -11.330 -0.442  -2.641  1.00 77.68  ? 1559 SER A C   1 
ATOM   638 O  O   . SER A 1 108 ? -10.657 0.215   -1.846  1.00 76.33  ? 1559 SER A O   1 
ATOM   639 C  CB  . SER A 1 108 ? -11.136 -2.939  -2.662  1.00 73.78  ? 1559 SER A CB  1 
ATOM   640 O  OG  . SER A 1 108 ? -10.593 -3.052  -1.363  1.00 76.44  ? 1559 SER A OG  1 
ATOM   641 N  N   . LYS A 1 109 ? -12.557 -0.096  -3.010  1.00 79.56  ? 1560 LYS A N   1 
ATOM   642 C  CA  . LYS A 1 109 ? -13.244 1.062   -2.447  1.00 82.47  ? 1560 LYS A CA  1 
ATOM   643 C  C   . LYS A 1 109 ? -14.415 0.634   -1.550  1.00 92.48  ? 1560 LYS A C   1 
ATOM   644 O  O   . LYS A 1 109 ? -14.879 -0.507  -1.644  1.00 94.77  ? 1560 LYS A O   1 
ATOM   645 C  CB  . LYS A 1 109 ? -13.718 1.996   -3.578  1.00 87.16  ? 1560 LYS A CB  1 
ATOM   646 N  N   . VAL A 1 110 ? -14.895 1.573   -0.698  1.00 90.98  ? 1561 VAL A N   1 
ATOM   647 C  CA  . VAL A 1 110 ? -15.996 1.436   0.261   1.00 121.65 ? 1561 VAL A CA  1 
ATOM   648 C  C   . VAL A 1 110 ? -15.606 0.484   1.380   1.00 146.48 ? 1561 VAL A C   1 
ATOM   649 O  O   . VAL A 1 110 ? -14.684 0.786   2.133   1.00 100.19 ? 1561 VAL A O   1 
ATOM   650 C  CB  . VAL A 1 110 ? -17.348 1.045   -0.382  1.00 131.79 ? 1561 VAL A CB  1 
HETATM 651 NA NA  . NA  B 2 .   ? 7.039   9.621   5.069   0.50 51.45  ? 1601 NA  A NA  1 
HETATM 652 O  O   . HOH C 3 .   ? 7.696   9.478   2.756   1.00 46.54  ? 1701 HOH A O   1 
HETATM 653 O  O   . HOH C 3 .   ? -4.003  4.289   6.349   1.00 59.85  ? 1702 HOH A O   1 
HETATM 654 O  O   . HOH C 3 .   ? -6.300  0.026   3.902   1.00 52.50  ? 1703 HOH A O   1 
HETATM 655 O  O   . HOH C 3 .   ? 4.162   6.534   -9.863  1.00 66.22  ? 1704 HOH A O   1 
HETATM 656 O  O   . HOH C 3 .   ? 7.221   8.881   -4.676  1.00 59.61  ? 1705 HOH A O   1 
HETATM 657 O  O   . HOH C 3 .   ? 0.022   8.787   7.506   1.00 43.73  ? 1706 HOH A O   1 
HETATM 658 O  O   . HOH C 3 .   ? 6.990   4.971   12.314  1.00 55.73  ? 1707 HOH A O   1 
HETATM 659 O  O   . HOH C 3 .   ? -8.451  -5.216  -11.959 1.00 67.15  ? 1708 HOH A O   1 
HETATM 660 O  O   . HOH C 3 .   ? 4.649   0.463   13.354  1.00 61.01  ? 1709 HOH A O   1 
# 
loop_
_atom_site_anisotrop.id 
_atom_site_anisotrop.type_symbol 
_atom_site_anisotrop.pdbx_label_atom_id 
_atom_site_anisotrop.pdbx_label_alt_id 
_atom_site_anisotrop.pdbx_label_comp_id 
_atom_site_anisotrop.pdbx_label_asym_id 
_atom_site_anisotrop.pdbx_label_seq_id 
_atom_site_anisotrop.pdbx_PDB_ins_code 
_atom_site_anisotrop.U[1][1] 
_atom_site_anisotrop.U[2][2] 
_atom_site_anisotrop.U[3][3] 
_atom_site_anisotrop.U[1][2] 
_atom_site_anisotrop.U[1][3] 
_atom_site_anisotrop.U[2][3] 
_atom_site_anisotrop.pdbx_auth_seq_id 
_atom_site_anisotrop.pdbx_auth_comp_id 
_atom_site_anisotrop.pdbx_auth_asym_id 
_atom_site_anisotrop.pdbx_auth_atom_id 
1   N N   . GLU A 8   ? 0.8520 2.0330 1.5685 -0.0543 -0.0848 -0.5196 1459 GLU A N   
2   C CA  . GLU A 8   ? 0.8322 2.0408 1.5345 -0.1223 -0.0245 -0.5477 1459 GLU A CA  
3   C C   . GLU A 8   ? 0.8777 1.9143 1.4975 -0.1353 0.0014  -0.5076 1459 GLU A C   
4   O O   . GLU A 8   ? 0.8836 1.8234 1.4964 -0.0746 -0.0205 -0.4826 1459 GLU A O   
5   C CB  . GLU A 8   ? 0.8466 2.2167 1.6514 -0.0931 -0.0114 -0.6177 1459 GLU A CB  
6   N N   . TYR A 9   ? 0.8229 1.8190 1.3729 -0.2171 0.0453  -0.5017 1460 TYR A N   
7   C CA  . TYR A 9   ? 0.8102 1.6620 1.2813 -0.2346 0.0698  -0.4684 1460 TYR A CA  
8   C C   . TYR A 9   ? 0.8022 1.7110 1.2967 -0.2536 0.1072  -0.5093 1460 TYR A C   
9   O O   . TYR A 9   ? 0.7952 1.8387 1.3278 -0.2966 0.1299  -0.5576 1460 TYR A O   
10  C CB  . TYR A 9   ? 0.8514 1.6091 1.2205 -0.3036 0.0871  -0.4365 1460 TYR A CB  
11  N N   . ALA A 10  ? 0.7039 1.5225 1.1761 -0.2264 0.1145  -0.4939 1461 ALA A N   
12  C CA  . ALA A 10  ? 0.6911 1.5518 1.1776 -0.2421 0.1491  -0.5314 1461 ALA A CA  
13  C C   . ALA A 10  ? 0.7202 1.4453 1.1368 -0.2428 0.1597  -0.4968 1461 ALA A C   
14  O O   . ALA A 10  ? 0.6805 1.3050 1.0754 -0.2012 0.1334  -0.4560 1461 ALA A O   
15  C CB  . ALA A 10  ? 0.6909 1.6619 1.2840 -0.1729 0.1361  -0.5827 1461 ALA A CB  
16  N N   . PRO A 11  ? 0.7017 1.4318 1.0820 -0.2926 0.1973  -0.5151 1462 PRO A N   
17  C CA  . PRO A 11  ? 0.7063 1.3232 1.0257 -0.2901 0.2030  -0.4856 1462 PRO A CA  
18  C C   . PRO A 11  ? 0.7303 1.3476 1.1030 -0.2271 0.1940  -0.5048 1462 PRO A C   
19  O O   . PRO A 11  ? 0.7222 1.4324 1.1772 -0.1863 0.1897  -0.5509 1462 PRO A O   
20  C CB  . PRO A 11  ? 0.7708 1.3995 1.0277 -0.3687 0.2427  -0.5013 1462 PRO A CB  
21  C CG  . PRO A 11  ? 0.8399 1.5925 1.1257 -0.4187 0.2622  -0.5429 1462 PRO A CG  
22  C CD  . PRO A 11  ? 0.7425 1.5895 1.1326 -0.3575 0.2357  -0.5656 1462 PRO A CD  
23  N N   . LEU A 12  ? 0.6851 1.1964 1.0068 -0.2178 0.1889  -0.4715 1463 LEU A N   
24  C CA  . LEU A 12  ? 0.6888 1.1679 1.0309 -0.1743 0.1835  -0.4843 1463 LEU A CA  
25  C C   . LEU A 12  ? 0.7211 1.1121 0.9860 -0.2041 0.1929  -0.4528 1463 LEU A C   
26  O O   . LEU A 12  ? 0.7071 1.0473 0.9110 -0.2344 0.1901  -0.4126 1463 LEU A O   
27  C CB  . LEU A 12  ? 0.6933 1.1275 1.0688 -0.1066 0.1426  -0.4685 1463 LEU A CB  
28  C CG  . LEU A 12  ? 0.7439 1.0757 1.0647 -0.1045 0.1174  -0.4081 1463 LEU A CG  
29  C CD1 . LEU A 12  ? 0.7784 1.0376 1.1008 -0.0565 0.0876  -0.3970 1463 LEU A CD1 
30  C CD2 . LEU A 12  ? 0.7382 1.0897 1.0585 -0.1134 0.1033  -0.3858 1463 LEU A CD2 
31  N N   . THR A 13  ? 0.6938 1.0684 0.9600 -0.1927 0.2021  -0.4742 1464 THR A N   
32  C CA  . THR A 13  ? 0.7039 1.0094 0.9032 -0.2189 0.2077  -0.4492 1464 THR A CA  
33  C C   . THR A 13  ? 0.7421 0.9758 0.9416 -0.1797 0.1836  -0.4335 1464 THR A C   
34  O O   . THR A 13  ? 0.7648 0.9953 1.0058 -0.1384 0.1756  -0.4631 1464 THR A O   
35  C CB  . THR A 13  ? 0.8524 1.1973 1.0332 -0.2579 0.2428  -0.4888 1464 THR A CB  
36  O OG1 . THR A 13  ? 0.8655 1.2790 1.0390 -0.3043 0.2667  -0.5063 1464 THR A OG1 
37  C CG2 . THR A 13  ? 0.8652 1.1467 0.9689 -0.2907 0.2448  -0.4600 1464 THR A CG2 
38  N N   . VAL A 14  ? 0.6705 0.8452 0.8183 -0.1938 0.1713  -0.3897 1465 VAL A N   
39  C CA  . VAL A 14  ? 0.6746 0.7833 0.8041 -0.1787 0.1534  -0.3732 1465 VAL A CA  
40  C C   . VAL A 14  ? 0.7187 0.8126 0.8005 -0.2137 0.1677  -0.3747 1465 VAL A C   
41  O O   . VAL A 14  ? 0.7119 0.8337 0.7648 -0.2455 0.1819  -0.3711 1465 VAL A O   
42  C CB  . VAL A 14  ? 0.6885 0.7623 0.8037 -0.1687 0.1271  -0.3285 1465 VAL A CB  
43  C CG1 . VAL A 14  ? 0.6800 0.7595 0.8376 -0.1325 0.1085  -0.3306 1465 VAL A CG1 
44  C CG2 . VAL A 14  ? 0.6465 0.7361 0.7295 -0.1918 0.1288  -0.2983 1465 VAL A CG2 
45  N N   . SER A 15  ? 0.7051 0.7495 0.7690 -0.2123 0.1622  -0.3804 1466 SER A N   
46  C CA  . SER A 15  ? 0.7331 0.7688 0.7507 -0.2494 0.1733  -0.3837 1466 SER A CA  
47  C C   . SER A 15  ? 0.7918 0.8020 0.7747 -0.2638 0.1535  -0.3444 1466 SER A C   
48  O O   . SER A 15  ? 0.8204 0.7798 0.7978 -0.2553 0.1389  -0.3371 1466 SER A O   
49  C CB  . SER A 15  ? 0.8403 0.8439 0.8582 -0.2450 0.1863  -0.4293 1466 SER A CB  
50  O OG  . SER A 15  ? 1.0175 1.0038 0.9839 -0.2853 0.1945  -0.4330 1466 SER A OG  
51  N N   . VAL A 16  ? 0.7104 0.7583 0.6665 -0.2855 0.1511  -0.3204 1467 VAL A N   
52  C CA  . VAL A 16  ? 0.6862 0.7448 0.6228 -0.2946 0.1334  -0.2898 1467 VAL A CA  
53  C C   . VAL A 16  ? 0.7919 0.8619 0.6905 -0.3322 0.1344  -0.2951 1467 VAL A C   
54  O O   . VAL A 16  ? 0.7993 0.8985 0.6738 -0.3505 0.1399  -0.3006 1467 VAL A O   
55  C CB  . VAL A 16  ? 0.6884 0.7852 0.6243 -0.2802 0.1225  -0.2625 1467 VAL A CB  
56  C CG1 . VAL A 16  ? 0.6702 0.8022 0.5964 -0.2831 0.1054  -0.2411 1467 VAL A CG1 
57  C CG2 . VAL A 16  ? 0.6599 0.7448 0.6266 -0.2519 0.1213  -0.2576 1467 VAL A CG2 
58  N N   . ILE A 17  ? 0.7771 0.8265 0.6619 -0.3500 0.1267  -0.2905 1468 ILE A N   
59  C CA  . ILE A 17  ? 0.8211 0.8897 0.6680 -0.3952 0.1262  -0.2955 1468 ILE A CA  
60  C C   . ILE A 17  ? 0.8712 1.0210 0.7231 -0.4003 0.1105  -0.2707 1468 ILE A C   
61  O O   . ILE A 17  ? 0.8468 0.9977 0.7129 -0.3896 0.1029  -0.2554 1468 ILE A O   
62  C CB  . ILE A 17  ? 0.9431 0.9252 0.7572 -0.4223 0.1301  -0.3122 1468 ILE A CB  
63  C CG1 . ILE A 17  ? 1.0036 0.9155 0.8180 -0.4053 0.1450  -0.3471 1468 ILE A CG1 
64  C CG2 . ILE A 17  ? 0.9792 0.9862 0.7461 -0.4838 0.1297  -0.3160 1468 ILE A CG2 
65  C CD1 . ILE A 17  ? 1.1820 0.9756 0.9562 -0.4149 0.1427  -0.3658 1468 ILE A CD1 
66  N N   . VAL A 18  ? 0.8366 1.0605 0.6772 -0.4124 0.1039  -0.2694 1469 VAL A N   
67  C CA  . VAL A 18  ? 0.8184 1.1404 0.6702 -0.4097 0.0865  -0.2556 1469 VAL A CA  
68  C C   . VAL A 18  ? 0.9048 1.2591 0.7326 -0.4700 0.0896  -0.2677 1469 VAL A C   
69  O O   . VAL A 18  ? 0.9168 1.2803 0.7135 -0.5096 0.0933  -0.2831 1469 VAL A O   
70  C CB  . VAL A 18  ? 0.8580 1.2404 0.7051 -0.3844 0.0695  -0.2479 1469 VAL A CB  
71  C CG1 . VAL A 18  ? 0.8386 1.3359 0.7051 -0.3696 0.0474  -0.2416 1469 VAL A CG1 
72  C CG2 . VAL A 18  ? 0.8308 1.1579 0.6821 -0.3395 0.0688  -0.2353 1469 VAL A CG2 
73  N N   . GLN A 19  ? 0.8809 1.2411 0.7129 -0.4853 0.0903  -0.2617 1470 GLN A N   
74  C CA  . GLN A 19  ? 0.9394 1.3112 0.7338 -0.5560 0.0961  -0.2715 1470 GLN A CA  
75  C C   . GLN A 19  ? 1.0142 1.5172 0.8043 -0.5966 0.0901  -0.2853 1470 GLN A C   
76  O O   . GLN A 19  ? 0.9590 1.5865 0.7901 -0.5625 0.0749  -0.2827 1470 GLN A O   
77  C CB  . GLN A 19  ? 0.9533 1.3272 0.7482 -0.5677 0.0966  -0.2598 1470 GLN A CB  
78  C CG  . GLN A 19  ? 1.0668 1.3677 0.7923 -0.6470 0.1051  -0.2648 1470 GLN A CG  
79  C CD  . GLN A 19  ? 1.3060 1.6497 1.0229 -0.6768 0.1060  -0.2547 1470 GLN A CD  
80  O OE1 . GLN A 19  ? 1.2110 1.7113 0.9623 -0.6863 0.1061  -0.2622 1470 GLN A OE1 
81  N NE2 . GLN A 19  ? 1.2993 1.5093 0.9702 -0.6877 0.1048  -0.2394 1470 GLN A NE2 
82  N N   . ASP A 20  ? 1.0486 1.5168 0.7848 -0.6672 0.0999  -0.3024 1471 ASP A N   
83  C CA  . ASP A 20  ? 1.0825 1.6642 0.8001 -0.7279 0.0965  -0.3207 1471 ASP A CA  
84  C C   . ASP A 20  ? 1.0991 1.7764 0.8429 -0.6920 0.0792  -0.3235 1471 ASP A C   
85  O O   . ASP A 20  ? 1.1370 1.9367 0.8757 -0.7326 0.0695  -0.3379 1471 ASP A O   
86  C CB  . ASP A 20  ? 1.1069 1.8205 0.8372 -0.7710 0.0953  -0.3248 1471 ASP A CB  
87  C CG  . ASP A 20  ? 1.3202 1.9342 1.0029 -0.8212 0.1103  -0.3185 1471 ASP A CG  
88  O OD1 . ASP A 20  ? 1.4102 1.8636 1.0224 -0.8617 0.1200  -0.3205 1471 ASP A OD1 
89  O OD2 . ASP A 20  ? 1.3813 2.0716 1.0901 -0.8190 0.1106  -0.3126 1471 ASP A OD2 
90  N N   . GLU A 21  ? 0.9966 1.6153 0.7579 -0.6245 0.0738  -0.3104 1472 GLU A N   
91  C CA  . GLU A 21  ? 0.9655 1.6449 0.7291 -0.5946 0.0541  -0.3074 1472 GLU A CA  
92  C C   . GLU A 21  ? 1.0273 1.6387 0.7376 -0.6352 0.0662  -0.3235 1472 GLU A C   
93  O O   . GLU A 21  ? 1.0364 1.7031 0.7303 -0.6316 0.0488  -0.3225 1472 GLU A O   
94  C CB  . GLU A 21  ? 0.9333 1.5883 0.7262 -0.5119 0.0403  -0.2842 1472 GLU A CB  
95  C CG  . GLU A 21  ? 1.0647 1.8215 0.9062 -0.4634 0.0194  -0.2743 1472 GLU A CG  
96  C CD  . GLU A 21  ? 1.4451 2.3548 1.3012 -0.4476 -0.0135 -0.2792 1472 GLU A CD  
97  O OE1 . GLU A 21  ? 1.4771 2.5077 1.3500 -0.4913 -0.0135 -0.2985 1472 GLU A OE1 
98  O OE2 . GLU A 21  ? 1.4205 2.3308 1.2681 -0.3913 -0.0418 -0.2645 1472 GLU A OE2 
99  N N   . GLY A 22  ? 1.0010 1.4939 0.6790 -0.6725 0.0928  -0.3398 1473 GLY A N   
100 C CA  . GLY A 22  ? 1.0570 1.4759 0.6837 -0.7099 0.1098  -0.3645 1473 GLY A CA  
101 C C   . GLY A 22  ? 1.0951 1.4853 0.7222 -0.6683 0.1114  -0.3614 1473 GLY A C   
102 O O   . GLY A 22  ? 1.1629 1.5689 0.7500 -0.6978 0.1125  -0.3751 1473 GLY A O   
103 N N   . VAL A 23  ? 0.9615 1.3149 0.6262 -0.6079 0.1113  -0.3435 1474 VAL A N   
104 C CA  . VAL A 23  ? 0.9535 1.2791 0.6113 -0.5780 0.1150  -0.3397 1474 VAL A CA  
105 C C   . VAL A 23  ? 0.9660 1.1922 0.6401 -0.5589 0.1434  -0.3585 1474 VAL A C   
106 O O   . VAL A 23  ? 0.9560 1.1293 0.6506 -0.5524 0.1511  -0.3652 1474 VAL A O   
107 C CB  . VAL A 23  ? 0.9493 1.3270 0.6243 -0.5264 0.0861  -0.3042 1474 VAL A CB  
108 C CG1 . VAL A 23  ? 0.9556 1.4435 0.6196 -0.5328 0.0521  -0.2920 1474 VAL A CG1 
109 C CG2 . VAL A 23  ? 0.8788 1.2371 0.6050 -0.4781 0.0840  -0.2872 1474 VAL A CG2 
110 N N   . ASP A 24  ? 0.8930 1.0982 0.5530 -0.5534 0.1574  -0.3694 1475 ASP A N   
111 C CA  . ASP A 24  ? 0.8833 1.0246 0.5687 -0.5326 0.1842  -0.3953 1475 ASP A CA  
112 C C   . ASP A 24  ? 0.8848 1.0147 0.6220 -0.4816 0.1764  -0.3725 1475 ASP A C   
113 O O   . ASP A 24  ? 0.8316 0.9970 0.5732 -0.4610 0.1562  -0.3382 1475 ASP A O   
114 C CB  . ASP A 24  ? 0.9233 1.0693 0.5793 -0.5499 0.2049  -0.4168 1475 ASP A CB  
115 C CG  . ASP A 24  ? 1.0676 1.2197 0.6680 -0.6037 0.2178  -0.4471 1475 ASP A CG  
116 O OD1 . ASP A 24  ? 1.1341 1.3095 0.6900 -0.6310 0.2250  -0.4516 1475 ASP A OD1 
117 O OD2 . ASP A 24  ? 1.1335 1.2598 0.7249 -0.6248 0.2208  -0.4665 1475 ASP A OD2 
118 N N   . ALA A 25  ? 0.8550 0.9310 0.6273 -0.4576 0.1909  -0.3947 1476 ALA A N   
119 C CA  . ALA A 25  ? 0.8030 0.8687 0.6246 -0.4114 0.1852  -0.3794 1476 ALA A CA  
120 C C   . ALA A 25  ? 0.8543 0.9540 0.6775 -0.4042 0.1907  -0.3714 1476 ALA A C   
121 O O   . ALA A 25  ? 0.8929 1.0049 0.6901 -0.4299 0.2101  -0.3950 1476 ALA A O   
122 C CB  . ALA A 25  ? 0.8321 0.8403 0.6847 -0.3855 0.1968  -0.4118 1476 ALA A CB  
123 N N   . ILE A 26  ? 0.7909 0.9003 0.6325 -0.3767 0.1741  -0.3387 1477 ILE A N   
124 C CA  . ILE A 26  ? 0.7686 0.8885 0.5960 -0.3733 0.1740  -0.3238 1477 ILE A CA  
125 C C   . ILE A 26  ? 0.7903 0.9041 0.6673 -0.3480 0.1849  -0.3359 1477 ILE A C   
126 O O   . ILE A 26  ? 0.7425 0.8451 0.6571 -0.3174 0.1721  -0.3240 1477 ILE A O   
127 C CB  . ILE A 26  ? 0.7983 0.9271 0.6010 -0.3578 0.1433  -0.2810 1477 ILE A CB  
128 C CG1 . ILE A 26  ? 0.8304 0.9897 0.5970 -0.3759 0.1263  -0.2720 1477 ILE A CG1 
129 C CG2 . ILE A 26  ? 0.8223 0.9301 0.5861 -0.3565 0.1383  -0.2626 1477 ILE A CG2 
130 N N   . PRO A 27  ? 0.7695 0.9004 0.6451 -0.3656 0.2085  -0.3618 1478 PRO A N   
131 C CA  . PRO A 27  ? 0.7387 0.8872 0.6657 -0.3450 0.2173  -0.3766 1478 PRO A CA  
132 C C   . PRO A 27  ? 0.7788 0.9134 0.6873 -0.3398 0.2011  -0.3392 1478 PRO A C   
133 O O   . PRO A 27  ? 0.8395 0.9527 0.6820 -0.3646 0.1952  -0.3160 1478 PRO A O   
134 C CB  . PRO A 27  ? 0.7881 0.9798 0.7098 -0.3798 0.2511  -0.4199 1478 PRO A CB  
135 C CG  . PRO A 27  ? 0.8855 1.0695 0.7509 -0.4162 0.2602  -0.4278 1478 PRO A CG  
136 C CD  . PRO A 27  ? 0.8236 0.9690 0.6458 -0.4121 0.2285  -0.3796 1478 PRO A CD  
137 N N   . VAL A 28  ? 0.6496 0.7856 0.6064 -0.3069 0.1909  -0.3330 1479 VAL A N   
138 C CA  . VAL A 28  ? 0.6276 0.7450 0.5652 -0.3020 0.1772  -0.3031 1479 VAL A CA  
139 C C   . VAL A 28  ? 0.6747 0.8259 0.6589 -0.2975 0.1869  -0.3235 1479 VAL A C   
140 O O   . VAL A 28  ? 0.6613 0.8345 0.7084 -0.2655 0.1821  -0.3391 1479 VAL A O   
141 C CB  . VAL A 28  ? 0.6280 0.7187 0.5638 -0.2704 0.1495  -0.2682 1479 VAL A CB  
142 C CG1 . VAL A 28  ? 0.6283 0.6906 0.5335 -0.2638 0.1371  -0.2434 1479 VAL A CG1 
143 C CG2 . VAL A 28  ? 0.6329 0.7181 0.5340 -0.2752 0.1391  -0.2550 1479 VAL A CG2 
144 N N   . LYS A 29  ? 0.6485 0.8007 0.5952 -0.3321 0.1974  -0.3233 1480 LYS A N   
145 C CA  . LYS A 29  ? 0.6579 0.8579 0.6453 -0.3384 0.2071  -0.3447 1480 LYS A CA  
146 C C   . LYS A 29  ? 0.6767 0.8444 0.6684 -0.3116 0.1831  -0.3150 1480 LYS A C   
147 O O   . LYS A 29  ? 0.6857 0.7889 0.6122 -0.3188 0.1710  -0.2831 1480 LYS A O   
148 C CB  . LYS A 29  ? 0.7716 0.9878 0.7054 -0.4032 0.2323  -0.3604 1480 LYS A CB  
149 N N   . VAL A 30  ? 0.5968 0.8052 0.6608 -0.2768 0.1737  -0.3271 1481 VAL A N   
150 C CA  . VAL A 30  ? 0.5836 0.7731 0.6576 -0.2529 0.1517  -0.3040 1481 VAL A CA  
151 C C   . VAL A 30  ? 0.6190 0.8792 0.7483 -0.2527 0.1528  -0.3302 1481 VAL A C   
152 O O   . VAL A 30  ? 0.6231 0.9559 0.7898 -0.2672 0.1712  -0.3690 1481 VAL A O   
153 C CB  . VAL A 30  ? 0.6127 0.7709 0.7037 -0.2112 0.1296  -0.2827 1481 VAL A CB  
154 C CG1 . VAL A 30  ? 0.6213 0.7313 0.6589 -0.2148 0.1257  -0.2573 1481 VAL A CG1 
155 C CG2 . VAL A 30  ? 0.6082 0.7896 0.7512 -0.1861 0.1280  -0.3068 1481 VAL A CG2 
156 N N   . LEU A 31  ? 0.5629 0.8138 0.6978 -0.2386 0.1337  -0.3128 1482 LEU A N   
157 C CA  . LEU A 31  ? 0.5366 0.8621 0.7242 -0.2365 0.1279  -0.3351 1482 LEU A CA  
158 C C   . LEU A 31  ? 0.5343 0.8547 0.7632 -0.1844 0.0967  -0.3225 1482 LEU A C   
159 O O   . LEU A 31  ? 0.5329 0.7849 0.7298 -0.1686 0.0835  -0.2907 1482 LEU A O   
160 C CB  . LEU A 31  ? 0.5683 0.8796 0.7077 -0.2781 0.1313  -0.3258 1482 LEU A CB  
161 C CG  . LEU A 31  ? 0.6841 0.9783 0.7572 -0.3422 0.1588  -0.3349 1482 LEU A CG  
162 C CD1 . LEU A 31  ? 0.7522 0.9829 0.7523 -0.3764 0.1555  -0.3167 1482 LEU A CD1 
163 C CD2 . LEU A 31  ? 0.6660 1.0731 0.7857 -0.3760 0.1822  -0.3819 1482 LEU A CD2 
164 N N   . ASN A 32  ? 0.4957 0.8897 0.7906 -0.1587 0.0828  -0.3480 1483 ASN A N   
165 C CA  . ASN A 32  ? 0.5112 0.8869 0.8319 -0.1087 0.0456  -0.3333 1483 ASN A CA  
166 C C   . ASN A 32  ? 0.5609 0.9019 0.8430 -0.1198 0.0279  -0.2990 1483 ASN A C   
167 O O   . ASN A 32  ? 0.5905 0.8781 0.8555 -0.0951 0.0024  -0.2718 1483 ASN A O   
168 C CB  . ASN A 32  ? 0.5479 1.0160 0.9487 -0.0694 0.0287  -0.3725 1483 ASN A CB  
169 C CG  . ASN A 32  ? 0.5463 1.1274 0.9824 -0.0985 0.0364  -0.4006 1483 ASN A CG  
170 N N   . CYS A 33  ? 0.4862 0.8460 0.7414 -0.1631 0.0439  -0.3011 1484 CYS A N   
171 C CA  . CYS A 33  ? 0.5122 0.8372 0.7241 -0.1776 0.0325  -0.2764 1484 CYS A CA  
172 C C   . CYS A 33  ? 0.5744 0.8086 0.7154 -0.1906 0.0456  -0.2494 1484 CYS A C   
173 O O   . CYS A 33  ? 0.5720 0.7725 0.6714 -0.2013 0.0415  -0.2350 1484 CYS A O   
174 C CB  . CYS A 33  ? 0.5348 0.9215 0.7490 -0.2174 0.0396  -0.2973 1484 CYS A CB  
175 S SG  . CYS A 33  ? 0.6230 1.0130 0.7986 -0.2791 0.0807  -0.3198 1484 CYS A SG  
176 N N   . ASP A 34  ? 0.5438 0.7456 0.6727 -0.1860 0.0593  -0.2466 1485 ASP A N   
177 C CA  . ASP A 34  ? 0.5422 0.6777 0.6157 -0.1868 0.0652  -0.2248 1485 ASP A CA  
178 C C   . ASP A 34  ? 0.5711 0.6903 0.6463 -0.1624 0.0471  -0.2045 1485 ASP A C   
179 O O   . ASP A 34  ? 0.5552 0.6818 0.6598 -0.1447 0.0351  -0.2030 1485 ASP A O   
180 C CB  . ASP A 34  ? 0.5561 0.6750 0.6192 -0.1888 0.0798  -0.2276 1485 ASP A CB  
181 C CG  . ASP A 34  ? 0.6976 0.8044 0.7225 -0.2240 0.0996  -0.2390 1485 ASP A CG  
182 O OD1 . ASP A 34  ? 0.7006 0.7807 0.6828 -0.2475 0.1021  -0.2376 1485 ASP A OD1 
183 O OD2 . ASP A 34  ? 0.6950 0.8079 0.7195 -0.2329 0.1123  -0.2483 1485 ASP A OD2 
184 N N   . THR A 35  ? 0.5065 0.5978 0.5420 -0.1636 0.0455  -0.1914 1486 THR A N   
185 C CA  . THR A 35  ? 0.4889 0.5741 0.5168 -0.1522 0.0342  -0.1750 1486 THR A CA  
186 C C   . THR A 35  ? 0.5452 0.6233 0.5709 -0.1464 0.0416  -0.1714 1486 THR A C   
187 O O   . THR A 35  ? 0.5261 0.5982 0.5481 -0.1480 0.0536  -0.1792 1486 THR A O   
188 C CB  . THR A 35  ? 0.5247 0.5979 0.5137 -0.1547 0.0362  -0.1717 1486 THR A CB  
189 O OG1 . THR A 35  ? 0.5217 0.5710 0.4824 -0.1471 0.0489  -0.1770 1486 THR A OG1 
190 C CG2 . THR A 35  ? 0.4678 0.5434 0.4479 -0.1685 0.0312  -0.1782 1486 THR A CG2 
191 N N   . ILE A 36  ? 0.5129 0.5923 0.5312 -0.1473 0.0346  -0.1596 1487 ILE A N   
192 C CA  . ILE A 36  ? 0.4910 0.5741 0.5053 -0.1502 0.0414  -0.1586 1487 ILE A CA  
193 C C   . ILE A 36  ? 0.5437 0.6407 0.5420 -0.1415 0.0522  -0.1643 1487 ILE A C   
194 O O   . ILE A 36  ? 0.5461 0.6439 0.5453 -0.1409 0.0577  -0.1682 1487 ILE A O   
195 C CB  . ILE A 36  ? 0.5317 0.6132 0.5292 -0.1670 0.0338  -0.1464 1487 ILE A CB  
196 C CG1 . ILE A 36  ? 0.5658 0.6053 0.5639 -0.1677 0.0137  -0.1371 1487 ILE A CG1 
197 C CG2 . ILE A 36  ? 0.4646 0.5586 0.4575 -0.1788 0.0427  -0.1500 1487 ILE A CG2 
198 C CD1 . ILE A 36  ? 0.6088 0.6278 0.6404 -0.1484 0.0099  -0.1506 1487 ILE A CD1 
199 N N   . SER A 37  ? 0.5048 0.6071 0.4840 -0.1313 0.0527  -0.1667 1488 SER A N   
200 C CA  . SER A 37  ? 0.5181 0.6196 0.4757 -0.1091 0.0556  -0.1740 1488 SER A CA  
201 C C   . SER A 37  ? 0.6094 0.6630 0.5482 -0.1082 0.0574  -0.1751 1488 SER A C   
202 O O   . SER A 37  ? 0.6400 0.6869 0.5607 -0.0952 0.0549  -0.1751 1488 SER A O   
203 C CB  . SER A 37  ? 0.5399 0.6412 0.4759 -0.0926 0.0550  -0.1826 1488 SER A CB  
204 O OG  . SER A 37  ? 0.6294 0.7871 0.5769 -0.1018 0.0570  -0.1844 1488 SER A OG  
205 N N   . GLN A 38  ? 0.5597 0.5876 0.5000 -0.1268 0.0609  -0.1769 1489 GLN A N   
206 C CA  . GLN A 38  ? 0.5750 0.5652 0.4905 -0.1422 0.0673  -0.1808 1489 GLN A CA  
207 C C   . GLN A 38  ? 0.6145 0.6258 0.5512 -0.1513 0.0730  -0.1825 1489 GLN A C   
208 O O   . GLN A 38  ? 0.6482 0.6322 0.5507 -0.1602 0.0768  -0.1826 1489 GLN A O   
209 C CB  . GLN A 38  ? 0.5688 0.5556 0.4892 -0.1678 0.0724  -0.1893 1489 GLN A CB  
210 C CG  . GLN A 38  ? 0.5459 0.4921 0.4236 -0.1691 0.0692  -0.1905 1489 GLN A CG  
211 C CD  . GLN A 38  ? 0.6580 0.6167 0.5419 -0.2026 0.0735  -0.2013 1489 GLN A CD  
212 O OE1 . GLN A 38  ? 0.6098 0.6257 0.5455 -0.2041 0.0681  -0.2048 1489 GLN A OE1 
213 N NE2 . GLN A 38  ? 0.6279 0.5314 0.4527 -0.2308 0.0801  -0.2071 1489 GLN A NE2 
214 N N   . VAL A 39  ? 0.5529 0.6016 0.5357 -0.1519 0.0723  -0.1845 1490 VAL A N   
215 C CA  . VAL A 39  ? 0.5487 0.6107 0.5490 -0.1600 0.0786  -0.1912 1490 VAL A CA  
216 C C   . VAL A 39  ? 0.6045 0.6691 0.5785 -0.1539 0.0756  -0.1836 1490 VAL A C   
217 O O   . VAL A 39  ? 0.6213 0.6753 0.5725 -0.1634 0.0804  -0.1865 1490 VAL A O   
218 C CB  . VAL A 39  ? 0.5704 0.6459 0.6090 -0.1568 0.0728  -0.1942 1490 VAL A CB  
219 C CG1 . VAL A 39  ? 0.5681 0.6433 0.6124 -0.1642 0.0791  -0.2037 1490 VAL A CG1 
220 C CG2 . VAL A 39  ? 0.5502 0.6360 0.6204 -0.1534 0.0695  -0.2055 1490 VAL A CG2 
221 N N   . LYS A 40  ? 0.5464 0.6337 0.5207 -0.1402 0.0670  -0.1761 1491 LYS A N   
222 C CA  . LYS A 40  ? 0.5755 0.6936 0.5365 -0.1304 0.0612  -0.1743 1491 LYS A CA  
223 C C   . LYS A 40  ? 0.6843 0.7723 0.6035 -0.1124 0.0534  -0.1715 1491 LYS A C   
224 O O   . LYS A 40  ? 0.7146 0.8156 0.6191 -0.1132 0.0481  -0.1705 1491 LYS A O   
225 C CB  . LYS A 40  ? 0.5791 0.7469 0.5508 -0.1199 0.0563  -0.1746 1491 LYS A CB  
226 C CG  . LYS A 40  ? 0.6013 0.7881 0.5906 -0.1486 0.0602  -0.1728 1491 LYS A CG  
227 C CD  . LYS A 40  ? 0.6177 0.8583 0.6078 -0.1499 0.0595  -0.1751 1491 LYS A CD  
228 C CE  . LYS A 40  ? 0.6340 0.8832 0.6186 -0.1908 0.0620  -0.1702 1491 LYS A CE  
229 N NZ  . LYS A 40  ? 0.7225 1.0434 0.7018 -0.2055 0.0662  -0.1767 1491 LYS A NZ  
230 N N   . GLU A 41  ? 0.6364 0.6733 0.5256 -0.0998 0.0502  -0.1693 1492 GLU A N   
231 C CA  . GLU A 41  ? 0.6926 0.6658 0.5182 -0.0852 0.0383  -0.1631 1492 GLU A CA  
232 C C   . GLU A 41  ? 0.7291 0.6696 0.5244 -0.1195 0.0456  -0.1598 1492 GLU A C   
233 O O   . GLU A 41  ? 0.7653 0.6742 0.5096 -0.1123 0.0316  -0.1511 1492 GLU A O   
234 C CB  . GLU A 41  ? 0.7477 0.6516 0.5331 -0.0773 0.0361  -0.1632 1492 GLU A CB  
235 C CG  . GLU A 41  ? 0.8098 0.7387 0.6091 -0.0378 0.0281  -0.1712 1492 GLU A CG  
236 C CD  . GLU A 41  ? 0.9830 0.8601 0.7576 -0.0406 0.0322  -0.1768 1492 GLU A CD  
237 O OE1 . GLU A 41  ? 0.8104 0.6250 0.5491 -0.0749 0.0391  -0.1734 1492 GLU A OE1 
238 O OE2 . GLU A 41  ? 0.9572 0.8611 0.7439 -0.0129 0.0297  -0.1880 1492 GLU A OE2 
239 N N   . LYS A 42  ? 0.6572 0.6082 0.4805 -0.1552 0.0657  -0.1693 1493 LYS A N   
240 C CA  . LYS A 42  ? 0.6691 0.6086 0.4711 -0.1936 0.0798  -0.1757 1493 LYS A CA  
241 C C   . LYS A 42  ? 0.7398 0.7200 0.5578 -0.1969 0.0802  -0.1788 1493 LYS A C   
242 O O   . LYS A 42  ? 0.8018 0.7614 0.5737 -0.2195 0.0822  -0.1776 1493 LYS A O   
243 C CB  . LYS A 42  ? 0.6495 0.6149 0.4921 -0.2218 0.1007  -0.1947 1493 LYS A CB  
244 C CG  . LYS A 42  ? 0.7829 0.7060 0.5908 -0.2371 0.1025  -0.1939 1493 LYS A CG  
245 C CD  . LYS A 42  ? 0.7491 0.7270 0.6131 -0.2579 0.1184  -0.2162 1493 LYS A CD  
246 C CE  . LYS A 42  ? 0.7423 0.6898 0.5696 -0.2847 0.1217  -0.2188 1493 LYS A CE  
247 N NZ  . LYS A 42  ? 0.6901 0.7152 0.5744 -0.3107 0.1373  -0.2466 1493 LYS A NZ  
248 N N   . ILE A 43  ? 0.6344 0.6667 0.5059 -0.1815 0.0780  -0.1822 1494 ILE A N   
249 C CA  . ILE A 43  ? 0.6280 0.6976 0.5101 -0.1906 0.0781  -0.1870 1494 ILE A CA  
250 C C   . ILE A 43  ? 0.7186 0.7940 0.5591 -0.1740 0.0570  -0.1741 1494 ILE A C   
251 O O   . ILE A 43  ? 0.7327 0.8069 0.5413 -0.1933 0.0561  -0.1746 1494 ILE A O   
252 C CB  . ILE A 43  ? 0.6094 0.7172 0.5408 -0.1894 0.0803  -0.1927 1494 ILE A CB  
253 C CG1 . ILE A 43  ? 0.5862 0.6781 0.5524 -0.1985 0.0939  -0.2068 1494 ILE A CG1 
254 C CG2 . ILE A 43  ? 0.5915 0.7353 0.5183 -0.2065 0.0785  -0.1974 1494 ILE A CG2 
255 C CD1 . ILE A 43  ? 0.6089 0.7048 0.6014 -0.1985 0.0902  -0.2077 1494 ILE A CD1 
256 N N   . ILE A 44  ? 0.6753 0.7584 0.5135 -0.1354 0.0385  -0.1651 1495 ILE A N   
257 C CA  . ILE A 44  ? 0.7219 0.8225 0.5294 -0.1025 0.0111  -0.1573 1495 ILE A CA  
258 C C   . ILE A 44  ? 0.8547 0.8728 0.5807 -0.1058 -0.0025 -0.1431 1495 ILE A C   
259 O O   . ILE A 44  ? 0.8801 0.9131 0.5757 -0.1055 -0.0195 -0.1374 1495 ILE A O   
260 C CB  . ILE A 44  ? 0.7584 0.8888 0.5854 -0.0533 -0.0036 -0.1600 1495 ILE A CB  
261 C CG1 . ILE A 44  ? 0.6989 0.9303 0.5912 -0.0643 0.0076  -0.1736 1495 ILE A CG1 
262 C CG2 . ILE A 44  ? 0.8138 0.9435 0.6015 -0.0002 -0.0388 -0.1553 1495 ILE A CG2 
263 C CD1 . ILE A 44  ? 0.8045 1.0788 0.7231 -0.0306 0.0046  -0.1834 1495 ILE A CD1 
264 N N   . ASP A 45  ? 0.8731 0.8049 0.5564 -0.1182 0.0050  -0.1375 1496 ASP A N   
265 C CA  . ASP A 45  ? 0.9849 0.8198 0.5704 -0.1374 -0.0052 -0.1223 1496 ASP A CA  
266 C C   . ASP A 45  ? 1.0572 0.9085 0.6239 -0.1871 0.0084  -0.1256 1496 ASP A C   
267 O O   . ASP A 45  ? 1.1361 0.9349 0.6199 -0.1956 -0.0115 -0.1096 1496 ASP A O   
268 C CB  . ASP A 45  ? 1.0339 0.7889 0.5819 -0.1663 0.0112  -0.1224 1496 ASP A CB  
269 C CG  . ASP A 45  ? 1.1653 0.8694 0.6991 -0.1254 -0.0030 -0.1189 1496 ASP A CG  
270 O OD1 . ASP A 45  ? 1.1853 0.9016 0.7236 -0.0654 -0.0303 -0.1156 1496 ASP A OD1 
271 O OD2 . ASP A 45  ? 1.2164 0.8789 0.7377 -0.1536 0.0141  -0.1242 1496 ASP A OD2 
272 N N   . GLN A 46  ? 0.9562 0.8693 0.5912 -0.2196 0.0411  -0.1475 1497 GLN A N   
273 C CA  . GLN A 46  ? 0.9730 0.9096 0.6017 -0.2675 0.0622  -0.1622 1497 GLN A CA  
274 C C   . GLN A 46  ? 1.0182 1.0078 0.6527 -0.2603 0.0470  -0.1611 1497 GLN A C   
275 O O   . GLN A 46  ? 1.1044 1.0744 0.6731 -0.2821 0.0368  -0.1531 1497 GLN A O   
276 C CB  . GLN A 46  ? 0.9189 0.9010 0.6248 -0.2870 0.0965  -0.1913 1497 GLN A CB  
277 C CG  . GLN A 46  ? 1.0802 1.0835 0.7812 -0.3343 0.1248  -0.2175 1497 GLN A CG  
278 C CD  . GLN A 46  ? 1.3479 1.3090 0.9798 -0.3795 0.1385  -0.2190 1497 GLN A CD  
279 O OE1 . GLN A 46  ? 1.3767 1.3297 0.9500 -0.4205 0.1467  -0.2235 1497 GLN A OE1 
280 N NE2 . GLN A 46  ? 1.2778 1.2106 0.9054 -0.3813 0.1420  -0.2157 1497 GLN A NE2 
281 N N   . VAL A 47  ? 0.9109 0.9671 0.6146 -0.2362 0.0442  -0.1685 1498 VAL A N   
282 C CA  . VAL A 47  ? 0.9100 1.0340 0.6275 -0.2385 0.0329  -0.1727 1498 VAL A CA  
283 C C   . VAL A 47  ? 1.0518 1.1826 0.7179 -0.2075 -0.0076 -0.1524 1498 VAL A C   
284 O O   . VAL A 47  ? 1.0865 1.2465 0.7230 -0.2276 -0.0181 -0.1527 1498 VAL A O   
285 C CB  . VAL A 47  ? 0.8820 1.0695 0.6724 -0.2292 0.0395  -0.1843 1498 VAL A CB  
286 C CG1 . VAL A 47  ? 0.8759 1.1426 0.6734 -0.2405 0.0272  -0.1901 1498 VAL A CG1 
287 C CG2 . VAL A 47  ? 0.8419 1.0099 0.6700 -0.2550 0.0705  -0.2032 1498 VAL A CG2 
288 N N   . TYR A 48  ? 1.0394 1.1412 0.6917 -0.1559 -0.0329 -0.1373 1499 TYR A N   
289 C CA  . TYR A 48  ? 1.1077 1.2177 0.7168 -0.1092 -0.0787 -0.1219 1499 TYR A CA  
290 C C   . TYR A 48  ? 1.2910 1.2739 0.7906 -0.0985 -0.1046 -0.0961 1499 TYR A C   
291 O O   . TYR A 48  ? 1.3686 1.3304 0.8286 -0.0396 -0.1494 -0.0822 1499 TYR A O   
292 C CB  . TYR A 48  ? 1.0874 1.2688 0.7559 -0.0480 -0.0959 -0.1303 1499 TYR A CB  
293 C CG  . TYR A 48  ? 1.0168 1.3213 0.7713 -0.0706 -0.0743 -0.1529 1499 TYR A CG  
294 C CD1 . TYR A 48  ? 0.9702 1.2758 0.7753 -0.0906 -0.0415 -0.1635 1499 TYR A CD1 
295 C CD2 . TYR A 48  ? 1.0156 1.4285 0.7895 -0.0799 -0.0881 -0.1627 1499 TYR A CD2 
296 C CE1 . TYR A 48  ? 0.9270 1.3200 0.7881 -0.1204 -0.0239 -0.1802 1499 TYR A CE1 
297 C CE2 . TYR A 48  ? 0.9574 1.4700 0.7927 -0.1151 -0.0667 -0.1832 1499 TYR A CE2 
298 C CZ  . TYR A 48  ? 1.0299 1.5220 0.9023 -0.1367 -0.0347 -0.1903 1499 TYR A CZ  
299 O OH  . TYR A 48  ? 1.0449 1.6109 0.9565 -0.1783 -0.0163 -0.2065 1499 TYR A OH  
300 N N   . ARG A 49  ? 1.2855 1.1862 0.7297 -0.1569 -0.0788 -0.0918 1500 ARG A N   
301 C CA  . ARG A 49  ? 1.7211 1.4873 1.0395 -0.1736 -0.0964 -0.0667 1500 ARG A CA  
302 C C   . ARG A 49  ? 2.2760 2.0044 1.5103 -0.1313 -0.1546 -0.0405 1500 ARG A C   
303 O O   . ARG A 49  ? 1.9617 1.5656 1.0985 -0.1010 -0.1894 -0.0161 1500 ARG A O   
304 C CB  . ARG A 49  ? 1.7312 1.4767 1.0096 -0.2591 -0.0590 -0.0747 1500 ARG A CB  
305 C CG  . ARG A 49  ? 1.7692 1.4822 1.0619 -0.3018 -0.0161 -0.0900 1500 ARG A CG  
306 C CD  . ARG A 49  ? 1.8327 1.5183 1.0570 -0.3839 0.0126  -0.0977 1500 ARG A CD  
307 N NE  . ARG A 49  ? 1.7368 1.4814 1.0349 -0.4254 0.0645  -0.1341 1500 ARG A NE  
308 C CZ  . ARG A 49  ? 1.8706 1.6319 1.1410 -0.4955 0.1001  -0.1568 1500 ARG A CZ  
309 N NH1 . ARG A 49  ? 1.8257 1.5407 0.9866 -0.5422 0.0919  -0.1433 1500 ARG A NH1 
310 N NH2 . ARG A 49  ? 1.5948 1.4251 0.9457 -0.5182 0.1426  -0.1955 1500 ARG A NH2 
311 N N   . PRO A 59  ? 1.0973 1.5112 1.0762 0.0296  0.0100  -0.2239 1510 PRO A N   
312 C CA  . PRO A 59  ? 1.0534 1.4457 1.0417 -0.0214 0.0317  -0.2160 1510 PRO A CA  
313 C C   . PRO A 59  ? 1.0579 1.5526 1.0745 -0.0463 0.0449  -0.2318 1510 PRO A C   
314 O O   . PRO A 59  ? 1.0419 1.5306 1.0583 -0.1000 0.0569  -0.2214 1510 PRO A O   
315 C CB  . PRO A 59  ? 1.1022 1.3961 1.0615 -0.0043 0.0319  -0.2102 1510 PRO A CB  
316 C CG  . PRO A 59  ? 1.2138 1.4363 1.1323 0.0323  0.0139  -0.2046 1510 PRO A CG  
317 C CD  . PRO A 59  ? 1.1767 1.4815 1.1083 0.0721  -0.0040 -0.2179 1510 PRO A CD  
318 N N   . ASP A 60  ? 0.9953 1.5802 1.0297 -0.0083 0.0418  -0.2589 1511 ASP A N   
319 C CA  . ASP A 60  ? 0.9617 1.6682 1.0207 -0.0369 0.0580  -0.2817 1511 ASP A CA  
320 C C   . ASP A 60  ? 0.9581 1.7769 1.0403 -0.0715 0.0595  -0.2908 1511 ASP A C   
321 O O   . ASP A 60  ? 0.9587 1.8490 1.0428 -0.1333 0.0770  -0.2978 1511 ASP A O   
322 C CB  . ASP A 60  ? 1.0073 1.7839 1.0827 0.0232  0.0560  -0.3177 1511 ASP A CB  
323 C CG  . ASP A 60  ? 1.1599 1.8294 1.2042 0.0543  0.0558  -0.3158 1511 ASP A CG  
324 O OD1 . ASP A 60  ? 1.1538 1.6927 1.1658 0.0420  0.0514  -0.2856 1511 ASP A OD1 
325 O OD2 . ASP A 60  ? 1.2872 2.0099 1.3392 0.0909  0.0606  -0.3492 1511 ASP A OD2 
326 N N   . SER A 61  ? 0.8701 1.7029 0.9606 -0.0365 0.0395  -0.2910 1512 SER A N   
327 C CA  . SER A 61  ? 0.8409 1.7790 0.9506 -0.0662 0.0361  -0.3001 1512 SER A CA  
328 C C   . SER A 61  ? 0.8477 1.7007 0.9282 -0.1307 0.0432  -0.2724 1512 SER A C   
329 O O   . SER A 61  ? 0.8639 1.7920 0.9493 -0.1754 0.0456  -0.2799 1512 SER A O   
330 C CB  . SER A 61  ? 0.8982 1.8827 1.0223 0.0053  0.0053  -0.3114 1512 SER A CB  
331 N N   . VAL A 62  ? 0.7473 1.4514 0.7983 -0.1348 0.0460  -0.2457 1513 VAL A N   
332 C CA  . VAL A 62  ? 0.7270 1.3502 0.7543 -0.1829 0.0518  -0.2272 1513 VAL A CA  
333 C C   . VAL A 62  ? 0.7367 1.2910 0.7443 -0.2302 0.0662  -0.2147 1513 VAL A C   
334 O O   . VAL A 62  ? 0.7229 1.2491 0.7288 -0.2173 0.0690  -0.2108 1513 VAL A O   
335 C CB  . VAL A 62  ? 0.7712 1.2971 0.7808 -0.1559 0.0417  -0.2125 1513 VAL A CB  
336 C CG1 . VAL A 62  ? 0.7791 1.3535 0.7889 -0.1119 0.0203  -0.2187 1513 VAL A CG1 
337 C CG2 . VAL A 62  ? 0.7642 1.1876 0.7624 -0.1323 0.0439  -0.2000 1513 VAL A CG2 
338 N N   . VAL A 63  ? 0.6902 1.2065 0.6746 -0.2828 0.0717  -0.2086 1514 VAL A N   
339 C CA  . VAL A 63  ? 0.7175 1.1470 0.6686 -0.3246 0.0771  -0.1946 1514 VAL A CA  
340 C C   . VAL A 63  ? 0.7520 1.0703 0.6940 -0.3153 0.0736  -0.1856 1514 VAL A C   
341 O O   . VAL A 63  ? 0.7405 1.0634 0.6848 -0.3153 0.0739  -0.1930 1514 VAL A O   
342 C CB  . VAL A 63  ? 0.8135 1.2796 0.7286 -0.3996 0.0855  -0.1995 1514 VAL A CB  
343 C CG1 . VAL A 63  ? 0.8718 1.2239 0.7328 -0.4398 0.0839  -0.1802 1514 VAL A CG1 
344 C CG2 . VAL A 63  ? 0.7925 1.4108 0.7282 -0.4123 0.0933  -0.2200 1514 VAL A CG2 
345 N N   . LEU A 64  ? 0.7024 0.9315 0.6349 -0.3070 0.0693  -0.1731 1515 LEU A N   
346 C CA  . LEU A 64  ? 0.7051 0.8449 0.6380 -0.2928 0.0662  -0.1723 1515 LEU A CA  
347 C C   . LEU A 64  ? 0.8058 0.8558 0.6981 -0.3208 0.0580  -0.1630 1515 LEU A C   
348 O O   . LEU A 64  ? 0.8028 0.8316 0.6767 -0.3265 0.0493  -0.1487 1515 LEU A O   
349 C CB  . LEU A 64  ? 0.6601 0.7860 0.6239 -0.2459 0.0632  -0.1701 1515 LEU A CB  
350 C CG  . LEU A 64  ? 0.7150 0.7937 0.6951 -0.2264 0.0651  -0.1792 1515 LEU A CG  
351 C CD1 . LEU A 64  ? 0.7165 0.8132 0.6924 -0.2370 0.0748  -0.1928 1515 LEU A CD1 
352 C CD2 . LEU A 64  ? 0.6199 0.7005 0.6241 -0.1941 0.0638  -0.1782 1515 LEU A CD2 
353 N N   . GLU A 65  ? 0.8316 0.8201 0.7003 -0.3381 0.0585  -0.1715 1516 GLU A N   
354 C CA  . GLU A 65  ? 0.9366 0.8099 0.7505 -0.3603 0.0459  -0.1649 1516 GLU A CA  
355 C C   . GLU A 65  ? 1.0433 0.8380 0.8716 -0.3212 0.0402  -0.1806 1516 GLU A C   
356 O O   . GLU A 65  ? 1.0010 0.8346 0.8670 -0.3026 0.0539  -0.2008 1516 GLU A O   
357 C CB  . GLU A 65  ? 1.0197 0.8822 0.7736 -0.4282 0.0526  -0.1679 1516 GLU A CB  
358 C CG  . GLU A 65  ? 1.1798 1.0547 0.8816 -0.4837 0.0505  -0.1508 1516 GLU A CG  
359 C CD  . GLU A 65  ? 1.4783 1.3338 1.1102 -0.5633 0.0583  -0.1568 1516 GLU A CD  
360 O OE1 . GLU A 65  ? 1.2994 1.2480 0.9563 -0.5811 0.0732  -0.1761 1516 GLU A OE1 
361 O OE2 . GLU A 65  ? 1.5042 1.2418 1.0478 -0.6101 0.0468  -0.1418 1516 GLU A OE2 
362 N N   . TRP A 66  ? 1.0976 0.7813 0.8894 -0.3098 0.0187  -0.1734 1517 TRP A N   
363 C CA  . TRP A 66  ? 1.1381 0.7471 0.9456 -0.2616 0.0078  -0.1937 1517 TRP A CA  
364 C C   . TRP A 66  ? 1.3428 0.7999 1.0622 -0.2809 -0.0143 -0.1874 1517 TRP A C   
365 O O   . TRP A 66  ? 1.3919 0.7994 1.0442 -0.3217 -0.0283 -0.1582 1517 TRP A O   
366 C CB  . TRP A 66  ? 1.0744 0.7092 0.9351 -0.2062 -0.0080 -0.1886 1517 TRP A CB  
367 C CG  . TRP A 66  ? 1.1312 0.7150 1.0211 -0.1461 -0.0255 -0.2118 1517 TRP A CG  
368 C CD1 . TRP A 66  ? 1.1701 0.7625 1.0962 -0.1194 -0.0115 -0.2513 1517 TRP A CD1 
369 C CD2 . TRP A 66  ? 1.1664 0.7113 1.0643 -0.0998 -0.0600 -0.2023 1517 TRP A CD2 
370 N NE1 . TRP A 66  ? 1.2042 0.7704 1.1654 -0.0556 -0.0342 -0.2717 1517 TRP A NE1 
371 C CE2 . TRP A 66  ? 1.2467 0.7837 1.1924 -0.0400 -0.0672 -0.2405 1517 TRP A CE2 
372 C CE3 . TRP A 66  ? 1.2111 0.7296 1.0764 -0.1038 -0.0873 -0.1671 1517 TRP A CE3 
373 C CZ2 . TRP A 66  ? 1.2925 0.8025 1.2610 0.0227  -0.1049 -0.2450 1517 TRP A CZ2 
374 C CZ3 . TRP A 66  ? 1.2899 0.7742 1.1706 -0.0471 -0.1250 -0.1666 1517 TRP A CZ3 
375 C CH2 . TRP A 66  ? 1.3287 0.8098 1.2626 0.0186  -0.1360 -0.2051 1517 TRP A CH2 
376 N N   . ARG A 67  ? 1.3936 0.7695 1.1028 -0.2556 -0.0172 -0.2164 1518 ARG A N   
377 C CA  . ARG A 67  ? 1.5674 0.7687 1.1777 -0.2686 -0.0426 -0.2120 1518 ARG A CA  
378 C C   . ARG A 67  ? 1.6968 0.8089 1.3264 -0.1819 -0.0727 -0.2331 1518 ARG A C   
379 O O   . ARG A 67  ? 1.7632 0.8229 1.3940 -0.1546 -0.0676 -0.2721 1518 ARG A O   
380 C CB  . ARG A 67  ? 1.6414 0.7959 1.1877 -0.3318 -0.0223 -0.2290 1518 ARG A CB  
381 N N   . PRO A 68  ? 1.6446 0.7446 1.2899 -0.1353 -0.1060 -0.2117 1519 PRO A N   
382 C CA  . PRO A 68  ? 1.7533 0.7834 1.4229 -0.0447 -0.1412 -0.2351 1519 PRO A CA  
383 C C   . PRO A 68  ? 2.2680 1.0783 1.8197 -0.0367 -0.1777 -0.2330 1519 PRO A C   
384 C CB  . PRO A 68  ? 1.7233 0.8045 1.4274 -0.0119 -0.1698 -0.2064 1519 PRO A CB  
385 C CG  . PRO A 68  ? 1.7477 0.8337 1.3877 -0.0931 -0.1629 -0.1591 1519 PRO A CG  
386 C CD  . PRO A 68  ? 1.6156 0.7670 1.2546 -0.1616 -0.1153 -0.1693 1519 PRO A CD  
387 N N   . SER A 70  ? 2.3577 0.7357 1.5489 -0.2106 -0.2012 -0.1840 1521 SER A N   
388 C CA  . SER A 70  ? 2.5102 0.7512 1.5525 -0.3170 -0.1955 -0.1656 1521 SER A CA  
389 C C   . SER A 70  ? 2.4610 0.8219 1.4862 -0.4231 -0.1679 -0.1293 1521 SER A C   
390 O O   . SER A 70  ? 2.4750 0.8572 1.4513 -0.5167 -0.1359 -0.1350 1521 SER A O   
391 C CB  . SER A 70  ? 2.8302 0.7932 1.7120 -0.3072 -0.2533 -0.1415 1521 SER A CB  
392 N N   . THR A 71  ? 2.3188 0.7664 1.3852 -0.4085 -0.1801 -0.0970 1522 THR A N   
393 C CA  . THR A 71  ? 2.2163 0.7929 1.2779 -0.4956 -0.1542 -0.0696 1522 THR A CA  
394 C C   . THR A 71  ? 1.9919 0.8127 1.2141 -0.4621 -0.1179 -0.0883 1522 THR A C   
395 O O   . THR A 71  ? 1.8963 0.7765 1.2132 -0.3762 -0.1295 -0.0953 1522 THR A O   
396 C CB  . THR A 71  ? 2.4239 0.9090 1.3936 -0.5171 -0.1918 -0.0211 1522 THR A CB  
397 N N   . ALA A 72  ? 1.8261 0.7859 1.0729 -0.5308 -0.0765 -0.0978 1523 ALA A N   
398 C CA  . ALA A 72  ? 1.5980 0.7703 0.9760 -0.5043 -0.0456 -0.1130 1523 ALA A CA  
399 C C   . ALA A 72  ? 1.5581 0.8121 0.9623 -0.4999 -0.0510 -0.0872 1523 ALA A C   
400 O O   . ALA A 72  ? 1.6296 0.8485 0.9495 -0.5650 -0.0575 -0.0615 1523 ALA A O   
401 C CB  . ALA A 72  ? 1.5532 0.8391 0.9386 -0.5729 -0.0096 -0.1302 1523 ALA A CB  
402 N N   . GLN A 73  ? 1.3682 0.7278 0.8804 -0.4303 -0.0469 -0.0960 1524 GLN A N   
403 C CA  . GLN A 73  ? 1.2875 0.7229 0.8279 -0.4204 -0.0511 -0.0768 1524 GLN A CA  
404 C C   . GLN A 73  ? 1.1519 0.7624 0.7892 -0.4051 -0.0200 -0.0940 1524 GLN A C   
405 O O   . GLN A 73  ? 1.0662 0.7212 0.7747 -0.3584 -0.0099 -0.1158 1524 GLN A O   
406 C CB  . GLN A 73  ? 1.3246 0.6911 0.8835 -0.3482 -0.0866 -0.0674 1524 GLN A CB  
407 C CG  . GLN A 73  ? 1.3675 0.8106 0.9567 -0.3355 -0.0923 -0.0506 1524 GLN A CG  
408 C CD  . GLN A 73  ? 1.5786 0.9494 1.1669 -0.2774 -0.1344 -0.0377 1524 GLN A CD  
409 O OE1 . GLN A 73  ? 1.5225 0.8704 1.1618 -0.2113 -0.1490 -0.0575 1524 GLN A OE1 
410 N NE2 . GLN A 73  ? 1.4614 0.8118 0.9961 -0.3009 -0.1544 -0.0078 1524 GLN A NE2 
411 N N   . ILE A 74  ? 1.0762 0.7793 0.7085 -0.4439 -0.0064 -0.0861 1525 ILE A N   
412 C CA  . ILE A 74  ? 0.9367 0.7901 0.6486 -0.4209 0.0161  -0.1013 1525 ILE A CA  
413 C C   . ILE A 74  ? 0.9192 0.7749 0.6796 -0.3598 0.0038  -0.0966 1525 ILE A C   
414 O O   . ILE A 74  ? 0.9644 0.7667 0.6889 -0.3614 -0.0165 -0.0768 1525 ILE A O   
415 C CB  . ILE A 74  ? 0.9648 0.9194 0.6549 -0.4761 0.0333  -0.1016 1525 ILE A CB  
416 C CG1 . ILE A 74  ? 1.0064 1.0055 0.6677 -0.5393 0.0504  -0.1155 1525 ILE A CG1 
417 C CG2 . ILE A 74  ? 0.8254 0.9062 0.5900 -0.4324 0.0467  -0.1163 1525 ILE A CG2 
418 C CD1 . ILE A 74  ? 1.1561 1.2801 0.8003 -0.6009 0.0699  -0.1252 1525 ILE A CD1 
419 N N   . LEU A 75  ? 0.7828 0.6997 0.6152 -0.3131 0.0149  -0.1142 1526 LEU A N   
420 C CA  . LEU A 75  ? 0.7343 0.6676 0.6116 -0.2657 0.0082  -0.1145 1526 LEU A CA  
421 C C   . LEU A 75  ? 0.7140 0.7365 0.6086 -0.2660 0.0223  -0.1181 1526 LEU A C   
422 O O   . LEU A 75  ? 0.6710 0.7622 0.5825 -0.2691 0.0393  -0.1314 1526 LEU A O   
423 C CB  . LEU A 75  ? 0.6902 0.6272 0.6208 -0.2244 0.0131  -0.1334 1526 LEU A CB  
424 C CG  . LEU A 75  ? 0.8160 0.6801 0.7407 -0.2149 0.0048  -0.1433 1526 LEU A CG  
425 C CD1 . LEU A 75  ? 0.7789 0.6768 0.7579 -0.1836 0.0178  -0.1681 1526 LEU A CD1 
426 C CD2 . LEU A 75  ? 0.9104 0.6885 0.8102 -0.1966 -0.0268 -0.1311 1526 LEU A CD2 
427 N N   . SER A 76  ? 0.6708 0.6907 0.5571 -0.2604 0.0126  -0.1082 1527 SER A N   
428 C CA  . SER A 76  ? 0.6259 0.7183 0.5228 -0.2564 0.0255  -0.1165 1527 SER A CA  
429 C C   . SER A 76  ? 0.6595 0.7375 0.5648 -0.2339 0.0145  -0.1127 1527 SER A C   
430 O O   . SER A 76  ? 0.6863 0.7086 0.5805 -0.2305 -0.0077 -0.0985 1527 SER A O   
431 C CB  . SER A 76  ? 0.6962 0.8312 0.5516 -0.3031 0.0341  -0.1148 1527 SER A CB  
432 O OG  . SER A 76  ? 0.8228 1.0489 0.7051 -0.2863 0.0521  -0.1366 1527 SER A OG  
433 N N   . ASP A 77  ? 0.5709 0.6958 0.4930 -0.2156 0.0272  -0.1273 1528 ASP A N   
434 C CA  . ASP A 77  ? 0.5653 0.6801 0.4885 -0.2027 0.0198  -0.1277 1528 ASP A CA  
435 C C   . ASP A 77  ? 0.6559 0.7534 0.5382 -0.2305 0.0040  -0.1107 1528 ASP A C   
436 O O   . ASP A 77  ? 0.6734 0.7360 0.5547 -0.2239 -0.0183 -0.0992 1528 ASP A O   
437 C CB  . ASP A 77  ? 0.5620 0.7138 0.4868 -0.1860 0.0364  -0.1479 1528 ASP A CB  
438 C CG  . ASP A 77  ? 0.5726 0.7103 0.5185 -0.1573 0.0429  -0.1593 1528 ASP A CG  
439 O OD1 . ASP A 77  ? 0.6140 0.7587 0.5491 -0.1378 0.0514  -0.1745 1528 ASP A OD1 
440 O OD2 . ASP A 77  ? 0.6232 0.7377 0.5890 -0.1547 0.0388  -0.1545 1528 ASP A OD2 
441 N N   . LEU A 78  ? 0.6156 0.7446 0.4616 -0.2639 0.0141  -0.1104 1529 LEU A N   
442 C CA  . LEU A 78  ? 0.6751 0.7845 0.4636 -0.3027 0.0008  -0.0925 1529 LEU A CA  
443 C C   . LEU A 78  ? 0.8062 0.9017 0.5482 -0.3497 0.0019  -0.0797 1529 LEU A C   
444 O O   . LEU A 78  ? 0.8009 0.9631 0.5518 -0.3661 0.0266  -0.0979 1529 LEU A O   
445 C CB  . LEU A 78  ? 0.6742 0.8421 0.4464 -0.3133 0.0171  -0.1103 1529 LEU A CB  
446 C CG  . LEU A 78  ? 0.7017 0.8708 0.4992 -0.2786 0.0170  -0.1250 1529 LEU A CG  
447 C CD1 . LEU A 78  ? 0.6826 0.9085 0.4633 -0.2835 0.0399  -0.1531 1529 LEU A CD1 
448 C CD2 . LEU A 78  ? 0.7609 0.8795 0.5442 -0.2808 -0.0143 -0.1032 1529 LEU A CD2 
449 N N   . ASP A 79  ? 0.8299 0.8349 0.5189 -0.3704 -0.0280 -0.0494 1530 ASP A N   
450 C CA  . ASP A 79  ? 0.9077 0.8627 0.5239 -0.4270 -0.0326 -0.0314 1530 ASP A CA  
451 C C   . ASP A 79  ? 1.0836 0.9401 0.6120 -0.4549 -0.0697 0.0042  1530 ASP A C   
452 O O   . ASP A 79  ? 1.0951 0.9508 0.6300 -0.4308 -0.0879 0.0103  1530 ASP A O   
453 C CB  . ASP A 79  ? 0.9265 0.8359 0.5606 -0.4154 -0.0338 -0.0330 1530 ASP A CB  
454 C CG  . ASP A 79  ? 1.0766 0.8913 0.7287 -0.3648 -0.0659 -0.0218 1530 ASP A CG  
455 O OD1 . ASP A 79  ? 1.1268 0.9068 0.7759 -0.3377 -0.0943 -0.0086 1530 ASP A OD1 
456 O OD2 . ASP A 79  ? 1.0352 0.8220 0.7087 -0.3505 -0.0623 -0.0308 1530 ASP A OD2 
457 N N   . LEU A 80  ? 1.1362 0.9055 0.5729 -0.5099 -0.0830 0.0280  1531 LEU A N   
458 C CA  . LEU A 80  ? 1.2703 0.9199 0.5966 -0.5434 -0.1240 0.0678  1531 LEU A CA  
459 C C   . LEU A 80  ? 1.3796 0.9218 0.7174 -0.4732 -0.1756 0.0873  1531 LEU A C   
460 O O   . LEU A 80  ? 1.4768 0.9323 0.7392 -0.4782 -0.2191 0.1193  1531 LEU A O   
461 C CB  . LEU A 80  ? 1.3953 0.9673 0.6056 -0.6301 -0.1220 0.0865  1531 LEU A CB  
462 C CG  . LEU A 80  ? 1.4289 1.1231 0.6127 -0.7134 -0.0748 0.0661  1531 LEU A CG  
463 C CD1 . LEU A 80  ? 1.5504 1.1818 0.6298 -0.8055 -0.0671 0.0773  1531 LEU A CD1 
464 C CD2 . LEU A 80  ? 1.4486 1.1807 0.5821 -0.7489 -0.0753 0.0737  1531 LEU A CD2 
465 N N   . THR A 81  ? 1.2756 0.8336 0.7079 -0.4072 -0.1719 0.0653  1532 THR A N   
466 C CA  . THR A 81  ? 1.3018 0.7932 0.7676 -0.3330 -0.2149 0.0701  1532 THR A CA  
467 C C   . THR A 81  ? 1.2926 0.8787 0.8428 -0.2843 -0.2182 0.0550  1532 THR A C   
468 O O   . THR A 81  ? 1.3385 0.8940 0.9150 -0.2281 -0.2578 0.0580  1532 THR A O   
469 C CB  . THR A 81  ? 1.3234 0.7933 0.8458 -0.2922 -0.2061 0.0475  1532 THR A CB  
470 O OG1 . THR A 81  ? 1.1429 0.7389 0.7814 -0.2550 -0.1725 0.0127  1532 THR A OG1 
471 C CG2 . THR A 81  ? 1.2830 0.6968 0.7406 -0.3505 -0.1857 0.0499  1532 THR A CG2 
472 N N   . SER A 82  ? 1.1564 0.8590 0.7500 -0.3031 -0.1775 0.0345  1533 SER A N   
473 C CA  . SER A 82  ? 1.0765 0.8647 0.7403 -0.2691 -0.1732 0.0158  1533 SER A CA  
474 C C   . SER A 82  ? 1.2271 0.9866 0.8601 -0.2560 -0.2207 0.0368  1533 SER A C   
475 O O   . SER A 82  ? 1.3248 1.0159 0.8623 -0.2929 -0.2473 0.0684  1533 SER A O   
476 C CB  . SER A 82  ? 1.0245 0.9053 0.7017 -0.2992 -0.1287 -0.0050 1533 SER A CB  
477 O OG  . SER A 82  ? 1.0315 0.9571 0.7585 -0.2914 -0.0913 -0.0293 1533 SER A OG  
478 N N   . GLN A 83  ? 1.1468 0.9618 0.8559 -0.2078 -0.2328 0.0188  1534 GLN A N   
479 C CA  . GLN A 83  ? 1.1968 1.0131 0.8963 -0.1875 -0.2804 0.0318  1534 GLN A CA  
480 C C   . GLN A 83  ? 1.2888 1.1236 0.9210 -0.2409 -0.2770 0.0454  1534 GLN A C   
481 O O   . GLN A 83  ? 1.2068 1.1115 0.8588 -0.2667 -0.2330 0.0225  1534 GLN A O   
482 C CB  . GLN A 83  ? 1.1313 1.0379 0.9342 -0.1400 -0.2812 -0.0006 1534 GLN A CB  
483 N N   . ARG A 84  ? 1.3790 1.1380 0.9196 -0.2585 -0.3242 0.0827  1535 ARG A N   
484 C CA  . ARG A 84  ? 1.8489 1.6113 1.3036 -0.3172 -0.3267 0.1000  1535 ARG A CA  
485 C C   . ARG A 84  ? 2.1705 1.9360 1.6078 -0.2967 -0.3845 0.1169  1535 ARG A C   
486 O O   . ARG A 84  ? 1.5619 1.3947 1.0878 -0.2457 -0.3987 0.0953  1535 ARG A O   
487 C CB  . ARG A 84  ? 1.9650 1.6287 1.2988 -0.3771 -0.3302 0.1333  1535 ARG A CB  
488 N N   . TRP A 88  ? 1.4764 1.5132 0.8128 -0.5210 -0.1568 0.0064  1539 TRP A N   
489 C CA  . TRP A 88  ? 1.3500 1.4206 0.7934 -0.4617 -0.1371 -0.0238 1539 TRP A CA  
490 C C   . TRP A 88  ? 1.3249 1.3501 0.8181 -0.4196 -0.1552 -0.0059 1539 TRP A C   
491 O O   . TRP A 88  ? 1.3773 1.3429 0.8498 -0.4064 -0.2042 0.0277  1539 TRP A O   
492 C CB  . TRP A 88  ? 1.3149 1.4118 0.7876 -0.4427 -0.1537 -0.0368 1539 TRP A CB  
493 N N   . LYS A 89  ? 1.1678 1.2192 0.7233 -0.3953 -0.1179 -0.0307 1540 LYS A N   
494 C CA  . LYS A 89  ? 1.1111 1.1293 0.7159 -0.3592 -0.1245 -0.0230 1540 LYS A CA  
495 C C   . LYS A 89  ? 1.0318 1.0864 0.7249 -0.3129 -0.1068 -0.0518 1540 LYS A C   
496 O O   . LYS A 89  ? 0.9958 1.0916 0.7087 -0.3109 -0.0701 -0.0813 1540 LYS A O   
497 C CB  . LYS A 89  ? 1.1373 1.1502 0.7180 -0.3867 -0.0987 -0.0222 1540 LYS A CB  
498 N N   . ARG A 90  ? 0.9159 0.9529 0.6556 -0.2758 -0.1343 -0.0452 1541 ARG A N   
499 C CA  . ARG A 90  ? 0.8098 0.8803 0.6247 -0.2419 -0.1200 -0.0707 1541 ARG A CA  
500 C C   . ARG A 90  ? 0.7949 0.8563 0.6441 -0.2253 -0.0946 -0.0797 1541 ARG A C   
501 O O   . ARG A 90  ? 0.8006 0.8213 0.6345 -0.2251 -0.1041 -0.0631 1541 ARG A O   
502 C CB  . ARG A 90  ? 0.8018 0.8825 0.6565 -0.2124 -0.1584 -0.0673 1541 ARG A CB  
503 C CG  . ARG A 90  ? 0.9423 1.0403 0.7638 -0.2275 -0.1914 -0.0569 1541 ARG A CG  
504 C CD  . ARG A 90  ? 1.0044 1.1268 0.8722 -0.1892 -0.2362 -0.0555 1541 ARG A CD  
505 N NE  . ARG A 90  ? 1.0405 1.2422 0.9768 -0.1828 -0.2191 -0.0903 1541 ARG A NE  
506 C CZ  . ARG A 90  ? 1.0957 1.3577 1.0360 -0.2010 -0.2302 -0.1028 1541 ARG A CZ  
507 N NH1 . ARG A 90  ? 0.9947 1.2493 0.8782 -0.2207 -0.2609 -0.0827 1541 ARG A NH1 
508 N NH2 . ARG A 90  ? 0.8140 1.1442 0.8071 -0.2073 -0.2107 -0.1359 1541 ARG A NH2 
509 N N   . VAL A 91  ? 0.6903 0.7799 0.5746 -0.2148 -0.0645 -0.1053 1542 VAL A N   
510 C CA  . VAL A 91  ? 0.6524 0.7392 0.5643 -0.2004 -0.0410 -0.1153 1542 VAL A CA  
511 C C   . VAL A 91  ? 0.6598 0.7316 0.6125 -0.1772 -0.0561 -0.1119 1542 VAL A C   
512 O O   . VAL A 91  ? 0.6441 0.7325 0.6303 -0.1615 -0.0737 -0.1182 1542 VAL A O   
513 C CB  . VAL A 91  ? 0.6746 0.7755 0.5953 -0.1943 -0.0128 -0.1398 1542 VAL A CB  
514 C CG1 . VAL A 91  ? 0.6599 0.7691 0.6047 -0.1925 -0.0166 -0.1524 1542 VAL A CG1 
515 C CG2 . VAL A 91  ? 0.6407 0.7383 0.5753 -0.1803 0.0068  -0.1462 1542 VAL A CG2 
516 N N   . ASN A 92  ? 0.5995 0.6476 0.5485 -0.1764 -0.0492 -0.1062 1543 ASN A N   
517 C CA  . ASN A 92  ? 0.5953 0.6186 0.5732 -0.1552 -0.0594 -0.1076 1543 ASN A CA  
518 C C   . ASN A 92  ? 0.6020 0.6566 0.6281 -0.1402 -0.0376 -0.1320 1543 ASN A C   
519 O O   . ASN A 92  ? 0.5741 0.6430 0.5954 -0.1487 -0.0122 -0.1404 1543 ASN A O   
520 C CB  . ASN A 92  ? 0.5831 0.5620 0.5249 -0.1715 -0.0576 -0.0943 1543 ASN A CB  
521 C CG  . ASN A 92  ? 0.8419 0.7717 0.7171 -0.1983 -0.0805 -0.0673 1543 ASN A CG  
522 O OD1 . ASN A 92  ? 0.7762 0.6945 0.6319 -0.1965 -0.1062 -0.0546 1543 ASN A OD1 
523 N ND2 . ASN A 92  ? 0.7477 0.6489 0.5776 -0.2316 -0.0721 -0.0579 1543 ASN A ND2 
524 N N   . THR A 93  ? 0.5755 0.6395 0.6436 -0.1168 -0.0495 -0.1449 1544 THR A N   
525 C CA  . THR A 93  ? 0.5555 0.6517 0.6647 -0.1103 -0.0278 -0.1707 1544 THR A CA  
526 C C   . THR A 93  ? 0.6532 0.7211 0.7790 -0.0891 -0.0348 -0.1775 1544 THR A C   
527 O O   . THR A 93  ? 0.7176 0.7322 0.8180 -0.0789 -0.0600 -0.1606 1544 THR A O   
528 C CB  . THR A 93  ? 0.6091 0.7665 0.7576 -0.1078 -0.0307 -0.1918 1544 THR A CB  
529 O OG1 . THR A 93  ? 0.6634 0.8352 0.8447 -0.0762 -0.0632 -0.1957 1544 THR A OG1 
530 C CG2 . THR A 93  ? 0.5593 0.7283 0.6782 -0.1326 -0.0281 -0.1855 1544 THR A CG2 
531 N N   . LEU A 94  ? 0.6009 0.6941 0.7586 -0.0852 -0.0139 -0.2031 1545 LEU A N   
532 C CA  . LEU A 94  ? 0.6413 0.7065 0.8146 -0.0622 -0.0196 -0.2175 1545 LEU A CA  
533 C C   . LEU A 94  ? 0.7333 0.8029 0.9410 -0.0187 -0.0537 -0.2289 1545 LEU A C   
534 O O   . LEU A 94  ? 0.8040 0.8059 0.9955 0.0074  -0.0760 -0.2260 1545 LEU A O   
535 C CB  . LEU A 94  ? 0.6261 0.7285 0.8252 -0.0701 0.0115  -0.2477 1545 LEU A CB  
536 C CG  . LEU A 94  ? 0.6649 0.7524 0.8253 -0.1032 0.0369  -0.2372 1545 LEU A CG  
537 C CD1 . LEU A 94  ? 0.6487 0.7749 0.8255 -0.1165 0.0640  -0.2654 1545 LEU A CD1 
538 C CD2 . LEU A 94  ? 0.7017 0.7302 0.8254 -0.1087 0.0315  -0.2216 1545 LEU A CD2 
539 N N   . MET A 95  ? 0.6651 0.8086 0.9126 -0.0112 -0.0613 -0.2410 1546 MET A N   
540 C CA  . MET A 95  ? 0.7114 0.8881 0.9999 0.0333  -0.0989 -0.2535 1546 MET A CA  
541 C C   . MET A 95  ? 0.7737 0.8568 1.0050 0.0486  -0.1423 -0.2140 1546 MET A C   
542 O O   . MET A 95  ? 0.8343 0.8781 1.0717 0.0987  -0.1810 -0.2181 1546 MET A O   
543 C CB  . MET A 95  ? 0.7162 0.9977 1.0418 0.0144  -0.0925 -0.2685 1546 MET A CB  
544 C CG  . MET A 95  ? 0.8160 1.1809 1.2045 0.0565  -0.1260 -0.2938 1546 MET A CG  
545 S SD  . MET A 95  ? 0.8550 1.3494 1.2744 0.0078  -0.1070 -0.3148 1546 MET A SD  
546 C CE  . MET A 95  ? 0.8062 1.2088 1.1299 -0.0485 -0.0934 -0.2660 1546 MET A CE  
547 N N   . HIS A 96  ? 0.6852 0.7271 0.8533 0.0055  -0.1366 -0.1779 1547 HIS A N   
548 C CA  . HIS A 96  ? 0.7447 0.6980 0.8413 0.0011  -0.1714 -0.1390 1547 HIS A CA  
549 C C   . HIS A 96  ? 0.8763 0.7175 0.9262 0.0138  -0.1864 -0.1289 1547 HIS A C   
550 O O   . HIS A 96  ? 0.9607 0.7220 0.9714 0.0421  -0.2322 -0.1119 1547 HIS A O   
551 C CB  . HIS A 96  ? 0.7151 0.6642 0.7577 -0.0532 -0.1506 -0.1138 1547 HIS A CB  
552 C CG  . HIS A 96  ? 0.8310 0.6884 0.7874 -0.0764 -0.1733 -0.0772 1547 HIS A CG  
553 N ND1 . HIS A 96  ? 0.9186 0.7431 0.8335 -0.0718 -0.2156 -0.0530 1547 HIS A ND1 
554 C CD2 . HIS A 96  ? 0.8767 0.6718 0.7762 -0.1099 -0.1599 -0.0628 1547 HIS A CD2 
555 C CE1 . HIS A 96  ? 0.9886 0.7230 0.8147 -0.1071 -0.2248 -0.0228 1547 HIS A CE1 
556 N NE2 . HIS A 96  ? 0.9723 0.6922 0.7887 -0.1336 -0.1903 -0.0294 1547 HIS A NE2 
557 N N   . TYR A 97  ? 0.8299 0.6571 0.8739 -0.0099 -0.1505 -0.1384 1548 TYR A N   
558 C CA  . TYR A 97  ? 0.9165 0.6384 0.9095 -0.0115 -0.1568 -0.1337 1548 TYR A CA  
559 C C   . TYR A 97  ? 1.0476 0.7446 1.0806 0.0494  -0.1747 -0.1665 1548 TYR A C   
560 O O   . TYR A 97  ? 1.1736 0.7541 1.1519 0.0602  -0.1939 -0.1623 1548 TYR A O   
561 C CB  . TYR A 97  ? 0.8727 0.6123 0.8538 -0.0588 -0.1121 -0.1378 1548 TYR A CB  
562 C CG  . TYR A 97  ? 0.8688 0.6188 0.7998 -0.1134 -0.0987 -0.1099 1548 TYR A CG  
563 C CD1 . TYR A 97  ? 0.9818 0.6470 0.8263 -0.1506 -0.1150 -0.0809 1548 TYR A CD1 
564 C CD2 . TYR A 97  ? 0.7793 0.6218 0.7430 -0.1298 -0.0690 -0.1163 1548 TYR A CD2 
565 C CE1 . TYR A 97  ? 0.9605 0.6591 0.7653 -0.2035 -0.0981 -0.0639 1548 TYR A CE1 
566 C CE2 . TYR A 97  ? 0.7672 0.6316 0.6927 -0.1707 -0.0555 -0.1002 1548 TYR A CE2 
567 C CZ  . TYR A 97  ? 0.8860 0.6914 0.7384 -0.2078 -0.0682 -0.0767 1548 TYR A CZ  
568 O OH  . TYR A 97  ? 0.8235 0.6737 0.6449 -0.2504 -0.0508 -0.0691 1548 TYR A OH  
569 N N   . ASN A 98  ? 0.9446 0.7511 1.0682 0.0864  -0.1675 -0.2028 1549 ASN A N   
570 C CA  . ASN A 98  ? 0.9789 0.8106 1.1649 0.1477  -0.1763 -0.2489 1549 ASN A CA  
571 C C   . ASN A 98  ? 1.0309 0.8577 1.2228 0.1297  -0.1344 -0.2775 1549 ASN A C   
572 O O   . ASN A 98  ? 1.1078 0.8761 1.2989 0.1685  -0.1441 -0.3045 1549 ASN A O   
573 C CB  . ASN A 98  ? 1.1284 0.8567 1.2847 0.2130  -0.2367 -0.2439 1549 ASN A CB  
574 C CG  . ASN A 98  ? 1.3887 1.1957 1.6367 0.2933  -0.2550 -0.2976 1549 ASN A CG  
575 N N   . VAL A 99  ? 0.8946 0.7801 1.0882 0.0730  -0.0900 -0.2731 1550 VAL A N   
576 C CA  . VAL A 99  ? 0.8696 0.7686 1.0664 0.0474  -0.0500 -0.2968 1550 VAL A CA  
577 C C   . VAL A 99  ? 0.9201 0.9318 1.1996 0.0726  -0.0307 -0.3484 1550 VAL A C   
578 O O   . VAL A 99  ? 0.8770 0.9841 1.1952 0.0598  -0.0206 -0.3525 1550 VAL A O   
579 C CB  . VAL A 99  ? 0.8465 0.7665 1.0092 -0.0144 -0.0202 -0.2694 1550 VAL A CB  
580 C CG1 . VAL A 99  ? 0.8058 0.7655 0.9791 -0.0393 0.0183  -0.2948 1550 VAL A CG1 
581 C CG2 . VAL A 99  ? 0.8891 0.7201 0.9754 -0.0449 -0.0331 -0.2301 1550 VAL A CG2 
582 N N   . ARG A 100 ? 0.9344 0.9365 1.2370 0.1057  -0.0259 -0.3914 1551 ARG A N   
583 C CA  . ARG A 100 ? 0.9040 1.0283 1.2879 0.1280  -0.0043 -0.4502 1551 ARG A CA  
584 C C   . ARG A 100 ? 0.9000 1.0655 1.2773 0.0776  0.0460  -0.4730 1551 ARG A C   
585 O O   . ARG A 100 ? 0.8823 0.9744 1.1972 0.0391  0.0577  -0.4468 1551 ARG A O   
586 C CB  . ARG A 100 ? 0.9921 1.0983 1.4156 0.2092  -0.0333 -0.4946 1551 ARG A CB  
587 N N   . ASP A 101 ? 0.8500 1.1404 1.2883 0.0732  0.0747  -0.5226 1552 ASP A N   
588 C CA  . ASP A 101 ? 0.8342 1.1728 1.2623 0.0223  0.1219  -0.5496 1552 ASP A CA  
589 C C   . ASP A 101 ? 0.9485 1.2001 1.3390 0.0300  0.1290  -0.5653 1552 ASP A C   
590 O O   . ASP A 101 ? 1.0048 1.2185 1.4177 0.0901  0.1100  -0.5979 1552 ASP A O   
591 C CB  . ASP A 101 ? 0.8438 1.3347 1.3491 0.0267  0.1471  -0.6149 1552 ASP A CB  
592 C CG  . ASP A 101 ? 0.9824 1.5465 1.4646 -0.0530 0.1935  -0.6244 1552 ASP A CG  
593 O OD1 . ASP A 101 ? 1.0021 1.5045 1.4188 -0.0958 0.2132  -0.6070 1552 ASP A OD1 
594 O OD2 . ASP A 101 ? 1.0956 1.7787 1.6190 -0.0758 0.2088  -0.6512 1552 ASP A OD2 
595 N N   . GLY A 102 ? 0.8869 1.0999 1.2148 -0.0282 0.1515  -0.5412 1553 GLY A N   
596 C CA  . GLY A 102 ? 0.9331 1.0710 1.2158 -0.0373 0.1613  -0.5543 1553 GLY A CA  
597 C C   . GLY A 102 ? 1.0142 1.0262 1.2309 -0.0434 0.1351  -0.5064 1553 GLY A C   
598 O O   . GLY A 102 ? 1.0572 1.0124 1.2235 -0.0711 0.1458  -0.5097 1553 GLY A O   
599 N N   . ALA A 103 ? 0.9577 0.9324 1.1689 -0.0266 0.1025  -0.4634 1554 ALA A N   
600 C CA  . ALA A 103 ? 0.9901 0.8554 1.1345 -0.0411 0.0784  -0.4184 1554 ALA A CA  
601 C C   . ALA A 103 ? 1.0054 0.8663 1.0962 -0.1041 0.0975  -0.3935 1554 ALA A C   
602 O O   . ALA A 103 ? 0.9336 0.8699 1.0337 -0.1328 0.1172  -0.3859 1554 ALA A O   
603 C CB  . ALA A 103 ? 0.9709 0.8290 1.1183 -0.0272 0.0485  -0.3772 1554 ALA A CB  
604 N N   . THR A 104 ? 1.0218 0.7917 1.0509 -0.1261 0.0887  -0.3815 1555 THR A N   
605 C CA  . THR A 104 ? 1.0004 0.7774 0.9811 -0.1848 0.1019  -0.3617 1555 THR A CA  
606 C C   . THR A 104 ? 1.0217 0.8019 0.9786 -0.2070 0.0856  -0.3134 1555 THR A C   
607 O O   . THR A 104 ? 1.0907 0.7984 1.0185 -0.2012 0.0625  -0.2946 1555 THR A O   
608 C CB  . THR A 104 ? 1.1353 0.8261 1.0602 -0.2071 0.1057  -0.3838 1555 THR A CB  
609 O OG1 . THR A 104 ? 1.1571 0.8706 1.1085 -0.1905 0.1278  -0.4340 1555 THR A OG1 
610 C CG2 . THR A 104 ? 1.0996 0.8035 0.9723 -0.2719 0.1137  -0.3636 1555 THR A CG2 
611 N N   . LEU A 105 ? 0.8765 0.7376 0.8398 -0.2313 0.0966  -0.2955 1556 LEU A N   
612 C CA  . LEU A 105 ? 0.8330 0.7185 0.7805 -0.2493 0.0856  -0.2597 1556 LEU A CA  
613 C C   . LEU A 105 ? 0.8656 0.7887 0.7801 -0.2945 0.0934  -0.2545 1556 LEU A C   
614 O O   . LEU A 105 ? 0.8680 0.8163 0.7785 -0.3078 0.1068  -0.2719 1556 LEU A O   
615 C CB  . LEU A 105 ? 0.7546 0.7037 0.7403 -0.2257 0.0849  -0.2456 1556 LEU A CB  
616 C CG  . LEU A 105 ? 0.7857 0.7287 0.8117 -0.1864 0.0774  -0.2519 1556 LEU A CG  
617 C CD1 . LEU A 105 ? 0.7121 0.7080 0.7557 -0.1793 0.0774  -0.2356 1556 LEU A CD1 
618 C CD2 . LEU A 105 ? 0.8579 0.7311 0.8709 -0.1702 0.0533  -0.2427 1556 LEU A CD2 
619 N N   . ILE A 106 ? 0.8273 0.7623 0.7157 -0.3219 0.0849  -0.2334 1557 ILE A N   
620 C CA  . ILE A 106 ? 0.8210 0.8156 0.6839 -0.3675 0.0901  -0.2326 1557 ILE A CA  
621 C C   . ILE A 106 ? 0.8084 0.9015 0.6970 -0.3571 0.0861  -0.2167 1557 ILE A C   
622 O O   . ILE A 106 ? 0.7927 0.8844 0.6855 -0.3488 0.0794  -0.2022 1557 ILE A O   
623 C CB  . ILE A 106 ? 0.9444 0.8765 0.7454 -0.4223 0.0874  -0.2325 1557 ILE A CB  
624 C CG1 . ILE A 106 ? 1.0405 0.8525 0.8093 -0.4207 0.0884  -0.2531 1557 ILE A CG1 
625 C CG2 . ILE A 106 ? 0.9476 0.9689 0.7276 -0.4782 0.0941  -0.2370 1557 ILE A CG2 
626 C CD1 . ILE A 106 ? 1.2183 0.9077 0.9107 -0.4579 0.0766  -0.2467 1557 ILE A CD1 
627 N N   . LEU A 107 ? 0.7296 0.9025 0.6316 -0.3522 0.0877  -0.2212 1558 LEU A N   
628 C CA  . LEU A 107 ? 0.6734 0.9370 0.5982 -0.3292 0.0799  -0.2126 1558 LEU A CA  
629 C C   . LEU A 107 ? 0.7553 1.1150 0.6715 -0.3647 0.0774  -0.2202 1558 LEU A C   
630 O O   . LEU A 107 ? 0.7664 1.1417 0.6643 -0.3936 0.0791  -0.2312 1558 LEU A O   
631 C CB  . LEU A 107 ? 0.6486 0.9187 0.5853 -0.2891 0.0758  -0.2112 1558 LEU A CB  
632 C CG  . LEU A 107 ? 0.6959 1.0300 0.6453 -0.2504 0.0619  -0.2037 1558 LEU A CG  
633 C CD1 . LEU A 107 ? 0.6703 0.9805 0.6356 -0.2220 0.0614  -0.1952 1558 LEU A CD1 
634 C CD2 . LEU A 107 ? 0.7502 1.0696 0.6811 -0.2268 0.0532  -0.2002 1558 LEU A CD2 
635 N N   . SER A 108 ? 0.7302 1.1640 0.6593 -0.3677 0.0748  -0.2186 1559 SER A N   
636 C CA  . SER A 108 ? 0.7286 1.2894 0.6614 -0.4014 0.0737  -0.2326 1559 SER A CA  
637 C C   . SER A 108 ? 0.7719 1.4343 0.7452 -0.3535 0.0653  -0.2370 1559 SER A C   
638 O O   . SER A 108 ? 0.7674 1.3820 0.7510 -0.3148 0.0649  -0.2273 1559 SER A O   
639 C CB  . SER A 108 ? 0.7881 1.3345 0.6806 -0.4777 0.0856  -0.2355 1559 SER A CB  
640 O OG  . SER A 108 ? 0.8471 1.3299 0.7274 -0.4770 0.0889  -0.2216 1559 SER A OG  
641 N N   . LYS A 109 ? 0.7408 1.5438 0.7381 -0.3494 0.0563  -0.2551 1560 LYS A N   
642 C CA  . LYS A 109 ? 0.7279 1.6380 0.7674 -0.2917 0.0453  -0.2681 1560 LYS A CA  
643 C C   . LYS A 109 ? 0.7997 1.8558 0.8581 -0.3357 0.0577  -0.2932 1560 LYS A C   
644 O O   . LYS A 109 ? 0.8268 1.9139 0.8602 -0.4163 0.0707  -0.2998 1560 LYS A O   
645 C CB  . LYS A 109 ? 0.7631 1.7295 0.8190 -0.2325 0.0175  -0.2733 1560 LYS A CB  
646 N N   . VAL A 110 ? 0.7381 1.8836 0.8351 -0.2859 0.0552  -0.3110 1561 VAL A N   
647 C CA  . VAL A 110 ? 1.0626 2.3721 1.1872 -0.3163 0.0698  -0.3436 1561 VAL A CA  
648 C C   . VAL A 110 ? 1.4150 2.6575 1.4929 -0.3969 0.0965  -0.3317 1561 VAL A C   
649 O O   . VAL A 110 ? 0.8722 2.0016 0.9329 -0.3745 0.0995  -0.3127 1561 VAL A O   
650 C CB  . VAL A 110 ? 1.1185 2.6166 1.2722 -0.3501 0.0658  -0.3755 1561 VAL A CB  
# 
loop_
_pdbx_poly_seq_scheme.asym_id 
_pdbx_poly_seq_scheme.entity_id 
_pdbx_poly_seq_scheme.seq_id 
_pdbx_poly_seq_scheme.mon_id 
_pdbx_poly_seq_scheme.ndb_seq_num 
_pdbx_poly_seq_scheme.pdb_seq_num 
_pdbx_poly_seq_scheme.auth_seq_num 
_pdbx_poly_seq_scheme.pdb_mon_id 
_pdbx_poly_seq_scheme.auth_mon_id 
_pdbx_poly_seq_scheme.pdb_strand_id 
_pdbx_poly_seq_scheme.pdb_ins_code 
_pdbx_poly_seq_scheme.hetero 
A 1 1   GLY 1   1452 ?    ?   ?   A . n 
A 1 2   LEU 2   1453 ?    ?   ?   A . n 
A 1 3   LEU 3   1454 ?    ?   ?   A . n 
A 1 4   GLY 4   1455 ?    ?   ?   A . n 
A 1 5   ASP 5   1456 ?    ?   ?   A . n 
A 1 6   ASP 6   1457 ?    ?   ?   A . n 
A 1 7   VAL 7   1458 ?    ?   ?   A . n 
A 1 8   GLU 8   1459 1459 GLU GLU A . n 
A 1 9   TYR 9   1460 1460 TYR TYR A . n 
A 1 10  ALA 10  1461 1461 ALA ALA A . n 
A 1 11  PRO 11  1462 1462 PRO PRO A . n 
A 1 12  LEU 12  1463 1463 LEU LEU A . n 
A 1 13  THR 13  1464 1464 THR THR A . n 
A 1 14  VAL 14  1465 1465 VAL VAL A . n 
A 1 15  SER 15  1466 1466 SER SER A . n 
A 1 16  VAL 16  1467 1467 VAL VAL A . n 
A 1 17  ILE 17  1468 1468 ILE ILE A . n 
A 1 18  VAL 18  1469 1469 VAL VAL A . n 
A 1 19  GLN 19  1470 1470 GLN GLN A . n 
A 1 20  ASP 20  1471 1471 ASP ASP A . n 
A 1 21  GLU 21  1472 1472 GLU GLU A . n 
A 1 22  GLY 22  1473 1473 GLY GLY A . n 
A 1 23  VAL 23  1474 1474 VAL VAL A . n 
A 1 24  ASP 24  1475 1475 ASP ASP A . n 
A 1 25  ALA 25  1476 1476 ALA ALA A . n 
A 1 26  ILE 26  1477 1477 ILE ILE A . n 
A 1 27  PRO 27  1478 1478 PRO PRO A . n 
A 1 28  VAL 28  1479 1479 VAL VAL A . n 
A 1 29  LYS 29  1480 1480 LYS LYS A . n 
A 1 30  VAL 30  1481 1481 VAL VAL A . n 
A 1 31  LEU 31  1482 1482 LEU LEU A . n 
A 1 32  ASN 32  1483 1483 ASN ASN A . n 
A 1 33  CYS 33  1484 1484 CYS CYS A . n 
A 1 34  ASP 34  1485 1485 ASP ASP A . n 
A 1 35  THR 35  1486 1486 THR THR A . n 
A 1 36  ILE 36  1487 1487 ILE ILE A . n 
A 1 37  SER 37  1488 1488 SER SER A . n 
A 1 38  GLN 38  1489 1489 GLN GLN A . n 
A 1 39  VAL 39  1490 1490 VAL VAL A . n 
A 1 40  LYS 40  1491 1491 LYS LYS A . n 
A 1 41  GLU 41  1492 1492 GLU GLU A . n 
A 1 42  LYS 42  1493 1493 LYS LYS A . n 
A 1 43  ILE 43  1494 1494 ILE ILE A . n 
A 1 44  ILE 44  1495 1495 ILE ILE A . n 
A 1 45  ASP 45  1496 1496 ASP ASP A . n 
A 1 46  GLN 46  1497 1497 GLN GLN A . n 
A 1 47  VAL 47  1498 1498 VAL VAL A . n 
A 1 48  TYR 48  1499 1499 TYR TYR A . n 
A 1 49  ARG 49  1500 1500 ARG ARG A . n 
A 1 50  GLY 50  1501 ?    ?   ?   A . n 
A 1 51  GLN 51  1502 ?    ?   ?   A . n 
A 1 52  PRO 52  1503 ?    ?   ?   A . n 
A 1 53  CYS 53  1504 ?    ?   ?   A . n 
A 1 54  SER 54  1505 ?    ?   ?   A . n 
A 1 55  CYS 55  1506 ?    ?   ?   A . n 
A 1 56  TRP 56  1507 ?    ?   ?   A . n 
A 1 57  PRO 57  1508 ?    ?   ?   A . n 
A 1 58  ARG 58  1509 ?    ?   ?   A . n 
A 1 59  PRO 59  1510 1510 PRO PRO A . n 
A 1 60  ASP 60  1511 1511 ASP ASP A . n 
A 1 61  SER 61  1512 1512 SER SER A . n 
A 1 62  VAL 62  1513 1513 VAL VAL A . n 
A 1 63  VAL 63  1514 1514 VAL VAL A . n 
A 1 64  LEU 64  1515 1515 LEU LEU A . n 
A 1 65  GLU 65  1516 1516 GLU GLU A . n 
A 1 66  TRP 66  1517 1517 TRP TRP A . n 
A 1 67  ARG 67  1518 1518 ARG ARG A . n 
A 1 68  PRO 68  1519 1519 PRO PRO A . n 
A 1 69  GLY 69  1520 ?    ?   ?   A . n 
A 1 70  SER 70  1521 1521 SER SER A . n 
A 1 71  THR 71  1522 1522 THR THR A . n 
A 1 72  ALA 72  1523 1523 ALA ALA A . n 
A 1 73  GLN 73  1524 1524 GLN GLN A . n 
A 1 74  ILE 74  1525 1525 ILE ILE A . n 
A 1 75  LEU 75  1526 1526 LEU LEU A . n 
A 1 76  SER 76  1527 1527 SER SER A . n 
A 1 77  ASP 77  1528 1528 ASP ASP A . n 
A 1 78  LEU 78  1529 1529 LEU LEU A . n 
A 1 79  ASP 79  1530 1530 ASP ASP A . n 
A 1 80  LEU 80  1531 1531 LEU LEU A . n 
A 1 81  THR 81  1532 1532 THR THR A . n 
A 1 82  SER 82  1533 1533 SER SER A . n 
A 1 83  GLN 83  1534 1534 GLN GLN A . n 
A 1 84  ARG 84  1535 1535 ARG ARG A . n 
A 1 85  GLU 85  1536 ?    ?   ?   A . n 
A 1 86  GLY 86  1537 ?    ?   ?   A . n 
A 1 87  ARG 87  1538 ?    ?   ?   A . n 
A 1 88  TRP 88  1539 1539 TRP TRP A . n 
A 1 89  LYS 89  1540 1540 LYS LYS A . n 
A 1 90  ARG 90  1541 1541 ARG ARG A . n 
A 1 91  VAL 91  1542 1542 VAL VAL A . n 
A 1 92  ASN 92  1543 1543 ASN ASN A . n 
A 1 93  THR 93  1544 1544 THR THR A . n 
A 1 94  LEU 94  1545 1545 LEU LEU A . n 
A 1 95  MET 95  1546 1546 MET MET A . n 
A 1 96  HIS 96  1547 1547 HIS HIS A . n 
A 1 97  TYR 97  1548 1548 TYR TYR A . n 
A 1 98  ASN 98  1549 1549 ASN ASN A . n 
A 1 99  VAL 99  1550 1550 VAL VAL A . n 
A 1 100 ARG 100 1551 1551 ARG ARG A . n 
A 1 101 ASP 101 1552 1552 ASP ASP A . n 
A 1 102 GLY 102 1553 1553 GLY GLY A . n 
A 1 103 ALA 103 1554 1554 ALA ALA A . n 
A 1 104 THR 104 1555 1555 THR THR A . n 
A 1 105 LEU 105 1556 1556 LEU LEU A . n 
A 1 106 ILE 106 1557 1557 ILE ILE A . n 
A 1 107 LEU 107 1558 1558 LEU LEU A . n 
A 1 108 SER 108 1559 1559 SER SER A . n 
A 1 109 LYS 109 1560 1560 LYS LYS A . n 
A 1 110 VAL 110 1561 1561 VAL VAL A . n 
A 1 111 GLY 111 1562 ?    ?   ?   A . n 
# 
_pdbx_SG_project.id                    1 
_pdbx_SG_project.project_name          ? 
_pdbx_SG_project.full_name_of_center   'Structural Genomics Consortium' 
_pdbx_SG_project.initial_of_center     SGC 
# 
loop_
_pdbx_nonpoly_scheme.asym_id 
_pdbx_nonpoly_scheme.entity_id 
_pdbx_nonpoly_scheme.mon_id 
_pdbx_nonpoly_scheme.ndb_seq_num 
_pdbx_nonpoly_scheme.pdb_seq_num 
_pdbx_nonpoly_scheme.auth_seq_num 
_pdbx_nonpoly_scheme.pdb_mon_id 
_pdbx_nonpoly_scheme.auth_mon_id 
_pdbx_nonpoly_scheme.pdb_strand_id 
_pdbx_nonpoly_scheme.pdb_ins_code 
B 2 NA  1 1601 1 NA  NA  A . 
C 3 HOH 1 1701 1 HOH HOH A . 
C 3 HOH 2 1702 2 HOH HOH A . 
C 3 HOH 3 1703 3 HOH HOH A . 
C 3 HOH 4 1704 4 HOH HOH A . 
C 3 HOH 5 1705 5 HOH HOH A . 
C 3 HOH 6 1706 6 HOH HOH A . 
C 3 HOH 7 1707 7 HOH HOH A . 
C 3 HOH 8 1708 8 HOH HOH A . 
C 3 HOH 9 1709 9 HOH HOH A . 
# 
_pdbx_struct_assembly.id                   1 
_pdbx_struct_assembly.details              software_defined_assembly 
_pdbx_struct_assembly.method_details       PISA 
_pdbx_struct_assembly.oligomeric_details   dimeric 
_pdbx_struct_assembly.oligomeric_count     2 
# 
_pdbx_struct_assembly_gen.assembly_id       1 
_pdbx_struct_assembly_gen.oper_expression   1,2 
_pdbx_struct_assembly_gen.asym_id_list      A,B,C 
# 
loop_
_pdbx_struct_assembly_prop.biol_id 
_pdbx_struct_assembly_prop.type 
_pdbx_struct_assembly_prop.value 
_pdbx_struct_assembly_prop.details 
1 'ABSA (A^2)' 1230 ? 
1 MORE         -21  ? 
1 'SSA (A^2)'  9960 ? 
# 
loop_
_pdbx_struct_oper_list.id 
_pdbx_struct_oper_list.type 
_pdbx_struct_oper_list.name 
_pdbx_struct_oper_list.symmetry_operation 
_pdbx_struct_oper_list.matrix[1][1] 
_pdbx_struct_oper_list.matrix[1][2] 
_pdbx_struct_oper_list.matrix[1][3] 
_pdbx_struct_oper_list.vector[1] 
_pdbx_struct_oper_list.matrix[2][1] 
_pdbx_struct_oper_list.matrix[2][2] 
_pdbx_struct_oper_list.matrix[2][3] 
_pdbx_struct_oper_list.vector[2] 
_pdbx_struct_oper_list.matrix[3][1] 
_pdbx_struct_oper_list.matrix[3][2] 
_pdbx_struct_oper_list.matrix[3][3] 
_pdbx_struct_oper_list.vector[3] 
1 'identity operation'         1_555  x,y,z        1.0000000000 0.0000000000 0.0000000000  0.0000000000 0.0000000000 1.0000000000  0.0000000000  0.0000000000  0.0000000000  0.0000000000  1.0000000000  0.0000000000  
2 'crystal symmetry operation' 10_555 -y,-x,-z+1/6 0.5098020005 0.0492643333 -0.8588800532 7.3328999987 0.0492643333 -0.9983925213 -0.0280249683 19.0415283358 -0.8588800532 -0.0280249683 -0.5114094792 13.9825057543 
# 
_pdbx_struct_special_symmetry.id              1 
_pdbx_struct_special_symmetry.PDB_model_num   1 
_pdbx_struct_special_symmetry.auth_asym_id    A 
_pdbx_struct_special_symmetry.auth_comp_id    NA 
_pdbx_struct_special_symmetry.auth_seq_id     1601 
_pdbx_struct_special_symmetry.PDB_ins_code    ? 
_pdbx_struct_special_symmetry.label_asym_id   B 
_pdbx_struct_special_symmetry.label_comp_id   NA 
_pdbx_struct_special_symmetry.label_seq_id    . 
# 
loop_
_pdbx_struct_conn_angle.id 
_pdbx_struct_conn_angle.ptnr1_label_atom_id 
_pdbx_struct_conn_angle.ptnr1_label_alt_id 
_pdbx_struct_conn_angle.ptnr1_label_asym_id 
_pdbx_struct_conn_angle.ptnr1_label_comp_id 
_pdbx_struct_conn_angle.ptnr1_label_seq_id 
_pdbx_struct_conn_angle.ptnr1_auth_atom_id 
_pdbx_struct_conn_angle.ptnr1_auth_asym_id 
_pdbx_struct_conn_angle.ptnr1_auth_comp_id 
_pdbx_struct_conn_angle.ptnr1_auth_seq_id 
_pdbx_struct_conn_angle.ptnr1_PDB_ins_code 
_pdbx_struct_conn_angle.ptnr1_symmetry 
_pdbx_struct_conn_angle.ptnr2_label_atom_id 
_pdbx_struct_conn_angle.ptnr2_label_alt_id 
_pdbx_struct_conn_angle.ptnr2_label_asym_id 
_pdbx_struct_conn_angle.ptnr2_label_comp_id 
_pdbx_struct_conn_angle.ptnr2_label_seq_id 
_pdbx_struct_conn_angle.ptnr2_auth_atom_id 
_pdbx_struct_conn_angle.ptnr2_auth_asym_id 
_pdbx_struct_conn_angle.ptnr2_auth_comp_id 
_pdbx_struct_conn_angle.ptnr2_auth_seq_id 
_pdbx_struct_conn_angle.ptnr2_PDB_ins_code 
_pdbx_struct_conn_angle.ptnr2_symmetry 
_pdbx_struct_conn_angle.ptnr3_label_atom_id 
_pdbx_struct_conn_angle.ptnr3_label_alt_id 
_pdbx_struct_conn_angle.ptnr3_label_asym_id 
_pdbx_struct_conn_angle.ptnr3_label_comp_id 
_pdbx_struct_conn_angle.ptnr3_label_seq_id 
_pdbx_struct_conn_angle.ptnr3_auth_atom_id 
_pdbx_struct_conn_angle.ptnr3_auth_asym_id 
_pdbx_struct_conn_angle.ptnr3_auth_comp_id 
_pdbx_struct_conn_angle.ptnr3_auth_seq_id 
_pdbx_struct_conn_angle.ptnr3_PDB_ins_code 
_pdbx_struct_conn_angle.ptnr3_symmetry 
_pdbx_struct_conn_angle.value 
_pdbx_struct_conn_angle.value_esd 
1 O   ? A CYS 33 ? A CYS 1484 ? 1_555 NA ? B NA . ? A NA 1601 ? 1_555 OE1 ? A GLN 38 ? A GLN 1489 ? 1_555 100.0 ? 
2 O   ? A CYS 33 ? A CYS 1484 ? 1_555 NA ? B NA . ? A NA 1601 ? 1_555 O   ? C HOH .  ? A HOH 1701 ? 1_555 85.7  ? 
3 OE1 ? A GLN 38 ? A GLN 1489 ? 1_555 NA ? B NA . ? A NA 1601 ? 1_555 O   ? C HOH .  ? A HOH 1701 ? 1_555 88.8  ? 
# 
loop_
_pdbx_audit_revision_history.ordinal 
_pdbx_audit_revision_history.data_content_type 
_pdbx_audit_revision_history.major_revision 
_pdbx_audit_revision_history.minor_revision 
_pdbx_audit_revision_history.revision_date 
1 'Structure model' 1 0 2012-03-28 
2 'Structure model' 1 1 2017-11-15 
3 'Structure model' 1 2 2023-09-13 
# 
_pdbx_audit_revision_details.ordinal             1 
_pdbx_audit_revision_details.revision_ordinal    1 
_pdbx_audit_revision_details.data_content_type   'Structure model' 
_pdbx_audit_revision_details.provider            repository 
_pdbx_audit_revision_details.type                'Initial release' 
_pdbx_audit_revision_details.description         ? 
_pdbx_audit_revision_details.details             ? 
# 
loop_
_pdbx_audit_revision_group.ordinal 
_pdbx_audit_revision_group.revision_ordinal 
_pdbx_audit_revision_group.data_content_type 
_pdbx_audit_revision_group.group 
1 2 'Structure model' 'Refinement description' 
2 3 'Structure model' 'Data collection'        
3 3 'Structure model' 'Database references'    
4 3 'Structure model' 'Derived calculations'   
5 3 'Structure model' 'Refinement description' 
# 
loop_
_pdbx_audit_revision_category.ordinal 
_pdbx_audit_revision_category.revision_ordinal 
_pdbx_audit_revision_category.data_content_type 
_pdbx_audit_revision_category.category 
1 2 'Structure model' software                      
2 3 'Structure model' chem_comp_atom                
3 3 'Structure model' chem_comp_bond                
4 3 'Structure model' database_2                    
5 3 'Structure model' pdbx_initial_refinement_model 
6 3 'Structure model' pdbx_struct_conn_angle        
7 3 'Structure model' struct_conn                   
8 3 'Structure model' struct_site                   
# 
loop_
_pdbx_audit_revision_item.ordinal 
_pdbx_audit_revision_item.revision_ordinal 
_pdbx_audit_revision_item.data_content_type 
_pdbx_audit_revision_item.item 
1  2 'Structure model' '_software.classification'                    
2  2 'Structure model' '_software.contact_author'                    
3  2 'Structure model' '_software.contact_author_email'              
4  2 'Structure model' '_software.date'                              
5  2 'Structure model' '_software.language'                          
6  2 'Structure model' '_software.location'                          
7  2 'Structure model' '_software.name'                              
8  2 'Structure model' '_software.type'                              
9  2 'Structure model' '_software.version'                           
10 3 'Structure model' '_database_2.pdbx_DOI'                        
11 3 'Structure model' '_database_2.pdbx_database_accession'         
12 3 'Structure model' '_pdbx_struct_conn_angle.ptnr1_auth_comp_id'  
13 3 'Structure model' '_pdbx_struct_conn_angle.ptnr1_auth_seq_id'   
14 3 'Structure model' '_pdbx_struct_conn_angle.ptnr1_label_asym_id' 
15 3 'Structure model' '_pdbx_struct_conn_angle.ptnr1_label_comp_id' 
16 3 'Structure model' '_pdbx_struct_conn_angle.ptnr1_label_seq_id'  
17 3 'Structure model' '_pdbx_struct_conn_angle.ptnr3_auth_comp_id'  
18 3 'Structure model' '_pdbx_struct_conn_angle.ptnr3_auth_seq_id'   
19 3 'Structure model' '_pdbx_struct_conn_angle.ptnr3_label_asym_id' 
20 3 'Structure model' '_pdbx_struct_conn_angle.ptnr3_label_comp_id' 
21 3 'Structure model' '_pdbx_struct_conn_angle.ptnr3_label_seq_id'  
22 3 'Structure model' '_pdbx_struct_conn_angle.value'               
23 3 'Structure model' '_struct_conn.pdbx_dist_value'                
24 3 'Structure model' '_struct_conn.ptnr1_auth_comp_id'             
25 3 'Structure model' '_struct_conn.ptnr1_auth_seq_id'              
26 3 'Structure model' '_struct_conn.ptnr1_label_asym_id'            
27 3 'Structure model' '_struct_conn.ptnr1_label_atom_id'            
28 3 'Structure model' '_struct_conn.ptnr1_label_comp_id'            
29 3 'Structure model' '_struct_conn.ptnr1_label_seq_id'             
30 3 'Structure model' '_struct_conn.ptnr2_auth_comp_id'             
31 3 'Structure model' '_struct_conn.ptnr2_auth_seq_id'              
32 3 'Structure model' '_struct_conn.ptnr2_label_asym_id'            
33 3 'Structure model' '_struct_conn.ptnr2_label_atom_id'            
34 3 'Structure model' '_struct_conn.ptnr2_label_comp_id'            
35 3 'Structure model' '_struct_site.pdbx_auth_asym_id'              
36 3 'Structure model' '_struct_site.pdbx_auth_comp_id'              
37 3 'Structure model' '_struct_site.pdbx_auth_seq_id'               
# 
_pdbx_refine_tls.pdbx_refine_id   'X-RAY DIFFRACTION' 
_pdbx_refine_tls.id               1 
_pdbx_refine_tls.details          ? 
_pdbx_refine_tls.method           refined 
_pdbx_refine_tls.origin_x         -0.1900 
_pdbx_refine_tls.origin_y         0.3106 
_pdbx_refine_tls.origin_z         -0.0465 
_pdbx_refine_tls.T[1][1]          0.0208 
_pdbx_refine_tls.T[2][2]          0.0602 
_pdbx_refine_tls.T[3][3]          0.0502 
_pdbx_refine_tls.T[1][2]          -0.1777 
_pdbx_refine_tls.T[1][3]          0.0621 
_pdbx_refine_tls.T[2][3]          -0.1906 
_pdbx_refine_tls.L[1][1]          4.8702 
_pdbx_refine_tls.L[2][2]          4.8197 
_pdbx_refine_tls.L[3][3]          13.8887 
_pdbx_refine_tls.L[1][2]          3.1752 
_pdbx_refine_tls.L[1][3]          1.6459 
_pdbx_refine_tls.L[2][3]          3.5807 
_pdbx_refine_tls.S[1][1]          0.0138 
_pdbx_refine_tls.S[2][2]          0.2252 
_pdbx_refine_tls.S[3][3]          -0.2389 
_pdbx_refine_tls.S[1][2]          0.1124 
_pdbx_refine_tls.S[1][3]          -0.6415 
_pdbx_refine_tls.S[2][3]          -0.5586 
_pdbx_refine_tls.S[2][1]          0.0664 
_pdbx_refine_tls.S[3][1]          0.7841 
_pdbx_refine_tls.S[3][2]          -0.3330 
# 
_pdbx_refine_tls_group.pdbx_refine_id      'X-RAY DIFFRACTION' 
_pdbx_refine_tls_group.id                  1 
_pdbx_refine_tls_group.refine_tls_id       1 
_pdbx_refine_tls_group.beg_auth_asym_id    A 
_pdbx_refine_tls_group.beg_auth_seq_id     1459 
_pdbx_refine_tls_group.end_auth_asym_id    A 
_pdbx_refine_tls_group.end_auth_seq_id     1561 
_pdbx_refine_tls_group.selection_details   '{ A|* }' 
_pdbx_refine_tls_group.beg_label_asym_id   ? 
_pdbx_refine_tls_group.beg_label_seq_id    ? 
_pdbx_refine_tls_group.end_label_asym_id   ? 
_pdbx_refine_tls_group.end_label_seq_id    ? 
_pdbx_refine_tls_group.selection           ? 
# 
_phasing.method   MR 
# 
loop_
_software.pdbx_ordinal 
_software.name 
_software.version 
_software.date 
_software.type 
_software.contact_author 
_software.contact_author_email 
_software.classification 
_software.location 
_software.language 
_software.citation_id 
1 DENZO       .               ?                package 'Zbyszek Otwinowski' hkl@hkl-xray.com                 'data reduction'  
http://www.hkl-xray.com/                    ?   ? 
2 SCALEPACK   .               ?                package 'Zbyszek Otwinowski' hkl@hkl-xray.com                 'data scaling'    
http://www.hkl-xray.com/                    ?   ? 
3 PHASER      .               ?                program 'Randy J. Read'      cimr-phaser@lists.cam.ac.uk      phasing           
http://www-structmed.cimr.cam.ac.uk/phaser/ ?   ? 
4 BUSTER-TNT  'BUSTER 2.10.0' ?                program 'Gerard Bricogne'    buster-develop@GlobalPhasing.com refinement        
http://www.globalphasing.com/buster/        ?   ? 
5 PDB_EXTRACT 3.11            'August 3, 2011' package PDB                  deposit@deposit.rcsb.org         'data extraction' 
http://sw-tools.pdb.org/apps/PDB_EXTRACT/   C++ ? 
6 BUSTER      2.10.0          ?                ?       ?                    ?                                refinement        ? ? 
? 
# 
loop_
_pdbx_validate_torsion.id 
_pdbx_validate_torsion.PDB_model_num 
_pdbx_validate_torsion.auth_comp_id 
_pdbx_validate_torsion.auth_asym_id 
_pdbx_validate_torsion.auth_seq_id 
_pdbx_validate_torsion.PDB_ins_code 
_pdbx_validate_torsion.label_alt_id 
_pdbx_validate_torsion.phi 
_pdbx_validate_torsion.psi 
1 1 ASP A 1471 ? ? 58.49 11.41 
2 1 ASN A 1549 ? ? 72.48 42.42 
# 
loop_
_pdbx_unobs_or_zero_occ_atoms.id 
_pdbx_unobs_or_zero_occ_atoms.PDB_model_num 
_pdbx_unobs_or_zero_occ_atoms.polymer_flag 
_pdbx_unobs_or_zero_occ_atoms.occupancy_flag 
_pdbx_unobs_or_zero_occ_atoms.auth_asym_id 
_pdbx_unobs_or_zero_occ_atoms.auth_comp_id 
_pdbx_unobs_or_zero_occ_atoms.auth_seq_id 
_pdbx_unobs_or_zero_occ_atoms.PDB_ins_code 
_pdbx_unobs_or_zero_occ_atoms.auth_atom_id 
_pdbx_unobs_or_zero_occ_atoms.label_alt_id 
_pdbx_unobs_or_zero_occ_atoms.label_asym_id 
_pdbx_unobs_or_zero_occ_atoms.label_comp_id 
_pdbx_unobs_or_zero_occ_atoms.label_seq_id 
_pdbx_unobs_or_zero_occ_atoms.label_atom_id 
1  1 Y 1 A GLU 1459 ? CG  ? A GLU 8   CG  
2  1 Y 1 A GLU 1459 ? CD  ? A GLU 8   CD  
3  1 Y 1 A GLU 1459 ? OE1 ? A GLU 8   OE1 
4  1 Y 1 A GLU 1459 ? OE2 ? A GLU 8   OE2 
5  1 Y 1 A TYR 1460 ? CG  ? A TYR 9   CG  
6  1 Y 1 A TYR 1460 ? CD1 ? A TYR 9   CD1 
7  1 Y 1 A TYR 1460 ? CD2 ? A TYR 9   CD2 
8  1 Y 1 A TYR 1460 ? CE1 ? A TYR 9   CE1 
9  1 Y 1 A TYR 1460 ? CE2 ? A TYR 9   CE2 
10 1 Y 1 A TYR 1460 ? CZ  ? A TYR 9   CZ  
11 1 Y 1 A TYR 1460 ? OH  ? A TYR 9   OH  
12 1 Y 1 A ILE 1477 ? CD1 ? A ILE 26  CD1 
13 1 Y 1 A LYS 1480 ? CG  ? A LYS 29  CG  
14 1 Y 1 A LYS 1480 ? CD  ? A LYS 29  CD  
15 1 Y 1 A LYS 1480 ? CE  ? A LYS 29  CE  
16 1 Y 1 A LYS 1480 ? NZ  ? A LYS 29  NZ  
17 1 Y 1 A ASN 1483 ? OD1 ? A ASN 32  OD1 
18 1 Y 1 A ASN 1483 ? ND2 ? A ASN 32  ND2 
19 1 Y 1 A SER 1512 ? OG  ? A SER 61  OG  
20 1 Y 1 A ARG 1518 ? CG  ? A ARG 67  CG  
21 1 Y 1 A ARG 1518 ? CD  ? A ARG 67  CD  
22 1 Y 1 A ARG 1518 ? NE  ? A ARG 67  NE  
23 1 Y 1 A ARG 1518 ? CZ  ? A ARG 67  CZ  
24 1 Y 1 A ARG 1518 ? NH1 ? A ARG 67  NH1 
25 1 Y 1 A ARG 1518 ? NH2 ? A ARG 67  NH2 
26 1 Y 1 A PRO 1519 ? O   ? A PRO 68  O   
27 1 Y 1 A SER 1521 ? OG  ? A SER 70  OG  
28 1 Y 1 A THR 1522 ? OG1 ? A THR 71  OG1 
29 1 Y 1 A THR 1522 ? CG2 ? A THR 71  CG2 
30 1 Y 1 A GLN 1534 ? CG  ? A GLN 83  CG  
31 1 Y 1 A GLN 1534 ? CD  ? A GLN 83  CD  
32 1 Y 1 A GLN 1534 ? OE1 ? A GLN 83  OE1 
33 1 Y 1 A GLN 1534 ? NE2 ? A GLN 83  NE2 
34 1 Y 1 A ARG 1535 ? CG  ? A ARG 84  CG  
35 1 Y 1 A ARG 1535 ? CD  ? A ARG 84  CD  
36 1 Y 1 A ARG 1535 ? NE  ? A ARG 84  NE  
37 1 Y 1 A ARG 1535 ? CZ  ? A ARG 84  CZ  
38 1 Y 1 A ARG 1535 ? NH1 ? A ARG 84  NH1 
39 1 Y 1 A ARG 1535 ? NH2 ? A ARG 84  NH2 
40 1 Y 1 A TRP 1539 ? CG  ? A TRP 88  CG  
41 1 Y 1 A TRP 1539 ? CD1 ? A TRP 88  CD1 
42 1 Y 1 A TRP 1539 ? CD2 ? A TRP 88  CD2 
43 1 Y 1 A TRP 1539 ? NE1 ? A TRP 88  NE1 
44 1 Y 1 A TRP 1539 ? CE2 ? A TRP 88  CE2 
45 1 Y 1 A TRP 1539 ? CE3 ? A TRP 88  CE3 
46 1 Y 1 A TRP 1539 ? CZ2 ? A TRP 88  CZ2 
47 1 Y 1 A TRP 1539 ? CZ3 ? A TRP 88  CZ3 
48 1 Y 1 A TRP 1539 ? CH2 ? A TRP 88  CH2 
49 1 Y 1 A LYS 1540 ? CG  ? A LYS 89  CG  
50 1 Y 1 A LYS 1540 ? CD  ? A LYS 89  CD  
51 1 Y 1 A LYS 1540 ? CE  ? A LYS 89  CE  
52 1 Y 1 A LYS 1540 ? NZ  ? A LYS 89  NZ  
53 1 Y 1 A ASN 1549 ? OD1 ? A ASN 98  OD1 
54 1 Y 1 A ASN 1549 ? ND2 ? A ASN 98  ND2 
55 1 Y 1 A ARG 1551 ? CG  ? A ARG 100 CG  
56 1 Y 1 A ARG 1551 ? CD  ? A ARG 100 CD  
57 1 Y 1 A ARG 1551 ? NE  ? A ARG 100 NE  
58 1 Y 1 A ARG 1551 ? CZ  ? A ARG 100 CZ  
59 1 Y 1 A ARG 1551 ? NH1 ? A ARG 100 NH1 
60 1 Y 1 A ARG 1551 ? NH2 ? A ARG 100 NH2 
61 1 Y 1 A LYS 1560 ? CG  ? A LYS 109 CG  
62 1 Y 1 A LYS 1560 ? CD  ? A LYS 109 CD  
63 1 Y 1 A LYS 1560 ? CE  ? A LYS 109 CE  
64 1 Y 1 A LYS 1560 ? NZ  ? A LYS 109 NZ  
65 1 Y 1 A VAL 1561 ? CG1 ? A VAL 110 CG1 
66 1 Y 1 A VAL 1561 ? CG2 ? A VAL 110 CG2 
# 
loop_
_pdbx_unobs_or_zero_occ_residues.id 
_pdbx_unobs_or_zero_occ_residues.PDB_model_num 
_pdbx_unobs_or_zero_occ_residues.polymer_flag 
_pdbx_unobs_or_zero_occ_residues.occupancy_flag 
_pdbx_unobs_or_zero_occ_residues.auth_asym_id 
_pdbx_unobs_or_zero_occ_residues.auth_comp_id 
_pdbx_unobs_or_zero_occ_residues.auth_seq_id 
_pdbx_unobs_or_zero_occ_residues.PDB_ins_code 
_pdbx_unobs_or_zero_occ_residues.label_asym_id 
_pdbx_unobs_or_zero_occ_residues.label_comp_id 
_pdbx_unobs_or_zero_occ_residues.label_seq_id 
1  1 Y 1 A GLY 1452 ? A GLY 1   
2  1 Y 1 A LEU 1453 ? A LEU 2   
3  1 Y 1 A LEU 1454 ? A LEU 3   
4  1 Y 1 A GLY 1455 ? A GLY 4   
5  1 Y 1 A ASP 1456 ? A ASP 5   
6  1 Y 1 A ASP 1457 ? A ASP 6   
7  1 Y 1 A VAL 1458 ? A VAL 7   
8  1 Y 1 A GLY 1501 ? A GLY 50  
9  1 Y 1 A GLN 1502 ? A GLN 51  
10 1 Y 1 A PRO 1503 ? A PRO 52  
11 1 Y 1 A CYS 1504 ? A CYS 53  
12 1 Y 1 A SER 1505 ? A SER 54  
13 1 Y 1 A CYS 1506 ? A CYS 55  
14 1 Y 1 A TRP 1507 ? A TRP 56  
15 1 Y 1 A PRO 1508 ? A PRO 57  
16 1 Y 1 A ARG 1509 ? A ARG 58  
17 1 Y 1 A GLY 1520 ? A GLY 69  
18 1 Y 1 A GLU 1536 ? A GLU 85  
19 1 Y 1 A GLY 1537 ? A GLY 86  
20 1 Y 1 A ARG 1538 ? A ARG 87  
21 1 Y 1 A GLY 1562 ? A GLY 111 
# 
loop_
_chem_comp_atom.comp_id 
_chem_comp_atom.atom_id 
_chem_comp_atom.type_symbol 
_chem_comp_atom.pdbx_aromatic_flag 
_chem_comp_atom.pdbx_stereo_config 
_chem_comp_atom.pdbx_ordinal 
ALA N    N  N N 1   
ALA CA   C  N S 2   
ALA C    C  N N 3   
ALA O    O  N N 4   
ALA CB   C  N N 5   
ALA OXT  O  N N 6   
ALA H    H  N N 7   
ALA H2   H  N N 8   
ALA HA   H  N N 9   
ALA HB1  H  N N 10  
ALA HB2  H  N N 11  
ALA HB3  H  N N 12  
ALA HXT  H  N N 13  
ARG N    N  N N 14  
ARG CA   C  N S 15  
ARG C    C  N N 16  
ARG O    O  N N 17  
ARG CB   C  N N 18  
ARG CG   C  N N 19  
ARG CD   C  N N 20  
ARG NE   N  N N 21  
ARG CZ   C  N N 22  
ARG NH1  N  N N 23  
ARG NH2  N  N N 24  
ARG OXT  O  N N 25  
ARG H    H  N N 26  
ARG H2   H  N N 27  
ARG HA   H  N N 28  
ARG HB2  H  N N 29  
ARG HB3  H  N N 30  
ARG HG2  H  N N 31  
ARG HG3  H  N N 32  
ARG HD2  H  N N 33  
ARG HD3  H  N N 34  
ARG HE   H  N N 35  
ARG HH11 H  N N 36  
ARG HH12 H  N N 37  
ARG HH21 H  N N 38  
ARG HH22 H  N N 39  
ARG HXT  H  N N 40  
ASN N    N  N N 41  
ASN CA   C  N S 42  
ASN C    C  N N 43  
ASN O    O  N N 44  
ASN CB   C  N N 45  
ASN CG   C  N N 46  
ASN OD1  O  N N 47  
ASN ND2  N  N N 48  
ASN OXT  O  N N 49  
ASN H    H  N N 50  
ASN H2   H  N N 51  
ASN HA   H  N N 52  
ASN HB2  H  N N 53  
ASN HB3  H  N N 54  
ASN HD21 H  N N 55  
ASN HD22 H  N N 56  
ASN HXT  H  N N 57  
ASP N    N  N N 58  
ASP CA   C  N S 59  
ASP C    C  N N 60  
ASP O    O  N N 61  
ASP CB   C  N N 62  
ASP CG   C  N N 63  
ASP OD1  O  N N 64  
ASP OD2  O  N N 65  
ASP OXT  O  N N 66  
ASP H    H  N N 67  
ASP H2   H  N N 68  
ASP HA   H  N N 69  
ASP HB2  H  N N 70  
ASP HB3  H  N N 71  
ASP HD2  H  N N 72  
ASP HXT  H  N N 73  
CYS N    N  N N 74  
CYS CA   C  N R 75  
CYS C    C  N N 76  
CYS O    O  N N 77  
CYS CB   C  N N 78  
CYS SG   S  N N 79  
CYS OXT  O  N N 80  
CYS H    H  N N 81  
CYS H2   H  N N 82  
CYS HA   H  N N 83  
CYS HB2  H  N N 84  
CYS HB3  H  N N 85  
CYS HG   H  N N 86  
CYS HXT  H  N N 87  
GLN N    N  N N 88  
GLN CA   C  N S 89  
GLN C    C  N N 90  
GLN O    O  N N 91  
GLN CB   C  N N 92  
GLN CG   C  N N 93  
GLN CD   C  N N 94  
GLN OE1  O  N N 95  
GLN NE2  N  N N 96  
GLN OXT  O  N N 97  
GLN H    H  N N 98  
GLN H2   H  N N 99  
GLN HA   H  N N 100 
GLN HB2  H  N N 101 
GLN HB3  H  N N 102 
GLN HG2  H  N N 103 
GLN HG3  H  N N 104 
GLN HE21 H  N N 105 
GLN HE22 H  N N 106 
GLN HXT  H  N N 107 
GLU N    N  N N 108 
GLU CA   C  N S 109 
GLU C    C  N N 110 
GLU O    O  N N 111 
GLU CB   C  N N 112 
GLU CG   C  N N 113 
GLU CD   C  N N 114 
GLU OE1  O  N N 115 
GLU OE2  O  N N 116 
GLU OXT  O  N N 117 
GLU H    H  N N 118 
GLU H2   H  N N 119 
GLU HA   H  N N 120 
GLU HB2  H  N N 121 
GLU HB3  H  N N 122 
GLU HG2  H  N N 123 
GLU HG3  H  N N 124 
GLU HE2  H  N N 125 
GLU HXT  H  N N 126 
GLY N    N  N N 127 
GLY CA   C  N N 128 
GLY C    C  N N 129 
GLY O    O  N N 130 
GLY OXT  O  N N 131 
GLY H    H  N N 132 
GLY H2   H  N N 133 
GLY HA2  H  N N 134 
GLY HA3  H  N N 135 
GLY HXT  H  N N 136 
HIS N    N  N N 137 
HIS CA   C  N S 138 
HIS C    C  N N 139 
HIS O    O  N N 140 
HIS CB   C  N N 141 
HIS CG   C  Y N 142 
HIS ND1  N  Y N 143 
HIS CD2  C  Y N 144 
HIS CE1  C  Y N 145 
HIS NE2  N  Y N 146 
HIS OXT  O  N N 147 
HIS H    H  N N 148 
HIS H2   H  N N 149 
HIS HA   H  N N 150 
HIS HB2  H  N N 151 
HIS HB3  H  N N 152 
HIS HD1  H  N N 153 
HIS HD2  H  N N 154 
HIS HE1  H  N N 155 
HIS HE2  H  N N 156 
HIS HXT  H  N N 157 
HOH O    O  N N 158 
HOH H1   H  N N 159 
HOH H2   H  N N 160 
ILE N    N  N N 161 
ILE CA   C  N S 162 
ILE C    C  N N 163 
ILE O    O  N N 164 
ILE CB   C  N S 165 
ILE CG1  C  N N 166 
ILE CG2  C  N N 167 
ILE CD1  C  N N 168 
ILE OXT  O  N N 169 
ILE H    H  N N 170 
ILE H2   H  N N 171 
ILE HA   H  N N 172 
ILE HB   H  N N 173 
ILE HG12 H  N N 174 
ILE HG13 H  N N 175 
ILE HG21 H  N N 176 
ILE HG22 H  N N 177 
ILE HG23 H  N N 178 
ILE HD11 H  N N 179 
ILE HD12 H  N N 180 
ILE HD13 H  N N 181 
ILE HXT  H  N N 182 
LEU N    N  N N 183 
LEU CA   C  N S 184 
LEU C    C  N N 185 
LEU O    O  N N 186 
LEU CB   C  N N 187 
LEU CG   C  N N 188 
LEU CD1  C  N N 189 
LEU CD2  C  N N 190 
LEU OXT  O  N N 191 
LEU H    H  N N 192 
LEU H2   H  N N 193 
LEU HA   H  N N 194 
LEU HB2  H  N N 195 
LEU HB3  H  N N 196 
LEU HG   H  N N 197 
LEU HD11 H  N N 198 
LEU HD12 H  N N 199 
LEU HD13 H  N N 200 
LEU HD21 H  N N 201 
LEU HD22 H  N N 202 
LEU HD23 H  N N 203 
LEU HXT  H  N N 204 
LYS N    N  N N 205 
LYS CA   C  N S 206 
LYS C    C  N N 207 
LYS O    O  N N 208 
LYS CB   C  N N 209 
LYS CG   C  N N 210 
LYS CD   C  N N 211 
LYS CE   C  N N 212 
LYS NZ   N  N N 213 
LYS OXT  O  N N 214 
LYS H    H  N N 215 
LYS H2   H  N N 216 
LYS HA   H  N N 217 
LYS HB2  H  N N 218 
LYS HB3  H  N N 219 
LYS HG2  H  N N 220 
LYS HG3  H  N N 221 
LYS HD2  H  N N 222 
LYS HD3  H  N N 223 
LYS HE2  H  N N 224 
LYS HE3  H  N N 225 
LYS HZ1  H  N N 226 
LYS HZ2  H  N N 227 
LYS HZ3  H  N N 228 
LYS HXT  H  N N 229 
MET N    N  N N 230 
MET CA   C  N S 231 
MET C    C  N N 232 
MET O    O  N N 233 
MET CB   C  N N 234 
MET CG   C  N N 235 
MET SD   S  N N 236 
MET CE   C  N N 237 
MET OXT  O  N N 238 
MET H    H  N N 239 
MET H2   H  N N 240 
MET HA   H  N N 241 
MET HB2  H  N N 242 
MET HB3  H  N N 243 
MET HG2  H  N N 244 
MET HG3  H  N N 245 
MET HE1  H  N N 246 
MET HE2  H  N N 247 
MET HE3  H  N N 248 
MET HXT  H  N N 249 
NA  NA   NA N N 250 
PRO N    N  N N 251 
PRO CA   C  N S 252 
PRO C    C  N N 253 
PRO O    O  N N 254 
PRO CB   C  N N 255 
PRO CG   C  N N 256 
PRO CD   C  N N 257 
PRO OXT  O  N N 258 
PRO H    H  N N 259 
PRO HA   H  N N 260 
PRO HB2  H  N N 261 
PRO HB3  H  N N 262 
PRO HG2  H  N N 263 
PRO HG3  H  N N 264 
PRO HD2  H  N N 265 
PRO HD3  H  N N 266 
PRO HXT  H  N N 267 
SER N    N  N N 268 
SER CA   C  N S 269 
SER C    C  N N 270 
SER O    O  N N 271 
SER CB   C  N N 272 
SER OG   O  N N 273 
SER OXT  O  N N 274 
SER H    H  N N 275 
SER H2   H  N N 276 
SER HA   H  N N 277 
SER HB2  H  N N 278 
SER HB3  H  N N 279 
SER HG   H  N N 280 
SER HXT  H  N N 281 
THR N    N  N N 282 
THR CA   C  N S 283 
THR C    C  N N 284 
THR O    O  N N 285 
THR CB   C  N R 286 
THR OG1  O  N N 287 
THR CG2  C  N N 288 
THR OXT  O  N N 289 
THR H    H  N N 290 
THR H2   H  N N 291 
THR HA   H  N N 292 
THR HB   H  N N 293 
THR HG1  H  N N 294 
THR HG21 H  N N 295 
THR HG22 H  N N 296 
THR HG23 H  N N 297 
THR HXT  H  N N 298 
TRP N    N  N N 299 
TRP CA   C  N S 300 
TRP C    C  N N 301 
TRP O    O  N N 302 
TRP CB   C  N N 303 
TRP CG   C  Y N 304 
TRP CD1  C  Y N 305 
TRP CD2  C  Y N 306 
TRP NE1  N  Y N 307 
TRP CE2  C  Y N 308 
TRP CE3  C  Y N 309 
TRP CZ2  C  Y N 310 
TRP CZ3  C  Y N 311 
TRP CH2  C  Y N 312 
TRP OXT  O  N N 313 
TRP H    H  N N 314 
TRP H2   H  N N 315 
TRP HA   H  N N 316 
TRP HB2  H  N N 317 
TRP HB3  H  N N 318 
TRP HD1  H  N N 319 
TRP HE1  H  N N 320 
TRP HE3  H  N N 321 
TRP HZ2  H  N N 322 
TRP HZ3  H  N N 323 
TRP HH2  H  N N 324 
TRP HXT  H  N N 325 
TYR N    N  N N 326 
TYR CA   C  N S 327 
TYR C    C  N N 328 
TYR O    O  N N 329 
TYR CB   C  N N 330 
TYR CG   C  Y N 331 
TYR CD1  C  Y N 332 
TYR CD2  C  Y N 333 
TYR CE1  C  Y N 334 
TYR CE2  C  Y N 335 
TYR CZ   C  Y N 336 
TYR OH   O  N N 337 
TYR OXT  O  N N 338 
TYR H    H  N N 339 
TYR H2   H  N N 340 
TYR HA   H  N N 341 
TYR HB2  H  N N 342 
TYR HB3  H  N N 343 
TYR HD1  H  N N 344 
TYR HD2  H  N N 345 
TYR HE1  H  N N 346 
TYR HE2  H  N N 347 
TYR HH   H  N N 348 
TYR HXT  H  N N 349 
VAL N    N  N N 350 
VAL CA   C  N S 351 
VAL C    C  N N 352 
VAL O    O  N N 353 
VAL CB   C  N N 354 
VAL CG1  C  N N 355 
VAL CG2  C  N N 356 
VAL OXT  O  N N 357 
VAL H    H  N N 358 
VAL H2   H  N N 359 
VAL HA   H  N N 360 
VAL HB   H  N N 361 
VAL HG11 H  N N 362 
VAL HG12 H  N N 363 
VAL HG13 H  N N 364 
VAL HG21 H  N N 365 
VAL HG22 H  N N 366 
VAL HG23 H  N N 367 
VAL HXT  H  N N 368 
# 
loop_
_chem_comp_bond.comp_id 
_chem_comp_bond.atom_id_1 
_chem_comp_bond.atom_id_2 
_chem_comp_bond.value_order 
_chem_comp_bond.pdbx_aromatic_flag 
_chem_comp_bond.pdbx_stereo_config 
_chem_comp_bond.pdbx_ordinal 
ALA N   CA   sing N N 1   
ALA N   H    sing N N 2   
ALA N   H2   sing N N 3   
ALA CA  C    sing N N 4   
ALA CA  CB   sing N N 5   
ALA CA  HA   sing N N 6   
ALA C   O    doub N N 7   
ALA C   OXT  sing N N 8   
ALA CB  HB1  sing N N 9   
ALA CB  HB2  sing N N 10  
ALA CB  HB3  sing N N 11  
ALA OXT HXT  sing N N 12  
ARG N   CA   sing N N 13  
ARG N   H    sing N N 14  
ARG N   H2   sing N N 15  
ARG CA  C    sing N N 16  
ARG CA  CB   sing N N 17  
ARG CA  HA   sing N N 18  
ARG C   O    doub N N 19  
ARG C   OXT  sing N N 20  
ARG CB  CG   sing N N 21  
ARG CB  HB2  sing N N 22  
ARG CB  HB3  sing N N 23  
ARG CG  CD   sing N N 24  
ARG CG  HG2  sing N N 25  
ARG CG  HG3  sing N N 26  
ARG CD  NE   sing N N 27  
ARG CD  HD2  sing N N 28  
ARG CD  HD3  sing N N 29  
ARG NE  CZ   sing N N 30  
ARG NE  HE   sing N N 31  
ARG CZ  NH1  sing N N 32  
ARG CZ  NH2  doub N N 33  
ARG NH1 HH11 sing N N 34  
ARG NH1 HH12 sing N N 35  
ARG NH2 HH21 sing N N 36  
ARG NH2 HH22 sing N N 37  
ARG OXT HXT  sing N N 38  
ASN N   CA   sing N N 39  
ASN N   H    sing N N 40  
ASN N   H2   sing N N 41  
ASN CA  C    sing N N 42  
ASN CA  CB   sing N N 43  
ASN CA  HA   sing N N 44  
ASN C   O    doub N N 45  
ASN C   OXT  sing N N 46  
ASN CB  CG   sing N N 47  
ASN CB  HB2  sing N N 48  
ASN CB  HB3  sing N N 49  
ASN CG  OD1  doub N N 50  
ASN CG  ND2  sing N N 51  
ASN ND2 HD21 sing N N 52  
ASN ND2 HD22 sing N N 53  
ASN OXT HXT  sing N N 54  
ASP N   CA   sing N N 55  
ASP N   H    sing N N 56  
ASP N   H2   sing N N 57  
ASP CA  C    sing N N 58  
ASP CA  CB   sing N N 59  
ASP CA  HA   sing N N 60  
ASP C   O    doub N N 61  
ASP C   OXT  sing N N 62  
ASP CB  CG   sing N N 63  
ASP CB  HB2  sing N N 64  
ASP CB  HB3  sing N N 65  
ASP CG  OD1  doub N N 66  
ASP CG  OD2  sing N N 67  
ASP OD2 HD2  sing N N 68  
ASP OXT HXT  sing N N 69  
CYS N   CA   sing N N 70  
CYS N   H    sing N N 71  
CYS N   H2   sing N N 72  
CYS CA  C    sing N N 73  
CYS CA  CB   sing N N 74  
CYS CA  HA   sing N N 75  
CYS C   O    doub N N 76  
CYS C   OXT  sing N N 77  
CYS CB  SG   sing N N 78  
CYS CB  HB2  sing N N 79  
CYS CB  HB3  sing N N 80  
CYS SG  HG   sing N N 81  
CYS OXT HXT  sing N N 82  
GLN N   CA   sing N N 83  
GLN N   H    sing N N 84  
GLN N   H2   sing N N 85  
GLN CA  C    sing N N 86  
GLN CA  CB   sing N N 87  
GLN CA  HA   sing N N 88  
GLN C   O    doub N N 89  
GLN C   OXT  sing N N 90  
GLN CB  CG   sing N N 91  
GLN CB  HB2  sing N N 92  
GLN CB  HB3  sing N N 93  
GLN CG  CD   sing N N 94  
GLN CG  HG2  sing N N 95  
GLN CG  HG3  sing N N 96  
GLN CD  OE1  doub N N 97  
GLN CD  NE2  sing N N 98  
GLN NE2 HE21 sing N N 99  
GLN NE2 HE22 sing N N 100 
GLN OXT HXT  sing N N 101 
GLU N   CA   sing N N 102 
GLU N   H    sing N N 103 
GLU N   H2   sing N N 104 
GLU CA  C    sing N N 105 
GLU CA  CB   sing N N 106 
GLU CA  HA   sing N N 107 
GLU C   O    doub N N 108 
GLU C   OXT  sing N N 109 
GLU CB  CG   sing N N 110 
GLU CB  HB2  sing N N 111 
GLU CB  HB3  sing N N 112 
GLU CG  CD   sing N N 113 
GLU CG  HG2  sing N N 114 
GLU CG  HG3  sing N N 115 
GLU CD  OE1  doub N N 116 
GLU CD  OE2  sing N N 117 
GLU OE2 HE2  sing N N 118 
GLU OXT HXT  sing N N 119 
GLY N   CA   sing N N 120 
GLY N   H    sing N N 121 
GLY N   H2   sing N N 122 
GLY CA  C    sing N N 123 
GLY CA  HA2  sing N N 124 
GLY CA  HA3  sing N N 125 
GLY C   O    doub N N 126 
GLY C   OXT  sing N N 127 
GLY OXT HXT  sing N N 128 
HIS N   CA   sing N N 129 
HIS N   H    sing N N 130 
HIS N   H2   sing N N 131 
HIS CA  C    sing N N 132 
HIS CA  CB   sing N N 133 
HIS CA  HA   sing N N 134 
HIS C   O    doub N N 135 
HIS C   OXT  sing N N 136 
HIS CB  CG   sing N N 137 
HIS CB  HB2  sing N N 138 
HIS CB  HB3  sing N N 139 
HIS CG  ND1  sing Y N 140 
HIS CG  CD2  doub Y N 141 
HIS ND1 CE1  doub Y N 142 
HIS ND1 HD1  sing N N 143 
HIS CD2 NE2  sing Y N 144 
HIS CD2 HD2  sing N N 145 
HIS CE1 NE2  sing Y N 146 
HIS CE1 HE1  sing N N 147 
HIS NE2 HE2  sing N N 148 
HIS OXT HXT  sing N N 149 
HOH O   H1   sing N N 150 
HOH O   H2   sing N N 151 
ILE N   CA   sing N N 152 
ILE N   H    sing N N 153 
ILE N   H2   sing N N 154 
ILE CA  C    sing N N 155 
ILE CA  CB   sing N N 156 
ILE CA  HA   sing N N 157 
ILE C   O    doub N N 158 
ILE C   OXT  sing N N 159 
ILE CB  CG1  sing N N 160 
ILE CB  CG2  sing N N 161 
ILE CB  HB   sing N N 162 
ILE CG1 CD1  sing N N 163 
ILE CG1 HG12 sing N N 164 
ILE CG1 HG13 sing N N 165 
ILE CG2 HG21 sing N N 166 
ILE CG2 HG22 sing N N 167 
ILE CG2 HG23 sing N N 168 
ILE CD1 HD11 sing N N 169 
ILE CD1 HD12 sing N N 170 
ILE CD1 HD13 sing N N 171 
ILE OXT HXT  sing N N 172 
LEU N   CA   sing N N 173 
LEU N   H    sing N N 174 
LEU N   H2   sing N N 175 
LEU CA  C    sing N N 176 
LEU CA  CB   sing N N 177 
LEU CA  HA   sing N N 178 
LEU C   O    doub N N 179 
LEU C   OXT  sing N N 180 
LEU CB  CG   sing N N 181 
LEU CB  HB2  sing N N 182 
LEU CB  HB3  sing N N 183 
LEU CG  CD1  sing N N 184 
LEU CG  CD2  sing N N 185 
LEU CG  HG   sing N N 186 
LEU CD1 HD11 sing N N 187 
LEU CD1 HD12 sing N N 188 
LEU CD1 HD13 sing N N 189 
LEU CD2 HD21 sing N N 190 
LEU CD2 HD22 sing N N 191 
LEU CD2 HD23 sing N N 192 
LEU OXT HXT  sing N N 193 
LYS N   CA   sing N N 194 
LYS N   H    sing N N 195 
LYS N   H2   sing N N 196 
LYS CA  C    sing N N 197 
LYS CA  CB   sing N N 198 
LYS CA  HA   sing N N 199 
LYS C   O    doub N N 200 
LYS C   OXT  sing N N 201 
LYS CB  CG   sing N N 202 
LYS CB  HB2  sing N N 203 
LYS CB  HB3  sing N N 204 
LYS CG  CD   sing N N 205 
LYS CG  HG2  sing N N 206 
LYS CG  HG3  sing N N 207 
LYS CD  CE   sing N N 208 
LYS CD  HD2  sing N N 209 
LYS CD  HD3  sing N N 210 
LYS CE  NZ   sing N N 211 
LYS CE  HE2  sing N N 212 
LYS CE  HE3  sing N N 213 
LYS NZ  HZ1  sing N N 214 
LYS NZ  HZ2  sing N N 215 
LYS NZ  HZ3  sing N N 216 
LYS OXT HXT  sing N N 217 
MET N   CA   sing N N 218 
MET N   H    sing N N 219 
MET N   H2   sing N N 220 
MET CA  C    sing N N 221 
MET CA  CB   sing N N 222 
MET CA  HA   sing N N 223 
MET C   O    doub N N 224 
MET C   OXT  sing N N 225 
MET CB  CG   sing N N 226 
MET CB  HB2  sing N N 227 
MET CB  HB3  sing N N 228 
MET CG  SD   sing N N 229 
MET CG  HG2  sing N N 230 
MET CG  HG3  sing N N 231 
MET SD  CE   sing N N 232 
MET CE  HE1  sing N N 233 
MET CE  HE2  sing N N 234 
MET CE  HE3  sing N N 235 
MET OXT HXT  sing N N 236 
PRO N   CA   sing N N 237 
PRO N   CD   sing N N 238 
PRO N   H    sing N N 239 
PRO CA  C    sing N N 240 
PRO CA  CB   sing N N 241 
PRO CA  HA   sing N N 242 
PRO C   O    doub N N 243 
PRO C   OXT  sing N N 244 
PRO CB  CG   sing N N 245 
PRO CB  HB2  sing N N 246 
PRO CB  HB3  sing N N 247 
PRO CG  CD   sing N N 248 
PRO CG  HG2  sing N N 249 
PRO CG  HG3  sing N N 250 
PRO CD  HD2  sing N N 251 
PRO CD  HD3  sing N N 252 
PRO OXT HXT  sing N N 253 
SER N   CA   sing N N 254 
SER N   H    sing N N 255 
SER N   H2   sing N N 256 
SER CA  C    sing N N 257 
SER CA  CB   sing N N 258 
SER CA  HA   sing N N 259 
SER C   O    doub N N 260 
SER C   OXT  sing N N 261 
SER CB  OG   sing N N 262 
SER CB  HB2  sing N N 263 
SER CB  HB3  sing N N 264 
SER OG  HG   sing N N 265 
SER OXT HXT  sing N N 266 
THR N   CA   sing N N 267 
THR N   H    sing N N 268 
THR N   H2   sing N N 269 
THR CA  C    sing N N 270 
THR CA  CB   sing N N 271 
THR CA  HA   sing N N 272 
THR C   O    doub N N 273 
THR C   OXT  sing N N 274 
THR CB  OG1  sing N N 275 
THR CB  CG2  sing N N 276 
THR CB  HB   sing N N 277 
THR OG1 HG1  sing N N 278 
THR CG2 HG21 sing N N 279 
THR CG2 HG22 sing N N 280 
THR CG2 HG23 sing N N 281 
THR OXT HXT  sing N N 282 
TRP N   CA   sing N N 283 
TRP N   H    sing N N 284 
TRP N   H2   sing N N 285 
TRP CA  C    sing N N 286 
TRP CA  CB   sing N N 287 
TRP CA  HA   sing N N 288 
TRP C   O    doub N N 289 
TRP C   OXT  sing N N 290 
TRP CB  CG   sing N N 291 
TRP CB  HB2  sing N N 292 
TRP CB  HB3  sing N N 293 
TRP CG  CD1  doub Y N 294 
TRP CG  CD2  sing Y N 295 
TRP CD1 NE1  sing Y N 296 
TRP CD1 HD1  sing N N 297 
TRP CD2 CE2  doub Y N 298 
TRP CD2 CE3  sing Y N 299 
TRP NE1 CE2  sing Y N 300 
TRP NE1 HE1  sing N N 301 
TRP CE2 CZ2  sing Y N 302 
TRP CE3 CZ3  doub Y N 303 
TRP CE3 HE3  sing N N 304 
TRP CZ2 CH2  doub Y N 305 
TRP CZ2 HZ2  sing N N 306 
TRP CZ3 CH2  sing Y N 307 
TRP CZ3 HZ3  sing N N 308 
TRP CH2 HH2  sing N N 309 
TRP OXT HXT  sing N N 310 
TYR N   CA   sing N N 311 
TYR N   H    sing N N 312 
TYR N   H2   sing N N 313 
TYR CA  C    sing N N 314 
TYR CA  CB   sing N N 315 
TYR CA  HA   sing N N 316 
TYR C   O    doub N N 317 
TYR C   OXT  sing N N 318 
TYR CB  CG   sing N N 319 
TYR CB  HB2  sing N N 320 
TYR CB  HB3  sing N N 321 
TYR CG  CD1  doub Y N 322 
TYR CG  CD2  sing Y N 323 
TYR CD1 CE1  sing Y N 324 
TYR CD1 HD1  sing N N 325 
TYR CD2 CE2  doub Y N 326 
TYR CD2 HD2  sing N N 327 
TYR CE1 CZ   doub Y N 328 
TYR CE1 HE1  sing N N 329 
TYR CE2 CZ   sing Y N 330 
TYR CE2 HE2  sing N N 331 
TYR CZ  OH   sing N N 332 
TYR OH  HH   sing N N 333 
TYR OXT HXT  sing N N 334 
VAL N   CA   sing N N 335 
VAL N   H    sing N N 336 
VAL N   H2   sing N N 337 
VAL CA  C    sing N N 338 
VAL CA  CB   sing N N 339 
VAL CA  HA   sing N N 340 
VAL C   O    doub N N 341 
VAL C   OXT  sing N N 342 
VAL CB  CG1  sing N N 343 
VAL CB  CG2  sing N N 344 
VAL CB  HB   sing N N 345 
VAL CG1 HG11 sing N N 346 
VAL CG1 HG12 sing N N 347 
VAL CG1 HG13 sing N N 348 
VAL CG2 HG21 sing N N 349 
VAL CG2 HG22 sing N N 350 
VAL CG2 HG23 sing N N 351 
VAL OXT HXT  sing N N 352 
# 
loop_
_pdbx_entity_nonpoly.entity_id 
_pdbx_entity_nonpoly.name 
_pdbx_entity_nonpoly.comp_id 
2 'SODIUM ION' NA  
3 water        HOH 
# 
_pdbx_initial_refinement_model.id               1 
_pdbx_initial_refinement_model.entity_id_list   ? 
_pdbx_initial_refinement_model.type             'experimental model' 
_pdbx_initial_refinement_model.source_name      PDB 
_pdbx_initial_refinement_model.accession_code   2R2O 
_pdbx_initial_refinement_model.details          'PDB entry 2R2O' 
# 
